data_5NVW
#
_entry.id   5NVW
#
_cell.length_a   93.226
_cell.length_b   93.226
_cell.length_c   365.081
_cell.angle_alpha   90.000
_cell.angle_beta   90.000
_cell.angle_gamma   90.000
#
_symmetry.space_group_name_H-M   'P 41 2 2'
#
loop_
_entity.id
_entity.type
_entity.pdbx_description
1 polymer Elongin-B
2 polymer Elongin-C
3 polymer 'Von Hippel-Lindau disease tumor suppressor'
4 non-polymer (2~{S},4~{R})-1-[(2~{S})-2-(cyclopropylcarbonylamino)-3,3-dimethyl-butanoyl]-~{N}-[[4-(4-methyl-1,3-thiazol-5-yl)phenyl]methyl]-4-oxidanyl-pyrrolidine-2-carboxamide
5 water water
#
loop_
_entity_poly.entity_id
_entity_poly.type
_entity_poly.pdbx_seq_one_letter_code
_entity_poly.pdbx_strand_id
1 'polypeptide(L)'
;MDVFLMIRRHKTTIFTDAKESSTVFELKRIVEGILKRPPDEQRLYKDDQLLDDGKTLGE(CAS)GFTSQTARPQAPATVG
LAFRADDTFEAL(CAS)IEPFSSPPELPDVMK
;
A,D,G,J
2 'polypeptide(L)'
;MMYVKLISSDGHEFIVKREHALTSGTIKAMLSGPGQFAENETNEVNFREIPSHVLSKVCMYFTYKVRYTNSSTEIPEFPI
APEIALELLMAANFLDC
;
B,E,H,K
3 'polypeptide(L)'
;GSMEAGRPRPVLRSVNSREPSQVIF(CAS)NRSPRVVLPVWLNFDGEPQPYPTLPPGTGRRIHSYRGHLWLFRDAGTHDG
LLVNQTELFVPSLNVDGQPIFANITLPVYTLKERCLQVVRSLVKPENYRRLDIVRSLYEDLEDHPNVQKDLERLTQERIA
HQRMGD
;
C,F,I,L
#
loop_
_chem_comp.id
_chem_comp.type
_chem_comp.name
_chem_comp.formula
9BW non-polymer (2~{S},4~{R})-1-[(2~{S})-2-(cyclopropylcarbonylamino)-3,3-dimethyl-butanoyl]-~{N}-[[4-(4-methyl-1,3-thiazol-5-yl)phenyl]methyl]-4-oxidanyl-pyrrolidine-2-carboxamide 'C26 H34 N4 O4 S'
#
# COMPACT_ATOMS: atom_id res chain seq x y z
N MET A 1 7.74 -21.92 -35.17
CA MET A 1 7.33 -20.64 -34.54
C MET A 1 7.77 -19.45 -35.41
N ASP A 2 6.84 -18.51 -35.62
CA ASP A 2 7.11 -17.31 -36.40
C ASP A 2 7.92 -16.30 -35.58
N VAL A 3 8.86 -15.64 -36.24
CA VAL A 3 9.55 -14.47 -35.69
C VAL A 3 9.27 -13.30 -36.63
N PHE A 4 9.12 -12.11 -36.03
CA PHE A 4 8.71 -10.94 -36.78
C PHE A 4 9.85 -9.93 -36.77
N LEU A 5 10.26 -9.55 -37.98
CA LEU A 5 11.52 -8.87 -38.22
C LEU A 5 11.34 -7.54 -38.95
N MET A 6 12.28 -6.64 -38.72
CA MET A 6 12.55 -5.52 -39.60
C MET A 6 13.97 -5.72 -40.19
N ILE A 7 14.10 -5.85 -41.50
CA ILE A 7 15.40 -5.99 -42.13
C ILE A 7 15.76 -4.60 -42.62
N ARG A 8 16.84 -4.05 -42.10
CA ARG A 8 17.15 -2.64 -42.28
C ARG A 8 18.51 -2.38 -42.91
N ARG A 9 18.49 -1.59 -43.97
CA ARG A 9 19.70 -1.04 -44.59
C ARG A 9 19.44 0.41 -44.96
N HIS A 10 20.37 1.29 -44.62
CA HIS A 10 20.28 2.71 -44.97
C HIS A 10 18.88 3.26 -44.59
N LYS A 11 18.06 3.67 -45.57
CA LYS A 11 16.70 4.15 -45.28
C LYS A 11 15.63 3.16 -45.76
N THR A 12 16.01 1.88 -45.83
CA THR A 12 15.13 0.81 -46.26
C THR A 12 14.81 -0.05 -45.06
N THR A 13 13.54 -0.39 -44.87
CA THR A 13 13.09 -1.25 -43.77
C THR A 13 12.04 -2.25 -44.32
N ILE A 14 12.35 -3.55 -44.29
CA ILE A 14 11.42 -4.59 -44.72
C ILE A 14 10.78 -5.20 -43.47
N PHE A 15 9.45 -5.16 -43.41
CA PHE A 15 8.71 -5.92 -42.39
C PHE A 15 8.37 -7.25 -43.01
N THR A 16 8.76 -8.32 -42.34
CA THR A 16 8.40 -9.67 -42.75
C THR A 16 8.53 -10.60 -41.56
N ASP A 17 8.04 -11.82 -41.72
CA ASP A 17 8.22 -12.85 -40.72
C ASP A 17 8.96 -14.04 -41.31
N ALA A 18 9.43 -14.92 -40.44
CA ALA A 18 10.12 -16.15 -40.84
C ALA A 18 10.05 -17.15 -39.70
N LYS A 19 10.37 -18.40 -40.01
CA LYS A 19 10.42 -19.43 -39.00
C LYS A 19 11.68 -19.31 -38.15
N GLU A 20 11.55 -19.64 -36.88
CA GLU A 20 12.67 -19.64 -35.99
C GLU A 20 13.68 -20.69 -36.48
N SER A 21 13.16 -21.74 -37.11
CA SER A 21 13.99 -22.80 -37.67
C SER A 21 14.62 -22.46 -39.03
N SER A 22 14.24 -21.36 -39.64
CA SER A 22 14.78 -21.02 -40.95
C SER A 22 16.18 -20.41 -40.83
N THR A 23 16.90 -20.42 -41.95
CA THR A 23 18.29 -20.01 -41.92
C THR A 23 18.51 -18.59 -42.40
N VAL A 24 19.67 -18.08 -42.01
CA VAL A 24 20.17 -16.80 -42.46
C VAL A 24 20.13 -16.75 -43.97
N PHE A 25 20.67 -17.78 -44.62
CA PHE A 25 20.69 -17.80 -46.07
C PHE A 25 19.29 -17.73 -46.65
N GLU A 26 18.36 -18.48 -46.06
CA GLU A 26 16.96 -18.42 -46.51
C GLU A 26 16.38 -17.00 -46.36
N LEU A 27 16.76 -16.29 -45.31
CA LEU A 27 16.36 -14.88 -45.18
C LEU A 27 16.94 -13.99 -46.28
N LYS A 28 18.18 -14.27 -46.74
CA LYS A 28 18.73 -13.56 -47.90
C LYS A 28 17.90 -13.83 -49.16
N ARG A 29 17.39 -15.05 -49.32
CA ARG A 29 16.52 -15.37 -50.45
C ARG A 29 15.26 -14.54 -50.39
N ILE A 30 14.77 -14.30 -49.16
CA ILE A 30 13.60 -13.44 -48.97
C ILE A 30 13.95 -12.02 -49.37
N VAL A 31 15.06 -11.51 -48.85
CA VAL A 31 15.53 -10.18 -49.25
C VAL A 31 15.73 -10.10 -50.77
N GLU A 32 16.27 -11.17 -51.36
CA GLU A 32 16.51 -11.20 -52.82
C GLU A 32 15.24 -11.01 -53.64
N GLY A 33 14.16 -11.68 -53.24
CA GLY A 33 12.87 -11.55 -53.92
C GLY A 33 12.28 -10.14 -53.87
N ILE A 34 12.61 -9.41 -52.80
CA ILE A 34 12.08 -8.06 -52.59
C ILE A 34 12.98 -6.96 -53.19
N LEU A 35 14.28 -7.02 -52.91
CA LEU A 35 15.23 -5.98 -53.33
C LEU A 35 16.08 -6.34 -54.54
N LYS A 36 15.94 -7.57 -55.05
CA LYS A 36 16.56 -8.01 -56.31
C LYS A 36 18.09 -8.03 -56.28
N ARG A 37 18.65 -8.49 -55.16
CA ARG A 37 20.08 -8.65 -55.02
C ARG A 37 20.33 -10.04 -54.47
N PRO A 38 21.27 -10.79 -55.09
CA PRO A 38 21.47 -12.16 -54.62
C PRO A 38 22.14 -12.25 -53.25
N PRO A 39 21.97 -13.39 -52.56
CA PRO A 39 22.55 -13.64 -51.25
C PRO A 39 24.04 -13.35 -51.15
N ASP A 40 24.82 -13.72 -52.17
CA ASP A 40 26.26 -13.45 -52.16
C ASP A 40 26.61 -11.96 -52.19
N GLU A 41 25.63 -11.10 -52.49
CA GLU A 41 25.83 -9.64 -52.41
C GLU A 41 25.23 -9.03 -51.14
N GLN A 42 24.86 -9.88 -50.19
CA GLN A 42 24.24 -9.47 -48.92
C GLN A 42 25.05 -9.91 -47.70
N ARG A 43 25.11 -9.06 -46.69
CA ARG A 43 25.53 -9.47 -45.36
C ARG A 43 24.41 -9.13 -44.39
N LEU A 44 24.06 -10.08 -43.54
CA LEU A 44 23.04 -9.86 -42.52
C LEU A 44 23.71 -9.83 -41.14
N TYR A 45 23.17 -8.98 -40.27
CA TYR A 45 23.75 -8.73 -38.95
C TYR A 45 22.70 -8.76 -37.84
N LYS A 46 23.12 -9.18 -36.67
CA LYS A 46 22.38 -8.92 -35.47
C LYS A 46 23.28 -7.97 -34.69
N ASP A 47 22.81 -6.73 -34.51
CA ASP A 47 23.64 -5.67 -33.97
C ASP A 47 24.91 -5.58 -34.83
N ASP A 48 26.10 -5.75 -34.26
CA ASP A 48 27.31 -5.65 -35.07
C ASP A 48 27.78 -7.00 -35.60
N GLN A 49 27.10 -8.08 -35.23
CA GLN A 49 27.59 -9.40 -35.57
C GLN A 49 27.15 -9.89 -36.95
N LEU A 50 28.12 -10.27 -37.77
CA LEU A 50 27.84 -10.86 -39.07
C LEU A 50 27.23 -12.23 -38.86
N LEU A 51 26.10 -12.48 -39.50
CA LEU A 51 25.42 -13.76 -39.39
C LEU A 51 25.90 -14.75 -40.46
N ASP A 52 26.23 -15.97 -40.02
CA ASP A 52 26.59 -17.10 -40.89
C ASP A 52 25.37 -17.71 -41.57
N ASP A 53 25.50 -17.97 -42.87
CA ASP A 53 24.41 -18.45 -43.72
C ASP A 53 23.67 -19.69 -43.22
N GLY A 54 24.40 -20.66 -42.69
CA GLY A 54 23.82 -21.93 -42.27
C GLY A 54 23.12 -21.93 -40.91
N LYS A 55 23.23 -20.84 -40.17
CA LYS A 55 22.64 -20.80 -38.83
C LYS A 55 21.15 -20.49 -38.93
N THR A 56 20.38 -21.03 -37.99
CA THR A 56 18.98 -20.69 -37.87
C THR A 56 18.82 -19.33 -37.22
N LEU A 57 17.67 -18.70 -37.46
CA LEU A 57 17.40 -17.39 -36.91
C LEU A 57 17.31 -17.52 -35.42
N GLY A 58 16.78 -18.66 -34.95
CA GLY A 58 16.73 -19.02 -33.55
C GLY A 58 18.09 -19.10 -32.87
N GLU A 59 19.01 -19.85 -33.49
CA GLU A 59 20.40 -19.93 -33.03
C GLU A 59 21.06 -18.57 -32.90
N CAS A 60 20.73 -17.68 -33.84
CA CAS A 60 21.22 -16.29 -33.83
CB CAS A 60 21.21 -15.75 -35.28
C CAS A 60 20.42 -15.35 -32.97
O CAS A 60 20.54 -14.14 -33.11
SG CAS A 60 22.33 -16.62 -36.33
AS CAS A 60 24.38 -16.20 -35.37
CE1 CAS A 60 24.77 -17.44 -33.90
CE2 CAS A 60 25.88 -16.44 -36.65
N GLY A 61 19.58 -15.88 -32.06
CA GLY A 61 18.87 -15.04 -31.08
C GLY A 61 17.53 -14.43 -31.50
N PHE A 62 17.03 -14.77 -32.68
CA PHE A 62 15.70 -14.30 -33.09
C PHE A 62 14.69 -15.34 -32.70
N THR A 63 14.06 -15.12 -31.54
CA THR A 63 13.09 -16.05 -31.02
C THR A 63 11.70 -15.44 -31.02
N SER A 64 10.70 -16.30 -30.93
CA SER A 64 9.32 -15.90 -31.15
C SER A 64 8.84 -14.94 -30.08
N GLN A 65 9.43 -15.03 -28.89
CA GLN A 65 9.01 -14.19 -27.80
C GLN A 65 9.85 -12.90 -27.69
N THR A 66 10.88 -12.73 -28.53
CA THR A 66 11.58 -11.45 -28.62
C THR A 66 11.36 -10.74 -29.95
N ALA A 67 11.05 -11.47 -31.00
CA ALA A 67 10.78 -10.87 -32.29
C ALA A 67 9.27 -10.96 -32.53
N ARG A 68 8.56 -10.00 -31.93
CA ARG A 68 7.12 -10.03 -31.80
C ARG A 68 6.47 -9.14 -32.88
N PRO A 69 5.22 -9.47 -33.27
CA PRO A 69 4.52 -8.70 -34.30
C PRO A 69 4.51 -7.19 -34.03
N GLN A 70 4.23 -6.79 -32.79
CA GLN A 70 4.11 -5.39 -32.41
C GLN A 70 5.41 -4.74 -31.94
N ALA A 71 6.51 -5.49 -31.95
CA ALA A 71 7.84 -5.02 -31.54
C ALA A 71 8.87 -5.93 -32.19
N PRO A 72 9.02 -5.85 -33.52
CA PRO A 72 9.85 -6.79 -34.25
C PRO A 72 11.34 -6.58 -34.00
N ALA A 73 12.12 -7.63 -34.20
CA ALA A 73 13.58 -7.55 -34.01
C ALA A 73 14.22 -7.05 -35.29
N THR A 74 15.36 -6.37 -35.16
CA THR A 74 16.05 -5.81 -36.31
C THR A 74 17.19 -6.69 -36.81
N VAL A 75 17.23 -6.88 -38.12
CA VAL A 75 18.30 -7.57 -38.79
C VAL A 75 18.92 -6.55 -39.71
N GLY A 76 20.21 -6.26 -39.51
CA GLY A 76 20.94 -5.32 -40.33
C GLY A 76 21.29 -5.96 -41.65
N LEU A 77 21.35 -5.13 -42.70
CA LEU A 77 21.66 -5.61 -44.04
C LEU A 77 22.70 -4.70 -44.73
N ALA A 78 23.73 -5.31 -45.30
CA ALA A 78 24.72 -4.57 -46.08
C ALA A 78 24.87 -5.18 -47.46
N PHE A 79 25.02 -4.33 -48.49
CA PHE A 79 25.22 -4.77 -49.87
C PHE A 79 26.66 -4.65 -50.32
N ARG A 80 27.03 -5.53 -51.23
CA ARG A 80 28.31 -5.47 -51.94
C ARG A 80 28.07 -4.71 -53.25
N ALA A 81 28.78 -3.59 -53.41
CA ALA A 81 28.84 -2.88 -54.68
C ALA A 81 30.17 -3.26 -55.32
N ASP A 82 30.12 -3.83 -56.53
CA ASP A 82 31.31 -4.33 -57.23
C ASP A 82 32.05 -5.40 -56.40
N ASP A 83 33.27 -5.08 -55.94
CA ASP A 83 34.17 -6.08 -55.36
C ASP A 83 33.98 -6.25 -53.86
N THR A 84 33.67 -5.15 -53.16
CA THR A 84 33.72 -5.13 -51.68
C THR A 84 32.40 -4.66 -51.04
N PHE A 85 32.15 -5.16 -49.83
CA PHE A 85 30.94 -4.80 -49.09
C PHE A 85 31.04 -3.42 -48.47
N GLU A 86 29.97 -2.66 -48.60
CA GLU A 86 29.79 -1.43 -47.83
C GLU A 86 29.79 -1.78 -46.34
N ALA A 87 30.03 -0.80 -45.49
CA ALA A 87 29.87 -0.98 -44.05
C ALA A 87 28.37 -0.96 -43.71
N LEU A 88 28.02 -1.56 -42.58
CA LEU A 88 26.64 -1.57 -42.11
C LEU A 88 26.19 -0.17 -41.72
N CAS A 89 25.18 0.36 -42.40
CA CAS A 89 24.65 1.70 -42.10
CB CAS A 89 25.01 2.72 -43.19
C CAS A 89 23.16 1.59 -41.99
O CAS A 89 22.50 1.15 -42.94
SG CAS A 89 24.08 4.24 -43.05
AS CAS A 89 25.21 4.95 -41.27
CE1 CAS A 89 26.44 6.40 -41.85
CE2 CAS A 89 23.96 5.73 -39.91
N ILE A 90 22.61 1.95 -40.84
CA ILE A 90 21.17 1.97 -40.61
C ILE A 90 20.78 3.38 -40.21
N GLU A 91 20.07 4.08 -41.10
CA GLU A 91 19.60 5.42 -40.79
C GLU A 91 18.58 5.38 -39.66
N PRO A 92 18.80 6.15 -38.60
CA PRO A 92 17.78 6.12 -37.54
C PRO A 92 16.44 6.70 -38.00
N PHE A 93 15.35 6.28 -37.35
CA PHE A 93 14.07 6.92 -37.57
C PHE A 93 14.11 8.36 -37.00
N SER A 94 13.17 9.18 -37.44
CA SER A 94 13.08 10.56 -36.97
C SER A 94 12.82 10.60 -35.44
N SER A 95 13.11 11.74 -34.81
CA SER A 95 12.90 11.94 -33.38
C SER A 95 11.49 12.48 -33.13
N PRO A 96 10.78 11.91 -32.14
CA PRO A 96 9.52 12.54 -31.74
C PRO A 96 9.78 13.92 -31.18
N PRO A 97 8.81 14.82 -31.32
CA PRO A 97 8.98 16.14 -30.72
C PRO A 97 8.82 16.03 -29.21
N GLU A 98 9.04 17.12 -28.50
CA GLU A 98 8.75 17.18 -27.07
C GLU A 98 7.28 16.94 -26.83
N LEU A 99 6.96 16.35 -25.69
CA LEU A 99 5.58 16.24 -25.24
C LEU A 99 4.98 17.63 -25.11
N PRO A 100 3.80 17.87 -25.72
CA PRO A 100 3.10 19.11 -25.42
C PRO A 100 2.90 19.24 -23.91
N ASP A 101 2.84 20.47 -23.42
CA ASP A 101 2.75 20.69 -21.97
C ASP A 101 1.61 19.92 -21.33
N VAL A 102 0.45 19.87 -22.01
CA VAL A 102 -0.73 19.21 -21.44
C VAL A 102 -0.58 17.69 -21.32
N MET A 103 0.43 17.11 -21.97
CA MET A 103 0.72 15.67 -21.85
C MET A 103 1.76 15.35 -20.77
N LYS A 104 2.25 16.36 -20.07
CA LYS A 104 3.19 16.18 -18.96
C LYS A 104 2.48 16.24 -17.61
N MET B 1 5.78 -13.31 -52.83
CA MET B 1 4.74 -12.53 -52.09
C MET B 1 4.70 -11.08 -52.56
N MET B 2 3.53 -10.47 -52.52
CA MET B 2 3.36 -9.11 -53.02
C MET B 2 3.58 -8.11 -51.88
N TYR B 3 4.53 -7.22 -52.11
CA TYR B 3 4.85 -6.15 -51.18
C TYR B 3 4.50 -4.78 -51.80
N VAL B 4 4.37 -3.77 -50.95
CA VAL B 4 4.22 -2.39 -51.38
C VAL B 4 5.18 -1.59 -50.55
N LYS B 5 5.55 -0.43 -51.06
CA LYS B 5 6.48 0.46 -50.40
C LYS B 5 5.75 1.65 -49.84
N LEU B 6 5.86 1.87 -48.53
CA LEU B 6 5.32 3.06 -47.88
C LEU B 6 6.44 4.02 -47.45
N ILE B 7 6.45 5.22 -48.02
CA ILE B 7 7.55 6.17 -47.82
C ILE B 7 7.16 7.32 -46.89
N SER B 8 7.95 7.51 -45.83
CA SER B 8 7.70 8.52 -44.80
C SER B 8 8.08 9.92 -45.30
N SER B 9 7.70 10.94 -44.55
CA SER B 9 7.98 12.31 -44.95
C SER B 9 9.48 12.57 -45.01
N ASP B 10 10.22 11.98 -44.07
CA ASP B 10 11.69 12.08 -44.03
C ASP B 10 12.45 11.05 -44.91
N GLY B 11 11.74 10.37 -45.82
CA GLY B 11 12.40 9.54 -46.83
C GLY B 11 12.66 8.08 -46.47
N HIS B 12 12.22 7.61 -45.31
CA HIS B 12 12.35 6.19 -44.96
C HIS B 12 11.35 5.36 -45.75
N GLU B 13 11.84 4.28 -46.37
CA GLU B 13 11.05 3.43 -47.24
C GLU B 13 10.70 2.14 -46.51
N PHE B 14 9.43 1.99 -46.19
CA PHE B 14 8.96 0.83 -45.46
C PHE B 14 8.33 -0.15 -46.45
N ILE B 15 8.88 -1.36 -46.52
CA ILE B 15 8.38 -2.40 -47.42
C ILE B 15 7.58 -3.41 -46.62
N VAL B 16 6.29 -3.54 -46.94
CA VAL B 16 5.37 -4.41 -46.17
C VAL B 16 4.49 -5.22 -47.11
N LYS B 17 3.90 -6.31 -46.63
CA LYS B 17 2.99 -7.08 -47.45
C LYS B 17 1.80 -6.23 -47.90
N ARG B 18 1.42 -6.35 -49.17
CA ARG B 18 0.28 -5.61 -49.72
C ARG B 18 -0.96 -5.82 -48.85
N GLU B 19 -1.25 -7.10 -48.57
CA GLU B 19 -2.34 -7.51 -47.70
C GLU B 19 -2.36 -6.73 -46.37
N HIS B 20 -1.18 -6.53 -45.79
CA HIS B 20 -1.05 -5.77 -44.56
C HIS B 20 -1.40 -4.30 -44.73
N ALA B 21 -0.91 -3.68 -45.79
CA ALA B 21 -1.14 -2.26 -46.05
C ALA B 21 -2.63 -1.99 -46.33
N LEU B 22 -3.34 -2.97 -46.89
CA LEU B 22 -4.78 -2.84 -47.14
C LEU B 22 -5.64 -2.88 -45.88
N THR B 23 -5.02 -3.11 -44.72
CA THR B 23 -5.65 -2.75 -43.45
C THR B 23 -6.24 -1.33 -43.53
N SER B 24 -5.55 -0.43 -44.23
CA SER B 24 -5.98 0.95 -44.42
C SER B 24 -6.71 1.17 -45.76
N GLY B 25 -7.98 1.57 -45.67
CA GLY B 25 -8.77 1.95 -46.86
C GLY B 25 -8.16 3.13 -47.60
N THR B 26 -7.51 4.02 -46.86
CA THR B 26 -6.83 5.14 -47.44
C THR B 26 -5.66 4.71 -48.31
N ILE B 27 -4.84 3.79 -47.79
CA ILE B 27 -3.72 3.28 -48.56
C ILE B 27 -4.23 2.53 -49.78
N LYS B 28 -5.32 1.77 -49.62
CA LYS B 28 -5.91 1.08 -50.77
C LYS B 28 -6.27 2.06 -51.88
N ALA B 29 -6.88 3.18 -51.50
CA ALA B 29 -7.25 4.22 -52.45
C ALA B 29 -6.03 4.83 -53.13
N MET B 30 -4.98 5.04 -52.35
CA MET B 30 -3.75 5.61 -52.87
C MET B 30 -3.00 4.66 -53.82
N LEU B 31 -3.18 3.35 -53.61
CA LEU B 31 -2.60 2.35 -54.50
C LEU B 31 -3.48 2.09 -55.73
N SER B 32 -4.80 2.05 -55.50
CA SER B 32 -5.80 1.79 -56.55
C SER B 32 -6.60 3.06 -56.85
N ASN B 43 2.75 0.64 -56.73
CA ASN B 43 3.19 -0.11 -55.57
C ASN B 43 4.01 0.72 -54.58
N GLU B 44 4.04 2.04 -54.75
CA GLU B 44 4.64 2.93 -53.76
C GLU B 44 3.67 4.04 -53.37
N VAL B 45 3.66 4.39 -52.10
CA VAL B 45 2.90 5.56 -51.62
C VAL B 45 3.81 6.46 -50.79
N ASN B 46 3.77 7.77 -51.06
CA ASN B 46 4.49 8.74 -50.25
C ASN B 46 3.57 9.40 -49.23
N PHE B 47 4.07 9.56 -48.01
CA PHE B 47 3.33 10.21 -46.93
C PHE B 47 4.09 11.45 -46.52
N ARG B 48 3.63 12.60 -47.01
CA ARG B 48 4.28 13.87 -46.74
C ARG B 48 4.11 14.36 -45.32
N GLU B 49 3.10 13.87 -44.62
CA GLU B 49 2.89 14.30 -43.25
C GLU B 49 3.25 13.24 -42.23
N ILE B 50 3.65 12.05 -42.65
CA ILE B 50 3.92 11.01 -41.67
C ILE B 50 5.41 10.72 -41.59
N PRO B 51 6.06 11.14 -40.49
CA PRO B 51 7.47 10.86 -40.32
C PRO B 51 7.73 9.42 -39.90
N SER B 52 8.97 8.98 -40.05
CA SER B 52 9.33 7.58 -39.93
C SER B 52 9.04 7.01 -38.54
N HIS B 53 9.24 7.80 -37.49
CA HIS B 53 8.95 7.30 -36.13
C HIS B 53 7.47 6.99 -35.91
N VAL B 54 6.61 7.52 -36.78
CA VAL B 54 5.19 7.21 -36.75
C VAL B 54 4.86 6.07 -37.72
N LEU B 55 5.36 6.15 -38.95
CA LEU B 55 5.00 5.15 -39.98
C LEU B 55 5.55 3.75 -39.64
N SER B 56 6.72 3.69 -39.01
CA SER B 56 7.27 2.43 -38.55
C SER B 56 6.28 1.73 -37.61
N LYS B 57 5.77 2.49 -36.65
CA LYS B 57 4.73 1.99 -35.73
C LYS B 57 3.42 1.57 -36.42
N VAL B 58 3.00 2.35 -37.41
CA VAL B 58 1.85 1.99 -38.22
C VAL B 58 2.06 0.60 -38.82
N CYS B 59 3.24 0.37 -39.41
CA CYS B 59 3.55 -0.95 -39.99
C CYS B 59 3.54 -2.07 -38.95
N MET B 60 4.05 -1.77 -37.77
CA MET B 60 4.02 -2.73 -36.67
C MET B 60 2.58 -3.04 -36.27
N TYR B 61 1.71 -2.03 -36.32
CA TYR B 61 0.29 -2.27 -36.05
C TYR B 61 -0.31 -3.23 -37.06
N PHE B 62 0.04 -3.08 -38.34
CA PHE B 62 -0.50 -3.98 -39.38
C PHE B 62 -0.16 -5.41 -39.05
N THR B 63 1.11 -5.65 -38.73
CA THR B 63 1.58 -6.97 -38.37
C THR B 63 0.83 -7.52 -37.18
N TYR B 64 0.68 -6.68 -36.15
CA TYR B 64 -0.03 -7.03 -34.93
C TYR B 64 -1.47 -7.40 -35.24
N LYS B 65 -2.15 -6.57 -36.01
CA LYS B 65 -3.55 -6.80 -36.32
C LYS B 65 -3.76 -8.08 -37.11
N VAL B 66 -2.94 -8.28 -38.13
CA VAL B 66 -3.08 -9.48 -38.97
C VAL B 66 -2.79 -10.75 -38.14
N ARG B 67 -1.78 -10.68 -37.29
CA ARG B 67 -1.42 -11.80 -36.44
C ARG B 67 -2.52 -12.16 -35.44
N TYR B 68 -3.07 -11.16 -34.77
CA TYR B 68 -3.96 -11.42 -33.64
C TYR B 68 -5.45 -11.35 -33.96
N THR B 69 -5.84 -10.88 -35.14
CA THR B 69 -7.27 -10.89 -35.52
C THR B 69 -7.74 -12.33 -35.71
N ASN B 70 -8.92 -12.64 -35.15
CA ASN B 70 -9.50 -14.00 -35.19
C ASN B 70 -8.55 -15.09 -34.70
N SER B 71 -7.90 -14.83 -33.56
CA SER B 71 -6.98 -15.79 -32.95
C SER B 71 -7.37 -16.08 -31.51
N SER B 72 -7.09 -17.30 -31.07
CA SER B 72 -7.43 -17.75 -29.72
C SER B 72 -6.37 -17.32 -28.71
N THR B 73 -5.10 -17.45 -29.10
CA THR B 73 -3.95 -17.08 -28.24
C THR B 73 -4.11 -15.69 -27.65
N GLU B 74 -3.74 -15.55 -26.38
CA GLU B 74 -3.98 -14.32 -25.62
C GLU B 74 -3.39 -13.12 -26.35
N ILE B 75 -4.13 -12.02 -26.31
CA ILE B 75 -3.76 -10.83 -27.09
C ILE B 75 -2.99 -9.88 -26.16
N PRO B 76 -1.75 -9.51 -26.53
CA PRO B 76 -1.05 -8.50 -25.76
C PRO B 76 -1.47 -7.09 -26.14
N GLU B 77 -1.19 -6.16 -25.25
CA GLU B 77 -1.46 -4.75 -25.47
C GLU B 77 -0.58 -4.25 -26.59
N PHE B 78 -1.12 -3.43 -27.49
CA PHE B 78 -0.31 -2.77 -28.49
C PHE B 78 0.34 -1.54 -27.85
N PRO B 79 1.69 -1.49 -27.86
CA PRO B 79 2.39 -0.49 -27.08
C PRO B 79 2.56 0.80 -27.85
N ILE B 80 2.31 1.95 -27.22
CA ILE B 80 2.51 3.26 -27.87
C ILE B 80 3.17 4.21 -26.89
N ALA B 81 4.40 4.62 -27.16
CA ALA B 81 5.08 5.55 -26.29
C ALA B 81 4.35 6.87 -26.25
N PRO B 82 4.26 7.50 -25.07
CA PRO B 82 3.61 8.81 -24.94
C PRO B 82 4.05 9.83 -25.98
N GLU B 83 5.33 9.88 -26.29
CA GLU B 83 5.91 10.90 -27.18
C GLU B 83 5.40 10.84 -28.62
N ILE B 84 4.88 9.69 -29.05
CA ILE B 84 4.40 9.53 -30.41
C ILE B 84 2.87 9.38 -30.52
N ALA B 85 2.19 9.41 -29.39
CA ALA B 85 0.77 9.05 -29.39
C ALA B 85 -0.05 10.03 -30.20
N LEU B 86 0.25 11.31 -30.08
CA LEU B 86 -0.55 12.34 -30.75
C LEU B 86 -0.38 12.25 -32.27
N GLU B 87 0.85 12.08 -32.74
CA GLU B 87 1.09 11.97 -34.16
C GLU B 87 0.53 10.67 -34.71
N LEU B 88 0.67 9.60 -33.95
CA LEU B 88 0.15 8.30 -34.37
C LEU B 88 -1.37 8.37 -34.50
N LEU B 89 -2.02 9.10 -33.58
CA LEU B 89 -3.47 9.31 -33.61
C LEU B 89 -3.89 10.01 -34.90
N MET B 90 -3.17 11.07 -35.25
CA MET B 90 -3.46 11.82 -36.46
C MET B 90 -3.30 10.91 -37.66
N ALA B 91 -2.23 10.12 -37.69
CA ALA B 91 -2.00 9.19 -38.79
C ALA B 91 -3.12 8.17 -38.90
N ALA B 92 -3.49 7.56 -37.77
CA ALA B 92 -4.55 6.54 -37.74
C ALA B 92 -5.88 7.10 -38.22
N ASN B 93 -6.15 8.36 -37.90
CA ASN B 93 -7.35 9.04 -38.36
C ASN B 93 -7.34 9.24 -39.88
N PHE B 94 -6.20 9.67 -40.43
CA PHE B 94 -6.04 9.81 -41.88
C PHE B 94 -6.18 8.47 -42.60
N LEU B 95 -5.51 7.46 -42.05
CA LEU B 95 -5.44 6.14 -42.66
C LEU B 95 -6.66 5.28 -42.37
N ASP B 96 -7.54 5.76 -41.48
CA ASP B 96 -8.72 5.02 -41.05
C ASP B 96 -8.42 3.60 -40.59
N CYS B 97 -7.48 3.45 -39.67
CA CYS B 97 -7.13 2.11 -39.18
C CYS B 97 -7.08 2.01 -37.65
N VAL C 11 -35.04 -4.15 -23.56
CA VAL C 11 -34.61 -5.14 -24.60
C VAL C 11 -33.47 -6.02 -24.09
N LEU C 12 -32.26 -5.46 -23.99
CA LEU C 12 -31.13 -6.20 -23.41
C LEU C 12 -31.29 -6.20 -21.90
N ARG C 13 -31.61 -7.37 -21.36
CA ARG C 13 -31.82 -7.54 -19.92
C ARG C 13 -31.68 -9.00 -19.55
N SER C 14 -31.31 -9.25 -18.30
CA SER C 14 -31.24 -10.61 -17.81
C SER C 14 -32.65 -11.16 -17.71
N VAL C 15 -32.78 -12.47 -17.92
CA VAL C 15 -34.02 -13.19 -17.65
C VAL C 15 -34.02 -13.70 -16.21
N ASN C 16 -35.11 -13.48 -15.48
CA ASN C 16 -35.21 -13.93 -14.10
C ASN C 16 -35.55 -15.43 -14.04
N SER C 17 -34.53 -16.25 -14.28
CA SER C 17 -34.71 -17.70 -14.44
C SER C 17 -34.64 -18.44 -13.11
N ARG C 18 -33.80 -17.95 -12.20
CA ARG C 18 -33.57 -18.57 -10.90
C ARG C 18 -32.91 -19.96 -10.99
N GLU C 19 -32.32 -20.31 -12.12
CA GLU C 19 -31.58 -21.56 -12.26
C GLU C 19 -30.08 -21.25 -12.12
N PRO C 20 -29.48 -21.67 -11.00
CA PRO C 20 -28.08 -21.34 -10.76
C PRO C 20 -27.15 -21.77 -11.89
N SER C 21 -26.10 -20.98 -12.10
CA SER C 21 -25.02 -21.32 -12.99
C SER C 21 -23.76 -20.72 -12.40
N GLN C 22 -22.78 -21.59 -12.13
CA GLN C 22 -21.50 -21.19 -11.59
C GLN C 22 -20.57 -20.87 -12.75
N VAL C 23 -19.81 -19.81 -12.59
CA VAL C 23 -19.01 -19.28 -13.66
C VAL C 23 -17.64 -18.95 -13.09
N ILE C 24 -16.60 -19.09 -13.91
CA ILE C 24 -15.28 -18.55 -13.62
C ILE C 24 -15.05 -17.31 -14.49
N PHE C 25 -14.96 -16.15 -13.86
CA PHE C 25 -14.53 -14.96 -14.58
C PHE C 25 -13.00 -15.08 -14.60
N CAS C 26 -12.41 -15.22 -15.78
CA CAS C 26 -10.96 -15.35 -15.92
CB CAS C 26 -10.58 -16.65 -16.63
C CAS C 26 -10.44 -14.17 -16.70
O CAS C 26 -10.67 -14.06 -17.90
SG CAS C 26 -8.83 -16.78 -16.79
AS CAS C 26 -8.32 -17.36 -14.73
CE1 CAS C 26 -6.99 -16.03 -14.16
CE2 CAS C 26 -7.36 -19.06 -14.87
N ASN C 27 -9.72 -13.29 -16.01
CA ASN C 27 -9.21 -12.08 -16.61
C ASN C 27 -7.85 -12.34 -17.29
N ARG C 28 -7.87 -12.56 -18.60
CA ARG C 28 -6.63 -12.75 -19.36
C ARG C 28 -6.26 -11.49 -20.14
N SER C 29 -6.52 -10.34 -19.52
CA SER C 29 -6.15 -9.06 -20.06
C SER C 29 -5.15 -8.42 -19.09
N PRO C 30 -4.48 -7.36 -19.54
CA PRO C 30 -3.61 -6.62 -18.63
C PRO C 30 -4.36 -5.48 -17.93
N ARG C 31 -5.68 -5.42 -18.07
CA ARG C 31 -6.45 -4.35 -17.46
C ARG C 31 -7.09 -4.82 -16.16
N VAL C 32 -7.44 -3.86 -15.30
CA VAL C 32 -8.34 -4.12 -14.17
C VAL C 32 -9.74 -4.24 -14.76
N VAL C 33 -10.42 -5.33 -14.49
CA VAL C 33 -11.69 -5.64 -15.16
C VAL C 33 -12.88 -5.31 -14.25
N LEU C 34 -13.84 -4.59 -14.80
CA LEU C 34 -15.13 -4.34 -14.14
C LEU C 34 -16.18 -5.26 -14.78
N PRO C 35 -16.69 -6.25 -14.03
CA PRO C 35 -17.79 -7.02 -14.57
C PRO C 35 -19.07 -6.23 -14.39
N VAL C 36 -19.95 -6.27 -15.38
CA VAL C 36 -21.23 -5.54 -15.35
C VAL C 36 -22.36 -6.51 -15.67
N TRP C 37 -23.28 -6.65 -14.72
CA TRP C 37 -24.48 -7.46 -14.85
C TRP C 37 -25.61 -6.55 -15.32
N LEU C 38 -26.35 -6.98 -16.33
CA LEU C 38 -27.53 -6.25 -16.76
C LEU C 38 -28.71 -6.79 -15.96
N ASN C 39 -29.30 -5.95 -15.13
CA ASN C 39 -30.36 -6.40 -14.24
C ASN C 39 -31.70 -6.61 -14.98
N PHE C 40 -32.76 -6.91 -14.25
CA PHE C 40 -34.01 -7.32 -14.89
C PHE C 40 -34.75 -6.18 -15.60
N ASP C 41 -34.35 -4.94 -15.33
CA ASP C 41 -34.85 -3.77 -16.07
C ASP C 41 -33.82 -3.22 -17.06
N GLY C 42 -32.73 -3.94 -17.28
CA GLY C 42 -31.70 -3.53 -18.23
C GLY C 42 -30.68 -2.54 -17.70
N GLU C 43 -30.73 -2.21 -16.40
CA GLU C 43 -29.76 -1.31 -15.80
C GLU C 43 -28.44 -2.03 -15.57
N PRO C 44 -27.32 -1.39 -15.97
CA PRO C 44 -26.02 -1.97 -15.71
C PRO C 44 -25.70 -1.90 -14.23
N GLN C 45 -25.43 -3.05 -13.63
CA GLN C 45 -24.97 -3.10 -12.24
C GLN C 45 -23.50 -3.51 -12.20
N PRO C 46 -22.65 -2.65 -11.65
CA PRO C 46 -21.23 -2.93 -11.52
C PRO C 46 -20.98 -3.95 -10.41
N TYR C 47 -19.95 -4.77 -10.57
CA TYR C 47 -19.56 -5.81 -9.60
C TYR C 47 -18.08 -5.62 -9.23
N PRO C 48 -17.60 -6.32 -8.18
CA PRO C 48 -16.21 -6.07 -7.76
C PRO C 48 -15.21 -6.31 -8.90
N THR C 49 -14.10 -5.57 -8.87
CA THR C 49 -13.13 -5.61 -9.97
C THR C 49 -12.22 -6.83 -9.86
N LEU C 50 -11.59 -7.21 -10.98
CA LEU C 50 -10.58 -8.30 -11.03
C LEU C 50 -9.25 -7.72 -11.49
N PRO C 51 -8.19 -7.87 -10.68
CA PRO C 51 -6.88 -7.41 -11.17
C PRO C 51 -6.41 -8.22 -12.38
N PRO C 52 -5.44 -7.71 -13.15
CA PRO C 52 -4.89 -8.45 -14.29
C PRO C 52 -4.48 -9.87 -13.95
N GLY C 53 -4.89 -10.83 -14.79
CA GLY C 53 -4.46 -12.22 -14.64
C GLY C 53 -5.14 -13.01 -13.54
N THR C 54 -6.09 -12.41 -12.83
CA THR C 54 -6.75 -13.08 -11.71
C THR C 54 -8.07 -13.69 -12.16
N GLY C 55 -8.57 -14.63 -11.36
CA GLY C 55 -9.85 -15.27 -11.61
C GLY C 55 -10.73 -15.26 -10.36
N ARG C 56 -12.04 -15.39 -10.58
CA ARG C 56 -12.99 -15.49 -9.48
C ARG C 56 -14.06 -16.50 -9.85
N ARG C 57 -14.35 -17.42 -8.95
CA ARG C 57 -15.49 -18.30 -9.13
C ARG C 57 -16.70 -17.60 -8.54
N ILE C 58 -17.71 -17.38 -9.38
CA ILE C 58 -18.87 -16.60 -8.95
C ILE C 58 -20.16 -17.31 -9.24
N HIS C 59 -21.20 -16.92 -8.51
CA HIS C 59 -22.53 -17.52 -8.66
C HIS C 59 -23.40 -16.59 -9.49
N SER C 60 -23.85 -17.07 -10.64
CA SER C 60 -24.78 -16.34 -11.48
C SER C 60 -25.95 -17.24 -11.80
N TYR C 61 -26.68 -16.94 -12.88
CA TYR C 61 -27.89 -17.69 -13.22
C TYR C 61 -28.04 -17.83 -14.73
N ARG C 62 -28.71 -18.89 -15.17
CA ARG C 62 -28.94 -19.08 -16.59
C ARG C 62 -29.71 -17.91 -17.16
N GLY C 63 -29.34 -17.49 -18.37
CA GLY C 63 -30.02 -16.38 -19.02
C GLY C 63 -29.66 -15.00 -18.50
N HIS C 64 -28.72 -14.90 -17.56
CA HIS C 64 -28.27 -13.59 -17.12
C HIS C 64 -27.24 -13.03 -18.10
N LEU C 65 -27.18 -11.72 -18.21
CA LEU C 65 -26.31 -11.09 -19.19
C LEU C 65 -25.23 -10.32 -18.49
N TRP C 66 -24.00 -10.43 -19.01
CA TRP C 66 -22.84 -9.79 -18.45
C TRP C 66 -22.00 -9.18 -19.57
N LEU C 67 -21.30 -8.08 -19.28
CA LEU C 67 -20.25 -7.60 -20.15
C LEU C 67 -19.09 -7.15 -19.26
N PHE C 68 -17.97 -6.78 -19.88
CA PHE C 68 -16.76 -6.55 -19.11
C PHE C 68 -15.98 -5.36 -19.66
N ARG C 69 -15.50 -4.51 -18.75
CA ARG C 69 -14.88 -3.25 -19.09
C ARG C 69 -13.57 -3.07 -18.33
N ASP C 70 -12.71 -2.19 -18.85
CA ASP C 70 -11.59 -1.67 -18.07
C ASP C 70 -12.17 -0.79 -16.95
N ALA C 71 -11.87 -1.14 -15.72
CA ALA C 71 -12.49 -0.48 -14.58
C ALA C 71 -12.15 1.00 -14.47
N GLY C 72 -10.97 1.39 -14.93
CA GLY C 72 -10.52 2.78 -14.83
C GLY C 72 -10.96 3.66 -15.98
N THR C 73 -11.04 3.09 -17.18
CA THR C 73 -11.33 3.88 -18.40
C THR C 73 -12.64 3.52 -19.09
N HIS C 74 -13.23 2.39 -18.72
CA HIS C 74 -14.42 1.83 -19.39
C HIS C 74 -14.21 1.33 -20.81
N ASP C 75 -12.96 1.20 -21.26
CA ASP C 75 -12.67 0.60 -22.56
C ASP C 75 -13.34 -0.77 -22.65
N GLY C 76 -13.78 -1.13 -23.85
CA GLY C 76 -14.45 -2.40 -24.08
C GLY C 76 -13.50 -3.57 -24.03
N LEU C 77 -13.95 -4.68 -23.45
CA LEU C 77 -13.24 -5.96 -23.43
C LEU C 77 -14.12 -7.06 -23.99
N LEU C 78 -13.51 -8.15 -24.44
CA LEU C 78 -14.25 -9.29 -24.97
C LEU C 78 -14.31 -10.39 -23.93
N VAL C 79 -15.37 -11.18 -23.98
CA VAL C 79 -15.50 -12.35 -23.14
C VAL C 79 -15.87 -13.48 -24.07
N ASN C 80 -15.14 -14.58 -23.98
CA ASN C 80 -15.14 -15.65 -24.98
C ASN C 80 -15.26 -15.10 -26.40
N GLN C 81 -14.44 -14.09 -26.69
CA GLN C 81 -14.31 -13.50 -28.04
C GLN C 81 -15.51 -12.68 -28.49
N THR C 82 -16.42 -12.33 -27.60
CA THR C 82 -17.59 -11.56 -28.00
C THR C 82 -18.00 -10.56 -26.91
N GLU C 83 -19.04 -9.78 -27.19
CA GLU C 83 -19.42 -8.64 -26.32
C GLU C 83 -20.10 -9.07 -25.03
N LEU C 84 -21.02 -10.02 -25.16
CA LEU C 84 -21.89 -10.42 -24.06
C LEU C 84 -21.62 -11.84 -23.64
N PHE C 85 -21.75 -12.09 -22.35
CA PHE C 85 -21.64 -13.43 -21.82
C PHE C 85 -22.92 -13.82 -21.11
N VAL C 86 -23.49 -14.96 -21.49
CA VAL C 86 -24.69 -15.47 -20.85
C VAL C 86 -24.40 -16.86 -20.27
N PRO C 87 -24.41 -16.97 -18.92
CA PRO C 87 -24.20 -18.29 -18.32
C PRO C 87 -25.17 -19.34 -18.86
N SER C 88 -24.63 -20.49 -19.20
CA SER C 88 -25.43 -21.62 -19.69
C SER C 88 -25.56 -22.71 -18.59
N LEU C 89 -26.21 -23.82 -18.94
CA LEU C 89 -26.34 -24.95 -18.05
C LEU C 89 -24.97 -25.55 -17.78
N ASN C 90 -24.66 -25.78 -16.49
CA ASN C 90 -23.44 -26.49 -16.11
C ASN C 90 -23.57 -27.99 -16.37
N VAL C 91 -22.58 -28.55 -17.08
CA VAL C 91 -22.55 -29.98 -17.42
C VAL C 91 -21.58 -30.73 -16.50
N ASP C 92 -22.08 -31.77 -15.84
CA ASP C 92 -21.29 -32.58 -14.89
C ASP C 92 -20.83 -31.76 -13.66
N GLY C 93 -21.62 -30.75 -13.29
CA GLY C 93 -21.26 -29.83 -12.20
C GLY C 93 -19.99 -29.03 -12.43
N GLN C 94 -19.60 -28.84 -13.70
CA GLN C 94 -18.42 -28.05 -14.03
C GLN C 94 -18.83 -26.59 -14.30
N PRO C 95 -18.01 -25.62 -13.85
CA PRO C 95 -18.35 -24.22 -14.12
C PRO C 95 -18.16 -23.83 -15.59
N ILE C 96 -18.84 -22.77 -16.02
CA ILE C 96 -18.67 -22.24 -17.37
C ILE C 96 -17.52 -21.25 -17.29
N PHE C 97 -16.57 -21.34 -18.21
CA PHE C 97 -15.46 -20.41 -18.23
C PHE C 97 -15.81 -19.15 -19.01
N ALA C 98 -15.65 -17.99 -18.38
CA ALA C 98 -15.74 -16.70 -19.08
C ALA C 98 -14.35 -16.08 -19.22
N ASN C 99 -13.73 -16.34 -20.37
CA ASN C 99 -12.40 -15.83 -20.69
C ASN C 99 -12.38 -14.40 -21.17
N ILE C 100 -11.91 -13.50 -20.31
CA ILE C 100 -11.97 -12.07 -20.59
C ILE C 100 -10.64 -11.62 -21.19
N THR C 101 -10.68 -11.00 -22.36
CA THR C 101 -9.46 -10.62 -23.08
C THR C 101 -9.53 -9.23 -23.66
N LEU C 102 -8.37 -8.70 -24.04
CA LEU C 102 -8.33 -7.49 -24.84
C LEU C 102 -8.89 -7.76 -26.22
N PRO C 103 -9.67 -6.81 -26.76
CA PRO C 103 -9.88 -6.84 -28.21
C PRO C 103 -8.62 -6.42 -28.96
N VAL C 104 -8.59 -6.73 -30.26
CA VAL C 104 -7.69 -6.03 -31.16
C VAL C 104 -8.35 -4.68 -31.45
N TYR C 105 -7.99 -3.67 -30.69
CA TYR C 105 -8.49 -2.31 -30.95
C TYR C 105 -7.96 -1.81 -32.27
N THR C 106 -8.72 -0.93 -32.93
CA THR C 106 -8.19 -0.20 -34.07
C THR C 106 -7.04 0.64 -33.54
N LEU C 107 -6.11 0.99 -34.41
CA LEU C 107 -5.01 1.87 -34.04
C LEU C 107 -5.57 3.20 -33.52
N LYS C 108 -6.62 3.71 -34.15
CA LYS C 108 -7.22 4.98 -33.71
C LYS C 108 -7.74 4.87 -32.27
N GLU C 109 -8.47 3.83 -31.97
CA GLU C 109 -9.00 3.70 -30.62
C GLU C 109 -7.88 3.56 -29.60
N ARG C 110 -6.85 2.79 -29.94
CA ARG C 110 -5.73 2.60 -29.02
C ARG C 110 -4.99 3.92 -28.79
N CYS C 111 -4.80 4.70 -29.84
CA CYS C 111 -4.22 6.03 -29.69
C CYS C 111 -5.07 6.93 -28.80
N LEU C 112 -6.39 6.93 -29.01
CA LEU C 112 -7.29 7.71 -28.15
C LEU C 112 -7.15 7.30 -26.69
N GLN C 113 -7.03 5.99 -26.44
CA GLN C 113 -6.86 5.50 -25.06
C GLN C 113 -5.61 6.08 -24.45
N VAL C 114 -4.51 6.03 -25.20
CA VAL C 114 -3.24 6.49 -24.66
C VAL C 114 -3.27 8.01 -24.45
N VAL C 115 -3.84 8.73 -25.40
CA VAL C 115 -3.95 10.18 -25.26
C VAL C 115 -4.87 10.52 -24.07
N ARG C 116 -6.02 9.84 -23.95
CA ARG C 116 -6.89 10.05 -22.77
C ARG C 116 -6.15 9.77 -21.44
N SER C 117 -5.25 8.80 -21.44
CA SER C 117 -4.50 8.47 -20.21
C SER C 117 -3.44 9.50 -19.82
N LEU C 118 -3.08 10.39 -20.74
CA LEU C 118 -2.05 11.40 -20.49
C LEU C 118 -2.57 12.84 -20.41
N VAL C 119 -3.82 13.07 -20.79
CA VAL C 119 -4.35 14.43 -20.91
C VAL C 119 -5.64 14.56 -20.13
N LYS C 120 -5.67 15.46 -19.16
CA LYS C 120 -6.85 15.66 -18.34
C LYS C 120 -7.95 16.16 -19.26
N PRO C 121 -9.19 15.71 -19.05
CA PRO C 121 -10.24 16.08 -20.01
C PRO C 121 -10.40 17.58 -20.28
N GLU C 122 -10.02 18.43 -19.34
CA GLU C 122 -10.12 19.89 -19.53
C GLU C 122 -9.16 20.35 -20.59
N ASN C 123 -8.11 19.57 -20.83
CA ASN C 123 -7.05 19.98 -21.74
C ASN C 123 -7.17 19.40 -23.16
N TYR C 124 -8.18 18.55 -23.40
CA TYR C 124 -8.37 17.98 -24.74
C TYR C 124 -8.43 19.06 -25.82
N ARG C 125 -9.07 20.18 -25.50
CA ARG C 125 -9.23 21.30 -26.41
C ARG C 125 -7.91 22.03 -26.70
N ARG C 126 -6.93 21.93 -25.80
CA ARG C 126 -5.64 22.58 -26.04
C ARG C 126 -4.78 21.79 -27.02
N LEU C 127 -5.15 20.53 -27.29
CA LEU C 127 -4.41 19.71 -28.24
C LEU C 127 -4.54 20.26 -29.65
N ASP C 128 -3.44 20.17 -30.40
CA ASP C 128 -3.38 20.71 -31.73
C ASP C 128 -3.84 19.64 -32.72
N ILE C 129 -5.15 19.46 -32.79
CA ILE C 129 -5.78 18.46 -33.65
C ILE C 129 -7.11 18.99 -34.17
N VAL C 130 -7.62 18.36 -35.21
CA VAL C 130 -8.93 18.70 -35.77
C VAL C 130 -10.08 18.50 -34.78
N ARG C 131 -11.05 19.40 -34.83
CA ARG C 131 -12.19 19.35 -33.91
C ARG C 131 -12.78 17.94 -33.77
N SER C 132 -12.83 17.17 -34.87
CA SER C 132 -13.43 15.83 -34.82
C SER C 132 -12.69 14.85 -33.90
N LEU C 133 -11.37 15.04 -33.75
CA LEU C 133 -10.57 14.21 -32.84
C LEU C 133 -10.73 14.65 -31.40
N TYR C 134 -10.93 15.96 -31.17
CA TYR C 134 -11.31 16.46 -29.85
C TYR C 134 -12.62 15.82 -29.43
N GLU C 135 -13.58 15.78 -30.36
CA GLU C 135 -14.86 15.12 -30.10
C GLU C 135 -14.65 13.63 -29.82
N ASP C 136 -13.76 12.98 -30.59
CA ASP C 136 -13.49 11.56 -30.37
C ASP C 136 -12.88 11.31 -28.99
N LEU C 137 -12.00 12.20 -28.54
CA LEU C 137 -11.45 12.12 -27.17
C LEU C 137 -12.51 12.30 -26.07
N GLU C 138 -13.33 13.35 -26.21
CA GLU C 138 -14.38 13.65 -25.24
C GLU C 138 -15.43 12.54 -25.19
N ASP C 139 -15.72 11.91 -26.33
CA ASP C 139 -16.69 10.81 -26.39
C ASP C 139 -16.10 9.49 -25.89
N HIS C 140 -15.69 9.46 -24.63
CA HIS C 140 -14.98 8.29 -24.13
C HIS C 140 -15.91 7.09 -23.94
N PRO C 141 -15.32 5.88 -23.82
CA PRO C 141 -16.15 4.70 -23.68
C PRO C 141 -17.08 4.79 -22.48
N ASN C 142 -18.28 4.24 -22.65
CA ASN C 142 -19.33 4.35 -21.64
C ASN C 142 -20.29 3.19 -21.89
N VAL C 143 -20.69 2.50 -20.82
CA VAL C 143 -21.57 1.33 -20.98
C VAL C 143 -22.95 1.68 -21.54
N GLN C 144 -23.55 2.78 -21.09
CA GLN C 144 -24.83 3.21 -21.63
C GLN C 144 -24.80 3.37 -23.16
N LYS C 145 -23.77 4.05 -23.65
CA LYS C 145 -23.53 4.21 -25.09
C LYS C 145 -23.59 2.86 -25.82
N ASP C 146 -22.90 1.86 -25.29
CA ASP C 146 -22.85 0.55 -25.93
C ASP C 146 -24.16 -0.23 -25.82
N LEU C 147 -24.92 -0.03 -24.75
CA LEU C 147 -26.22 -0.68 -24.65
C LEU C 147 -27.17 -0.15 -25.71
N GLU C 148 -27.15 1.16 -25.92
CA GLU C 148 -27.92 1.76 -27.03
C GLU C 148 -27.43 1.19 -28.37
N ARG C 149 -26.11 1.11 -28.54
CA ARG C 149 -25.52 0.53 -29.74
C ARG C 149 -25.99 -0.91 -29.95
N LEU C 150 -25.74 -1.76 -28.96
CA LEU C 150 -26.08 -3.20 -29.03
C LEU C 150 -27.58 -3.49 -29.24
N THR C 151 -28.42 -2.47 -29.04
CA THR C 151 -29.85 -2.56 -29.30
C THR C 151 -30.19 -2.07 -30.71
N MET D 1 15.76 14.75 -5.59
CA MET D 1 15.46 16.08 -4.97
C MET D 1 15.95 17.19 -5.88
N ASP D 2 15.10 18.20 -6.07
CA ASP D 2 15.40 19.32 -6.96
C ASP D 2 16.17 20.40 -6.26
N VAL D 3 17.14 20.96 -6.98
CA VAL D 3 17.80 22.16 -6.54
C VAL D 3 17.46 23.28 -7.51
N PHE D 4 17.31 24.48 -6.98
CA PHE D 4 16.94 25.65 -7.76
C PHE D 4 18.13 26.62 -7.81
N LEU D 5 18.50 27.00 -9.03
CA LEU D 5 19.76 27.66 -9.29
C LEU D 5 19.60 28.94 -10.08
N MET D 6 20.56 29.84 -9.85
CA MET D 6 20.87 30.92 -10.76
C MET D 6 22.26 30.64 -11.34
N ILE D 7 22.37 30.53 -12.67
CA ILE D 7 23.66 30.41 -13.33
C ILE D 7 24.05 31.79 -13.87
N ARG D 8 25.12 32.37 -13.33
CA ARG D 8 25.41 33.77 -13.52
C ARG D 8 26.78 34.03 -14.16
N ARG D 9 26.76 34.84 -15.21
CA ARG D 9 27.97 35.32 -15.89
C ARG D 9 27.74 36.76 -16.31
N HIS D 10 28.65 37.65 -15.95
CA HIS D 10 28.56 39.06 -16.31
C HIS D 10 27.15 39.57 -15.96
N LYS D 11 26.34 39.93 -16.96
CA LYS D 11 24.99 40.44 -16.72
C LYS D 11 23.90 39.44 -17.18
N THR D 12 24.29 38.18 -17.30
CA THR D 12 23.37 37.09 -17.64
C THR D 12 23.09 36.26 -16.37
N THR D 13 21.81 35.97 -16.15
CA THR D 13 21.36 35.15 -15.05
C THR D 13 20.27 34.19 -15.52
N ILE D 14 20.58 32.89 -15.52
CA ILE D 14 19.64 31.86 -15.96
C ILE D 14 18.98 31.20 -14.75
N PHE D 15 17.65 31.22 -14.72
CA PHE D 15 16.91 30.53 -13.68
C PHE D 15 16.55 29.13 -14.16
N THR D 16 17.00 28.12 -13.43
CA THR D 16 16.65 26.74 -13.78
C THR D 16 16.78 25.85 -12.57
N ASP D 17 16.33 24.61 -12.71
CA ASP D 17 16.46 23.62 -11.66
C ASP D 17 17.15 22.40 -12.21
N ALA D 18 17.60 21.54 -11.31
CA ALA D 18 18.25 20.28 -11.66
C ALA D 18 18.13 19.36 -10.46
N LYS D 19 18.52 18.10 -10.61
CA LYS D 19 18.46 17.18 -9.51
C LYS D 19 19.77 17.25 -8.73
N GLU D 20 19.65 16.99 -7.43
CA GLU D 20 20.80 16.93 -6.55
C GLU D 20 21.81 15.90 -7.06
N SER D 21 21.31 14.85 -7.69
CA SER D 21 22.11 13.74 -8.21
C SER D 21 22.65 13.98 -9.63
N SER D 22 22.24 15.05 -10.30
CA SER D 22 22.75 15.36 -11.64
C SER D 22 24.16 15.93 -11.55
N THR D 23 24.89 15.82 -12.65
CA THR D 23 26.29 16.19 -12.67
C THR D 23 26.55 17.59 -13.20
N VAL D 24 27.74 18.09 -12.90
CA VAL D 24 28.22 19.36 -13.40
C VAL D 24 28.20 19.37 -14.93
N PHE D 25 28.60 18.25 -15.53
CA PHE D 25 28.62 18.14 -16.98
C PHE D 25 27.21 18.24 -17.54
N GLU D 26 26.27 17.55 -16.91
CA GLU D 26 24.85 17.63 -17.32
C GLU D 26 24.29 19.05 -17.20
N LEU D 27 24.77 19.81 -16.22
CA LEU D 27 24.39 21.22 -16.07
C LEU D 27 24.97 22.10 -17.21
N LYS D 28 26.19 21.79 -17.64
CA LYS D 28 26.79 22.48 -18.79
C LYS D 28 25.99 22.23 -20.07
N ARG D 29 25.50 21.01 -20.24
CA ARG D 29 24.60 20.69 -21.36
C ARG D 29 23.33 21.54 -21.33
N ILE D 30 22.80 21.82 -20.14
CA ILE D 30 21.64 22.71 -20.02
C ILE D 30 22.01 24.14 -20.41
N VAL D 31 23.11 24.65 -19.90
CA VAL D 31 23.61 25.97 -20.32
C VAL D 31 23.82 26.00 -21.84
N GLU D 32 24.35 24.91 -22.41
CA GLU D 32 24.58 24.83 -23.85
C GLU D 32 23.30 25.05 -24.65
N GLY D 33 22.22 24.42 -24.19
CA GLY D 33 20.91 24.56 -24.83
C GLY D 33 20.36 25.98 -24.82
N ILE D 34 20.78 26.78 -23.85
CA ILE D 34 20.28 28.14 -23.70
C ILE D 34 21.18 29.19 -24.33
N LEU D 35 22.48 29.12 -24.07
CA LEU D 35 23.43 30.16 -24.50
C LEU D 35 24.32 29.75 -25.68
N LYS D 36 24.08 28.56 -26.24
CA LYS D 36 24.74 28.09 -27.45
C LYS D 36 26.25 28.08 -27.30
N ARG D 37 26.75 27.57 -26.18
CA ARG D 37 28.18 27.33 -26.01
C ARG D 37 28.39 25.89 -25.56
N PRO D 38 29.37 25.19 -26.18
CA PRO D 38 29.60 23.80 -25.80
C PRO D 38 30.22 23.68 -24.41
N PRO D 39 30.02 22.54 -23.74
CA PRO D 39 30.56 22.29 -22.40
C PRO D 39 32.04 22.63 -22.24
N ASP D 40 32.87 22.25 -23.21
CA ASP D 40 34.31 22.49 -23.11
C ASP D 40 34.72 23.97 -23.19
N GLU D 41 33.77 24.84 -23.58
CA GLU D 41 33.98 26.29 -23.49
C GLU D 41 33.35 26.89 -22.23
N GLN D 42 32.88 26.05 -21.30
CA GLN D 42 32.29 26.52 -20.05
C GLN D 42 33.11 26.09 -18.86
N ARG D 43 33.21 26.99 -17.87
CA ARG D 43 33.63 26.61 -16.51
C ARG D 43 32.51 27.00 -15.55
N LEU D 44 32.08 26.06 -14.72
CA LEU D 44 31.12 26.36 -13.68
C LEU D 44 31.78 26.44 -12.34
N TYR D 45 31.30 27.37 -11.52
CA TYR D 45 31.90 27.64 -10.22
C TYR D 45 30.87 27.58 -9.11
N LYS D 46 31.35 27.27 -7.91
CA LYS D 46 30.61 27.53 -6.70
C LYS D 46 31.47 28.46 -5.85
N ASP D 47 31.05 29.73 -5.78
CA ASP D 47 31.91 30.81 -5.30
C ASP D 47 33.19 30.84 -6.16
N ASP D 48 34.38 30.74 -5.57
CA ASP D 48 35.62 30.76 -6.35
C ASP D 48 36.12 29.36 -6.73
N GLN D 49 35.38 28.32 -6.40
CA GLN D 49 35.83 26.93 -6.63
C GLN D 49 35.33 26.40 -7.97
N LEU D 50 36.26 25.88 -8.77
CA LEU D 50 35.92 25.28 -10.05
C LEU D 50 35.28 23.92 -9.83
N LEU D 51 34.15 23.69 -10.48
CA LEU D 51 33.44 22.43 -10.38
C LEU D 51 33.88 21.43 -11.46
N ASP D 52 34.27 20.23 -11.03
CA ASP D 52 34.65 19.16 -11.95
C ASP D 52 33.41 18.54 -12.61
N ASP D 53 33.53 18.24 -13.89
CA ASP D 53 32.42 17.72 -14.69
C ASP D 53 31.71 16.49 -14.11
N GLY D 54 32.49 15.56 -13.57
CA GLY D 54 31.96 14.29 -13.12
C GLY D 54 31.22 14.34 -11.80
N LYS D 55 31.33 15.44 -11.09
CA LYS D 55 30.75 15.54 -9.76
C LYS D 55 29.26 15.87 -9.83
N THR D 56 28.52 15.45 -8.80
CA THR D 56 27.12 15.75 -8.73
C THR D 56 26.97 17.13 -8.09
N LEU D 57 25.85 17.78 -8.36
CA LEU D 57 25.54 19.05 -7.73
C LEU D 57 25.46 18.92 -6.21
N GLY D 58 24.97 17.79 -5.72
CA GLY D 58 24.84 17.54 -4.28
C GLY D 58 26.17 17.42 -3.56
N GLU D 59 27.13 16.77 -4.24
CA GLU D 59 28.52 16.63 -3.79
C GLU D 59 29.21 17.97 -3.62
N CAS D 60 28.94 18.87 -4.55
CA CAS D 60 29.48 20.23 -4.52
CB CAS D 60 29.52 20.72 -5.97
C CAS D 60 28.65 21.19 -3.67
O CAS D 60 28.85 22.39 -3.74
SG CAS D 60 30.64 19.76 -6.96
AS CAS D 60 32.53 19.91 -5.77
CE1 CAS D 60 33.05 18.06 -5.33
CE2 CAS D 60 33.93 20.71 -6.92
N GLY D 61 27.73 20.67 -2.86
CA GLY D 61 27.05 21.48 -1.85
C GLY D 61 25.79 22.22 -2.28
N PHE D 62 25.23 21.83 -3.43
CA PHE D 62 23.94 22.34 -3.88
C PHE D 62 22.92 21.35 -3.42
N THR D 63 22.22 21.68 -2.34
CA THR D 63 21.21 20.80 -1.78
C THR D 63 19.84 21.44 -1.86
N SER D 64 18.82 20.60 -1.91
CA SER D 64 17.44 21.06 -2.07
C SER D 64 17.08 22.05 -0.99
N GLN D 65 17.57 21.83 0.22
CA GLN D 65 17.22 22.72 1.33
C GLN D 65 18.01 24.04 1.34
N THR D 66 19.03 24.20 0.50
CA THR D 66 19.69 25.50 0.36
C THR D 66 19.44 26.18 -0.99
N ALA D 67 19.30 25.39 -2.05
CA ALA D 67 19.03 25.93 -3.36
C ALA D 67 17.50 25.92 -3.55
N ARG D 68 16.84 26.91 -2.96
CA ARG D 68 15.38 26.89 -2.84
C ARG D 68 14.69 27.69 -3.96
N PRO D 69 13.42 27.35 -4.28
CA PRO D 69 12.69 28.05 -5.32
C PRO D 69 12.71 29.57 -5.13
N GLN D 70 12.51 30.00 -3.89
CA GLN D 70 12.38 31.42 -3.60
C GLN D 70 13.69 32.07 -3.19
N ALA D 71 14.77 31.31 -3.23
CA ALA D 71 16.11 31.77 -2.83
C ALA D 71 17.11 30.81 -3.44
N PRO D 72 17.22 30.82 -4.77
CA PRO D 72 18.06 29.85 -5.45
C PRO D 72 19.54 30.10 -5.21
N ALA D 73 20.35 29.06 -5.39
CA ALA D 73 21.80 29.12 -5.16
C ALA D 73 22.48 29.56 -6.43
N THR D 74 23.64 30.20 -6.30
CA THR D 74 24.32 30.72 -7.48
C THR D 74 25.43 29.79 -7.99
N VAL D 75 25.40 29.53 -9.29
CA VAL D 75 26.48 28.88 -9.99
C VAL D 75 27.11 29.93 -10.87
N GLY D 76 28.43 30.07 -10.79
CA GLY D 76 29.18 30.98 -11.61
C GLY D 76 29.55 30.35 -12.93
N LEU D 77 29.57 31.14 -13.99
CA LEU D 77 29.89 30.67 -15.31
C LEU D 77 30.96 31.58 -15.92
N ALA D 78 31.97 30.98 -16.53
CA ALA D 78 32.97 31.70 -17.33
C ALA D 78 33.11 30.99 -18.67
N PHE D 79 33.23 31.77 -19.74
CA PHE D 79 33.37 31.21 -21.10
C PHE D 79 34.84 31.26 -21.56
N ARG D 80 35.15 30.43 -22.54
CA ARG D 80 36.46 30.44 -23.19
C ARG D 80 36.37 31.19 -24.53
N ALA D 81 37.00 32.36 -24.60
CA ALA D 81 37.17 33.08 -25.86
C ALA D 81 38.57 32.81 -26.40
N ASP D 82 38.65 32.25 -27.60
CA ASP D 82 39.92 31.89 -28.23
C ASP D 82 40.64 30.79 -27.44
N ASP D 83 41.92 30.99 -27.15
CA ASP D 83 42.72 29.99 -26.44
C ASP D 83 42.34 29.81 -24.96
N THR D 84 42.06 30.93 -24.27
CA THR D 84 41.97 30.92 -22.81
C THR D 84 40.59 31.31 -22.26
N PHE D 85 40.31 30.88 -21.04
CA PHE D 85 39.08 31.24 -20.34
C PHE D 85 39.19 32.65 -19.74
N GLU D 86 38.08 33.38 -19.76
CA GLU D 86 38.00 34.65 -19.04
C GLU D 86 37.97 34.37 -17.53
N ALA D 87 38.26 35.39 -16.74
CA ALA D 87 38.11 35.31 -15.29
C ALA D 87 36.61 35.35 -14.94
N LEU D 88 36.25 34.70 -13.83
CA LEU D 88 34.88 34.71 -13.33
C LEU D 88 34.45 36.13 -12.98
N CAS D 89 33.46 36.65 -13.71
CA CAS D 89 32.92 37.99 -13.46
CB CAS D 89 33.25 38.95 -14.62
C CAS D 89 31.42 37.85 -13.32
O CAS D 89 30.75 37.39 -14.23
SG CAS D 89 32.35 40.49 -14.54
AS CAS D 89 33.62 41.23 -12.85
CE1 CAS D 89 34.82 42.68 -13.52
CE2 CAS D 89 32.44 41.95 -11.42
N ILE D 90 30.89 38.24 -12.16
CA ILE D 90 29.45 38.28 -11.94
C ILE D 90 29.10 39.69 -11.50
N GLU D 91 28.39 40.40 -12.37
CA GLU D 91 27.97 41.77 -12.08
C GLU D 91 26.93 41.75 -10.98
N PRO D 92 27.07 42.67 -10.00
CA PRO D 92 26.09 42.67 -8.92
C PRO D 92 24.81 43.32 -9.39
N PHE D 93 23.69 42.86 -8.85
CA PHE D 93 22.41 43.50 -9.12
C PHE D 93 22.48 44.91 -8.54
N SER D 94 21.53 45.75 -8.95
CA SER D 94 21.43 47.12 -8.46
C SER D 94 21.24 47.14 -6.95
N SER D 95 21.39 48.32 -6.36
CA SER D 95 21.24 48.49 -4.93
C SER D 95 19.88 49.09 -4.63
N PRO D 96 19.20 48.59 -3.58
CA PRO D 96 17.96 49.23 -3.18
C PRO D 96 18.20 50.65 -2.67
N PRO D 97 17.17 51.49 -2.71
CA PRO D 97 17.28 52.85 -2.20
C PRO D 97 17.17 52.88 -0.68
N GLU D 98 17.37 54.05 -0.09
CA GLU D 98 17.13 54.23 1.34
C GLU D 98 15.66 54.03 1.63
N LEU D 99 15.35 53.40 2.76
CA LEU D 99 13.96 53.23 3.20
C LEU D 99 13.31 54.58 3.46
N PRO D 100 12.11 54.80 2.89
CA PRO D 100 11.41 56.04 3.19
C PRO D 100 11.12 56.20 4.69
N ASP D 101 10.91 57.44 5.13
CA ASP D 101 10.63 57.73 6.54
C ASP D 101 9.51 56.88 7.13
N VAL D 102 8.42 56.72 6.38
CA VAL D 102 7.25 55.99 6.87
C VAL D 102 7.43 54.46 6.99
N MET D 103 8.63 53.95 6.67
CA MET D 103 8.94 52.51 6.79
C MET D 103 10.10 52.24 7.76
N MET E 1 13.05 22.84 -24.23
CA MET E 1 12.32 23.79 -23.32
C MET E 1 12.41 25.22 -23.86
N MET E 2 11.33 25.96 -23.76
CA MET E 2 11.29 27.32 -24.24
C MET E 2 11.68 28.30 -23.12
N TYR E 3 12.64 29.17 -23.42
CA TYR E 3 13.05 30.21 -22.49
C TYR E 3 12.78 31.60 -23.06
N VAL E 4 12.64 32.59 -22.17
CA VAL E 4 12.52 33.99 -22.58
C VAL E 4 13.52 34.83 -21.80
N LYS E 5 13.84 36.00 -22.32
CA LYS E 5 14.79 36.90 -21.69
C LYS E 5 14.05 38.11 -21.16
N LEU E 6 14.21 38.39 -19.87
CA LEU E 6 13.64 39.57 -19.24
C LEU E 6 14.78 40.47 -18.82
N ILE E 7 14.81 41.67 -19.37
CA ILE E 7 15.94 42.59 -19.19
C ILE E 7 15.51 43.76 -18.31
N SER E 8 16.22 43.94 -17.20
CA SER E 8 15.96 45.03 -16.26
C SER E 8 16.41 46.38 -16.81
N SER E 9 16.08 47.46 -16.09
CA SER E 9 16.45 48.82 -16.51
C SER E 9 17.96 49.07 -16.51
N ASP E 10 18.68 48.36 -15.63
CA ASP E 10 20.15 48.46 -15.55
C ASP E 10 20.89 47.44 -16.41
N GLY E 11 20.19 46.77 -17.32
CA GLY E 11 20.85 45.92 -18.31
C GLY E 11 21.02 44.44 -17.95
N HIS E 12 20.58 44.02 -16.77
CA HIS E 12 20.65 42.59 -16.42
C HIS E 12 19.64 41.79 -17.24
N GLU E 13 20.11 40.67 -17.77
CA GLU E 13 19.31 39.78 -18.62
C GLU E 13 19.00 38.49 -17.88
N PHE E 14 17.73 38.31 -17.52
CA PHE E 14 17.29 37.14 -16.81
C PHE E 14 16.62 36.17 -17.78
N ILE E 15 17.09 34.92 -17.78
CA ILE E 15 16.57 33.92 -18.69
C ILE E 15 15.73 32.96 -17.86
N VAL E 16 14.43 32.90 -18.16
CA VAL E 16 13.51 32.07 -17.41
C VAL E 16 12.66 31.26 -18.38
N LYS E 17 12.11 30.16 -17.88
CA LYS E 17 11.21 29.34 -18.68
C LYS E 17 10.04 30.19 -19.17
N ARG E 18 9.70 30.07 -20.45
CA ARG E 18 8.56 30.79 -21.02
C ARG E 18 7.34 30.60 -20.12
N GLU E 19 7.01 29.34 -19.85
CA GLU E 19 5.91 28.96 -18.96
C GLU E 19 5.90 29.79 -17.66
N HIS E 20 7.05 30.06 -17.08
CA HIS E 20 7.13 30.82 -15.82
C HIS E 20 6.85 32.28 -16.03
N ALA E 21 7.40 32.81 -17.12
CA ALA E 21 7.21 34.20 -17.46
C ALA E 21 5.74 34.51 -17.75
N LEU E 22 5.01 33.57 -18.35
CA LEU E 22 3.59 33.78 -18.65
C LEU E 22 2.67 33.75 -17.40
N THR E 23 3.23 33.53 -16.21
CA THR E 23 2.52 33.88 -14.98
C THR E 23 1.88 35.28 -15.16
N SER E 24 2.67 36.21 -15.68
CA SER E 24 2.22 37.58 -15.92
C SER E 24 1.56 37.74 -17.27
N GLY E 25 0.27 38.05 -17.26
CA GLY E 25 -0.43 38.48 -18.48
C GLY E 25 0.18 39.70 -19.17
N THR E 26 0.79 40.59 -18.40
CA THR E 26 1.43 41.77 -18.99
C THR E 26 2.63 41.36 -19.84
N ILE E 27 3.48 40.49 -19.31
CA ILE E 27 4.61 39.94 -20.05
C ILE E 27 4.16 39.20 -21.30
N LYS E 28 3.08 38.43 -21.18
CA LYS E 28 2.51 37.71 -22.32
C LYS E 28 2.18 38.67 -23.46
N ALA E 29 1.52 39.78 -23.14
CA ALA E 29 1.17 40.80 -24.13
C ALA E 29 2.41 41.47 -24.72
N MET E 30 3.45 41.63 -23.90
CA MET E 30 4.71 42.18 -24.39
C MET E 30 5.50 41.21 -25.28
N LEU E 31 5.24 39.91 -25.18
CA LEU E 31 5.91 38.91 -26.03
C LEU E 31 5.33 38.79 -27.43
N SER E 32 4.03 38.96 -27.54
CA SER E 32 3.34 38.99 -28.83
C SER E 32 2.27 40.07 -28.75
N GLY E 33 2.40 41.11 -29.58
CA GLY E 33 1.42 42.18 -29.59
C GLY E 33 1.74 43.30 -30.57
N ASN E 40 12.83 45.49 -28.18
CA ASN E 40 12.64 44.11 -27.76
C ASN E 40 12.75 43.14 -28.94
N GLU E 41 13.77 42.28 -28.92
CA GLU E 41 13.92 41.19 -29.91
C GLU E 41 12.95 40.04 -29.60
N THR E 42 12.89 39.03 -30.48
CA THR E 42 11.96 37.91 -30.31
C THR E 42 12.27 37.18 -28.99
N ASN E 43 11.23 36.87 -28.22
CA ASN E 43 11.37 36.19 -26.93
C ASN E 43 12.12 37.03 -25.89
N GLU E 44 12.25 38.33 -26.12
CA GLU E 44 12.93 39.22 -25.17
C GLU E 44 12.00 40.35 -24.79
N VAL E 45 12.08 40.79 -23.54
CA VAL E 45 11.26 41.91 -23.07
C VAL E 45 12.14 42.81 -22.23
N ASN E 46 12.06 44.11 -22.50
CA ASN E 46 12.78 45.13 -21.73
C ASN E 46 11.86 45.83 -20.74
N PHE E 47 12.37 46.07 -19.54
CA PHE E 47 11.63 46.75 -18.48
C PHE E 47 12.42 48.01 -18.10
N ARG E 48 11.92 49.16 -18.54
CA ARG E 48 12.62 50.42 -18.34
C ARG E 48 12.50 50.94 -16.93
N GLU E 49 11.50 50.46 -16.18
CA GLU E 49 11.27 50.92 -14.82
C GLU E 49 11.60 49.89 -13.76
N ILE E 50 11.95 48.67 -14.16
CA ILE E 50 12.21 47.62 -13.18
C ILE E 50 13.71 47.33 -13.13
N PRO E 51 14.37 47.73 -12.02
CA PRO E 51 15.79 47.42 -11.87
C PRO E 51 16.04 45.97 -11.46
N SER E 52 17.30 45.54 -11.53
CA SER E 52 17.65 44.13 -11.33
C SER E 52 17.39 43.61 -9.91
N HIS E 53 17.53 44.47 -8.90
CA HIS E 53 17.25 44.01 -7.53
C HIS E 53 15.76 43.72 -7.32
N VAL E 54 14.92 44.23 -8.21
CA VAL E 54 13.49 43.95 -8.21
C VAL E 54 13.14 42.79 -9.15
N LEU E 55 13.66 42.85 -10.38
CA LEU E 55 13.27 41.86 -11.40
C LEU E 55 13.80 40.45 -11.08
N SER E 56 15.00 40.36 -10.50
CA SER E 56 15.49 39.07 -10.02
C SER E 56 14.51 38.44 -9.01
N LYS E 57 13.93 39.27 -8.16
CA LYS E 57 12.95 38.80 -7.19
C LYS E 57 11.70 38.33 -7.85
N VAL E 58 11.32 39.02 -8.94
CA VAL E 58 10.13 38.67 -9.68
C VAL E 58 10.32 37.28 -10.27
N CYS E 59 11.49 37.02 -10.83
CA CYS E 59 11.81 35.71 -11.38
C CYS E 59 11.79 34.62 -10.31
N MET E 60 12.30 34.93 -9.13
CA MET E 60 12.26 33.97 -8.03
C MET E 60 10.80 33.65 -7.66
N TYR E 61 9.95 34.68 -7.64
CA TYR E 61 8.52 34.44 -7.40
C TYR E 61 7.96 33.43 -8.40
N PHE E 62 8.26 33.60 -9.69
CA PHE E 62 7.74 32.66 -10.68
C PHE E 62 8.11 31.23 -10.31
N THR E 63 9.38 31.03 -9.95
CA THR E 63 9.86 29.69 -9.58
C THR E 63 9.08 29.17 -8.39
N TYR E 64 8.94 30.01 -7.37
CA TYR E 64 8.22 29.68 -6.15
C TYR E 64 6.76 29.31 -6.44
N LYS E 65 6.09 30.12 -7.25
CA LYS E 65 4.67 29.88 -7.56
C LYS E 65 4.46 28.56 -8.30
N VAL E 66 5.25 28.35 -9.35
CA VAL E 66 5.14 27.12 -10.15
C VAL E 66 5.46 25.91 -9.27
N ARG E 67 6.43 26.05 -8.37
CA ARG E 67 6.78 24.96 -7.48
C ARG E 67 5.71 24.62 -6.46
N TYR E 68 5.13 25.63 -5.82
CA TYR E 68 4.30 25.38 -4.66
C TYR E 68 2.80 25.46 -4.90
N THR E 69 2.36 25.86 -6.10
CA THR E 69 0.92 25.92 -6.39
C THR E 69 0.37 24.50 -6.49
N ASN E 70 -0.78 24.27 -5.86
CA ASN E 70 -1.42 22.94 -5.80
C ASN E 70 -0.48 21.86 -5.29
N SER E 71 0.19 22.15 -4.17
CA SER E 71 1.21 21.28 -3.64
C SER E 71 0.76 20.62 -2.34
N SER E 72 1.18 19.38 -2.13
CA SER E 72 0.88 18.67 -0.88
C SER E 72 1.78 19.19 0.24
N THR E 73 3.08 19.31 -0.05
CA THR E 73 4.09 19.74 0.94
C THR E 73 3.75 21.07 1.63
N GLU E 74 4.45 21.34 2.72
CA GLU E 74 4.30 22.60 3.43
C GLU E 74 4.95 23.73 2.62
N ILE E 75 4.30 24.88 2.63
CA ILE E 75 4.68 26.01 1.81
C ILE E 75 5.46 27.01 2.66
N PRO E 76 6.65 27.43 2.20
CA PRO E 76 7.37 28.46 2.92
C PRO E 76 6.89 29.85 2.53
N GLU E 77 7.18 30.81 3.39
CA GLU E 77 6.84 32.20 3.15
C GLU E 77 7.71 32.72 2.02
N PHE E 78 7.14 33.47 1.10
CA PHE E 78 7.97 34.14 0.12
C PHE E 78 8.60 35.38 0.78
N PRO E 79 9.95 35.44 0.80
CA PRO E 79 10.65 36.49 1.51
C PRO E 79 10.76 37.78 0.67
N ILE E 80 10.51 38.92 1.30
CA ILE E 80 10.70 40.22 0.66
C ILE E 80 11.37 41.18 1.62
N ALA E 81 12.61 41.55 1.34
CA ALA E 81 13.31 42.49 2.20
C ALA E 81 12.54 43.81 2.25
N PRO E 82 12.49 44.45 3.41
CA PRO E 82 11.79 45.73 3.51
C PRO E 82 12.23 46.75 2.46
N GLU E 83 13.51 46.72 2.10
CA GLU E 83 14.10 47.75 1.25
C GLU E 83 13.62 47.70 -0.20
N ILE E 84 13.13 46.54 -0.64
CA ILE E 84 12.63 46.38 -2.01
C ILE E 84 11.11 46.26 -2.09
N ALA E 85 10.42 46.35 -0.96
CA ALA E 85 9.00 46.03 -0.91
C ALA E 85 8.15 46.96 -1.77
N LEU E 86 8.41 48.26 -1.69
CA LEU E 86 7.60 49.26 -2.40
C LEU E 86 7.75 49.11 -3.90
N GLU E 87 8.98 48.98 -4.36
CA GLU E 87 9.26 48.82 -5.76
C GLU E 87 8.69 47.51 -6.27
N LEU E 88 8.83 46.44 -5.48
CA LEU E 88 8.32 45.14 -5.91
C LEU E 88 6.80 45.18 -6.03
N LEU E 89 6.15 45.94 -5.15
CA LEU E 89 4.70 46.11 -5.20
C LEU E 89 4.29 46.76 -6.52
N MET E 90 5.01 47.82 -6.90
CA MET E 90 4.76 48.52 -8.16
C MET E 90 4.99 47.56 -9.33
N ALA E 91 6.07 46.79 -9.32
CA ALA E 91 6.29 45.83 -10.40
C ALA E 91 5.15 44.82 -10.46
N ALA E 92 4.74 44.29 -9.30
CA ALA E 92 3.70 43.26 -9.29
C ALA E 92 2.39 43.81 -9.83
N ASN E 93 2.08 45.06 -9.51
CA ASN E 93 0.88 45.73 -10.00
C ASN E 93 0.94 45.85 -11.52
N PHE E 94 2.08 46.31 -12.04
CA PHE E 94 2.27 46.47 -13.48
C PHE E 94 2.21 45.14 -14.22
N LEU E 95 2.79 44.09 -13.64
CA LEU E 95 2.83 42.76 -14.26
C LEU E 95 1.60 41.87 -13.95
N ASP E 96 0.76 42.31 -13.02
CA ASP E 96 -0.44 41.59 -12.60
C ASP E 96 -0.14 40.19 -12.11
N CYS E 97 0.78 40.07 -11.16
CA CYS E 97 1.19 38.75 -10.68
C CYS E 97 1.27 38.71 -9.15
N VAL F 11 -26.59 31.73 3.90
CA VAL F 11 -26.03 30.61 3.09
C VAL F 11 -24.86 29.96 3.83
N LEU F 12 -23.78 30.71 4.05
CA LEU F 12 -22.63 30.20 4.79
C LEU F 12 -22.89 30.25 6.30
N ARG F 13 -23.22 29.09 6.85
CA ARG F 13 -23.57 28.93 8.26
C ARG F 13 -23.31 27.48 8.63
N SER F 14 -22.96 27.22 9.88
CA SER F 14 -22.85 25.84 10.32
C SER F 14 -24.23 25.21 10.35
N VAL F 15 -24.31 23.92 10.03
CA VAL F 15 -25.53 23.16 10.24
C VAL F 15 -25.56 22.73 11.70
N ASN F 16 -26.73 22.80 12.34
CA ASN F 16 -26.84 22.36 13.73
C ASN F 16 -27.04 20.83 13.80
N SER F 17 -25.99 20.09 13.45
CA SER F 17 -26.10 18.64 13.29
C SER F 17 -26.12 17.88 14.61
N ARG F 18 -25.45 18.43 15.62
CA ARG F 18 -25.31 17.77 16.91
C ARG F 18 -24.61 16.42 16.76
N GLU F 19 -23.80 16.25 15.71
CA GLU F 19 -23.16 14.97 15.41
C GLU F 19 -21.64 15.10 15.59
N PRO F 20 -21.10 14.64 16.73
CA PRO F 20 -19.69 14.91 17.05
C PRO F 20 -18.71 14.49 15.95
N SER F 21 -17.68 15.30 15.78
CA SER F 21 -16.55 15.01 14.89
C SER F 21 -15.30 15.63 15.49
N GLN F 22 -14.29 14.81 15.76
CA GLN F 22 -13.04 15.29 16.37
C GLN F 22 -12.07 15.68 15.26
N VAL F 23 -11.32 16.75 15.49
CA VAL F 23 -10.52 17.35 14.45
C VAL F 23 -9.15 17.67 15.03
N ILE F 24 -8.10 17.45 14.25
CA ILE F 24 -6.78 18.01 14.55
C ILE F 24 -6.60 19.27 13.72
N PHE F 25 -6.51 20.41 14.39
CA PHE F 25 -6.11 21.64 13.71
C PHE F 25 -4.60 21.60 13.74
N CAS F 26 -3.95 21.54 12.58
CA CAS F 26 -2.48 21.45 12.50
CB CAS F 26 -2.09 20.15 11.80
C CAS F 26 -1.98 22.64 11.74
O CAS F 26 -2.18 22.74 10.52
SG CAS F 26 -0.33 20.01 11.60
AS CAS F 26 0.29 19.38 13.62
CE1 CAS F 26 1.61 20.69 14.25
CE2 CAS F 26 1.33 17.69 13.44
N ASN F 27 -1.32 23.56 12.45
CA ASN F 27 -0.80 24.77 11.83
C ASN F 27 0.55 24.52 11.15
N ARG F 28 0.53 24.29 9.85
CA ARG F 28 1.76 24.16 9.05
C ARG F 28 2.09 25.46 8.32
N SER F 29 2.01 26.56 9.05
CA SER F 29 2.32 27.87 8.54
C SER F 29 3.24 28.56 9.54
N PRO F 30 3.91 29.63 9.12
CA PRO F 30 4.72 30.43 10.04
C PRO F 30 3.92 31.54 10.73
N ARG F 31 2.61 31.59 10.50
CA ARG F 31 1.76 32.60 11.12
C ARG F 31 1.11 32.06 12.41
N VAL F 32 0.76 32.98 13.31
CA VAL F 32 -0.15 32.67 14.42
C VAL F 32 -1.51 32.53 13.79
N VAL F 33 -2.15 31.38 13.98
CA VAL F 33 -3.40 31.09 13.28
C VAL F 33 -4.64 31.36 14.17
N LEU F 34 -5.61 32.05 13.59
CA LEU F 34 -6.91 32.26 14.22
C LEU F 34 -7.94 31.37 13.53
N PRO F 35 -8.44 30.34 14.24
CA PRO F 35 -9.52 29.58 13.67
C PRO F 35 -10.81 30.36 13.86
N VAL F 36 -11.68 30.37 12.85
CA VAL F 36 -12.96 31.07 12.91
C VAL F 36 -14.09 30.10 12.58
N TRP F 37 -15.03 29.92 13.51
CA TRP F 37 -16.19 29.05 13.30
C TRP F 37 -17.38 29.90 12.86
N LEU F 38 -18.05 29.52 11.79
CA LEU F 38 -19.24 30.22 11.37
C LEU F 38 -20.43 29.67 12.15
N ASN F 39 -21.04 30.49 12.99
CA ASN F 39 -22.11 30.00 13.84
C ASN F 39 -23.41 29.77 13.07
N PHE F 40 -24.47 29.37 13.77
CA PHE F 40 -25.71 28.97 13.09
C PHE F 40 -26.41 30.11 12.35
N ASP F 41 -26.12 31.35 12.75
CA ASP F 41 -26.59 32.56 12.01
C ASP F 41 -25.57 33.09 11.02
N GLY F 42 -24.49 32.35 10.83
CA GLY F 42 -23.43 32.77 9.91
C GLY F 42 -22.52 33.87 10.41
N GLU F 43 -22.55 34.15 11.72
CA GLU F 43 -21.62 35.11 12.33
C GLU F 43 -20.26 34.45 12.57
N PRO F 44 -19.15 35.10 12.18
CA PRO F 44 -17.85 34.54 12.53
C PRO F 44 -17.61 34.53 14.04
N GLN F 45 -17.24 33.37 14.58
CA GLN F 45 -16.87 33.28 15.99
C GLN F 45 -15.39 32.89 16.07
N PRO F 46 -14.55 33.78 16.60
CA PRO F 46 -13.12 33.47 16.74
C PRO F 46 -12.90 32.47 17.87
N TYR F 47 -11.93 31.58 17.68
CA TYR F 47 -11.50 30.58 18.66
C TYR F 47 -10.04 30.81 19.06
N PRO F 48 -9.53 30.09 20.08
CA PRO F 48 -8.15 30.31 20.55
C PRO F 48 -7.08 30.11 19.46
N THR F 49 -6.03 30.92 19.47
CA THR F 49 -5.04 30.88 18.41
C THR F 49 -4.08 29.69 18.50
N LEU F 50 -3.45 29.34 17.39
CA LEU F 50 -2.37 28.33 17.34
C LEU F 50 -1.04 28.96 16.91
N PRO F 51 0.00 28.87 17.77
CA PRO F 51 1.32 29.34 17.32
C PRO F 51 1.80 28.50 16.13
N PRO F 52 2.79 29.01 15.37
CA PRO F 52 3.36 28.30 14.23
C PRO F 52 3.80 26.88 14.55
N GLY F 53 3.46 25.94 13.68
CA GLY F 53 3.97 24.58 13.81
C GLY F 53 3.39 23.78 14.94
N THR F 54 2.28 24.24 15.50
CA THR F 54 1.63 23.53 16.61
C THR F 54 0.28 22.98 16.17
N GLY F 55 -0.21 22.02 16.95
CA GLY F 55 -1.47 21.34 16.70
C GLY F 55 -2.32 21.24 17.95
N ARG F 56 -3.63 21.09 17.73
CA ARG F 56 -4.60 20.97 18.80
C ARG F 56 -5.67 19.97 18.35
N ARG F 57 -6.07 19.08 19.25
CA ARG F 57 -7.16 18.15 19.01
C ARG F 57 -8.41 18.78 19.60
N ILE F 58 -9.43 18.99 18.77
CA ILE F 58 -10.61 19.75 19.17
C ILE F 58 -11.94 19.01 18.88
N HIS F 59 -12.97 19.35 19.66
CA HIS F 59 -14.31 18.80 19.45
C HIS F 59 -15.16 19.73 18.59
N SER F 60 -15.64 19.23 17.47
CA SER F 60 -16.52 20.00 16.60
C SER F 60 -17.64 19.09 16.16
N TYR F 61 -18.29 19.41 15.05
CA TYR F 61 -19.48 18.66 14.61
C TYR F 61 -19.58 18.61 13.10
N ARG F 62 -20.25 17.57 12.59
CA ARG F 62 -20.44 17.43 11.16
C ARG F 62 -21.26 18.59 10.65
N GLY F 63 -20.91 19.09 9.47
CA GLY F 63 -21.61 20.21 8.84
C GLY F 63 -21.27 21.58 9.42
N HIS F 64 -20.34 21.64 10.37
CA HIS F 64 -19.88 22.92 10.90
C HIS F 64 -18.79 23.51 9.99
N LEU F 65 -18.81 24.81 9.80
CA LEU F 65 -17.93 25.53 8.86
C LEU F 65 -16.84 26.30 9.61
N TRP F 66 -15.59 26.13 9.18
CA TRP F 66 -14.45 26.82 9.78
C TRP F 66 -13.62 27.48 8.68
N LEU F 67 -13.00 28.60 9.00
CA LEU F 67 -11.90 29.10 8.17
C LEU F 67 -10.78 29.55 9.06
N PHE F 68 -9.64 29.88 8.47
CA PHE F 68 -8.44 30.12 9.25
C PHE F 68 -7.69 31.34 8.73
N ARG F 69 -7.29 32.21 9.66
CA ARG F 69 -6.58 33.44 9.31
C ARG F 69 -5.32 33.61 10.10
N ASP F 70 -4.47 34.49 9.61
CA ASP F 70 -3.39 35.03 10.40
C ASP F 70 -4.05 35.86 11.49
N ALA F 71 -3.79 35.55 12.76
CA ALA F 71 -4.42 36.25 13.89
C ALA F 71 -4.06 37.74 14.02
N GLY F 72 -2.88 38.14 13.54
CA GLY F 72 -2.46 39.53 13.65
C GLY F 72 -2.94 40.42 12.53
N THR F 73 -3.00 39.88 11.33
CA THR F 73 -3.27 40.64 10.13
C THR F 73 -4.55 40.26 9.41
N HIS F 74 -5.09 39.08 9.72
CA HIS F 74 -6.26 38.54 9.01
C HIS F 74 -6.00 38.09 7.60
N ASP F 75 -4.73 37.96 7.22
CA ASP F 75 -4.39 37.33 5.94
C ASP F 75 -5.08 35.97 5.86
N GLY F 76 -5.55 35.63 4.67
CA GLY F 76 -6.21 34.36 4.46
C GLY F 76 -5.23 33.21 4.50
N LEU F 77 -5.69 32.08 5.03
CA LEU F 77 -4.95 30.85 5.04
C LEU F 77 -5.77 29.71 4.42
N LEU F 78 -5.10 28.64 4.04
CA LEU F 78 -5.76 27.48 3.46
C LEU F 78 -5.85 26.38 4.50
N VAL F 79 -6.87 25.54 4.34
CA VAL F 79 -7.07 24.36 5.16
C VAL F 79 -7.39 23.22 4.20
N ASN F 80 -6.57 22.19 4.25
CA ASN F 80 -6.58 21.14 3.23
C ASN F 80 -6.72 21.69 1.82
N GLN F 81 -5.86 22.64 1.49
CA GLN F 81 -5.78 23.20 0.15
C GLN F 81 -6.96 24.05 -0.25
N THR F 82 -7.85 24.41 0.67
CA THR F 82 -8.98 25.24 0.28
C THR F 82 -9.36 26.23 1.36
N GLU F 83 -10.40 27.02 1.09
CA GLU F 83 -10.82 28.11 1.97
C GLU F 83 -11.55 27.60 3.21
N LEU F 84 -12.52 26.72 3.00
CA LEU F 84 -13.41 26.30 4.09
C LEU F 84 -13.14 24.86 4.49
N PHE F 85 -13.29 24.59 5.78
CA PHE F 85 -13.17 23.26 6.31
C PHE F 85 -14.47 22.85 6.99
N VAL F 86 -14.97 21.68 6.59
CA VAL F 86 -16.18 21.09 7.15
C VAL F 86 -15.83 19.73 7.71
N PRO F 87 -15.91 19.57 9.04
CA PRO F 87 -15.66 18.24 9.59
C PRO F 87 -16.59 17.19 9.00
N SER F 88 -16.02 16.04 8.66
CA SER F 88 -16.74 14.92 8.10
C SER F 88 -16.80 13.76 9.10
N LEU F 89 -17.36 12.64 8.67
CA LEU F 89 -17.42 11.42 9.48
C LEU F 89 -16.02 10.94 9.87
N ASN F 90 -15.84 10.66 11.17
CA ASN F 90 -14.61 10.03 11.70
C ASN F 90 -14.65 8.53 11.46
N VAL F 91 -13.92 8.05 10.46
CA VAL F 91 -13.88 6.62 10.16
C VAL F 91 -13.00 5.88 11.20
N ASP F 92 -13.59 4.85 11.83
CA ASP F 92 -12.95 4.05 12.87
C ASP F 92 -12.45 4.86 14.08
N GLY F 93 -13.14 5.97 14.36
CA GLY F 93 -12.74 6.86 15.45
C GLY F 93 -11.60 7.83 15.17
N GLN F 94 -11.03 7.77 13.97
CA GLN F 94 -9.86 8.62 13.66
C GLN F 94 -10.28 10.08 13.46
N PRO F 95 -9.55 11.03 14.06
CA PRO F 95 -9.90 12.43 13.88
C PRO F 95 -9.59 12.93 12.48
N ILE F 96 -10.34 13.93 12.02
CA ILE F 96 -10.09 14.51 10.71
C ILE F 96 -8.89 15.42 10.86
N PHE F 97 -7.97 15.37 9.90
CA PHE F 97 -6.83 16.27 9.92
C PHE F 97 -7.19 17.53 9.18
N ALA F 98 -7.12 18.67 9.87
CA ALA F 98 -7.24 19.98 9.23
C ALA F 98 -5.84 20.64 9.09
N ASN F 99 -5.30 20.55 7.88
CA ASN F 99 -3.93 20.99 7.59
C ASN F 99 -3.91 22.44 7.10
N ILE F 100 -3.45 23.32 7.98
CA ILE F 100 -3.52 24.75 7.77
C ILE F 100 -2.18 25.25 7.22
N THR F 101 -2.22 25.86 6.04
CA THR F 101 -0.99 26.30 5.35
C THR F 101 -1.16 27.67 4.76
N LEU F 102 -0.02 28.28 4.40
CA LEU F 102 -0.05 29.51 3.63
C LEU F 102 -0.59 29.14 2.27
N PRO F 103 -1.41 30.00 1.68
CA PRO F 103 -1.59 29.87 0.25
C PRO F 103 -0.33 30.33 -0.46
N VAL F 104 -0.26 30.08 -1.77
CA VAL F 104 0.62 30.83 -2.61
C VAL F 104 -0.06 32.17 -2.91
N TYR F 105 0.28 33.19 -2.14
CA TYR F 105 -0.21 34.52 -2.40
C TYR F 105 0.33 34.99 -3.73
N THR F 106 -0.42 35.88 -4.38
CA THR F 106 0.09 36.59 -5.52
C THR F 106 1.23 37.43 -4.99
N LEU F 107 2.16 37.79 -5.88
CA LEU F 107 3.24 38.68 -5.51
C LEU F 107 2.68 40.02 -5.04
N LYS F 108 1.65 40.52 -5.71
CA LYS F 108 1.05 41.80 -5.28
C LYS F 108 0.57 41.71 -3.85
N GLU F 109 -0.20 40.68 -3.54
CA GLU F 109 -0.75 40.55 -2.20
C GLU F 109 0.33 40.39 -1.15
N ARG F 110 1.38 39.65 -1.50
CA ARG F 110 2.50 39.43 -0.59
C ARG F 110 3.21 40.72 -0.31
N CYS F 111 3.41 41.54 -1.35
CA CYS F 111 4.03 42.85 -1.19
C CYS F 111 3.18 43.73 -0.31
N LEU F 112 1.86 43.71 -0.52
CA LEU F 112 0.96 44.52 0.32
C LEU F 112 1.10 44.13 1.79
N GLN F 113 1.16 42.83 2.07
CA GLN F 113 1.32 42.38 3.46
C GLN F 113 2.59 42.96 4.07
N VAL F 114 3.69 42.91 3.33
CA VAL F 114 4.96 43.40 3.84
C VAL F 114 4.93 44.91 4.07
N VAL F 115 4.32 45.65 3.15
CA VAL F 115 4.20 47.10 3.32
C VAL F 115 3.29 47.44 4.50
N ARG F 116 2.15 46.75 4.62
CA ARG F 116 1.25 46.94 5.76
C ARG F 116 1.93 46.63 7.10
N SER F 117 2.81 45.64 7.11
CA SER F 117 3.57 45.32 8.32
C SER F 117 4.66 46.37 8.67
N LEU F 118 4.98 47.27 7.75
CA LEU F 118 6.03 48.27 7.98
C LEU F 118 5.56 49.71 8.10
N VAL F 119 4.39 50.01 7.55
CA VAL F 119 3.87 51.37 7.52
C VAL F 119 2.57 51.42 8.31
N LYS F 120 2.50 52.35 9.27
CA LYS F 120 1.25 52.56 10.01
C LYS F 120 0.15 53.00 9.04
N PRO F 121 -1.10 52.57 9.28
CA PRO F 121 -2.15 52.92 8.32
C PRO F 121 -2.38 54.43 8.07
N GLU F 122 -1.99 55.29 9.01
CA GLU F 122 -2.10 56.74 8.81
C GLU F 122 -1.09 57.27 7.81
N ASN F 123 -0.07 56.47 7.52
CA ASN F 123 1.01 56.88 6.63
C ASN F 123 0.97 56.24 5.23
N TYR F 124 -0.01 55.38 4.95
CA TYR F 124 -0.12 54.79 3.60
C TYR F 124 -0.16 55.92 2.57
N ARG F 125 -0.97 56.93 2.85
CA ARG F 125 -1.16 58.05 1.94
C ARG F 125 0.13 58.82 1.63
N ARG F 126 1.16 58.69 2.48
CA ARG F 126 2.44 59.39 2.26
C ARG F 126 3.40 58.60 1.36
N LEU F 127 3.01 57.39 0.98
CA LEU F 127 3.84 56.56 0.10
C LEU F 127 3.76 57.07 -1.34
N ASP F 128 4.90 57.11 -2.02
CA ASP F 128 4.95 57.58 -3.40
C ASP F 128 4.49 56.47 -4.36
N ILE F 129 3.18 56.28 -4.44
CA ILE F 129 2.55 55.25 -5.26
C ILE F 129 1.18 55.74 -5.76
N VAL F 130 0.66 55.09 -6.79
CA VAL F 130 -0.66 55.47 -7.36
C VAL F 130 -1.82 55.26 -6.39
N ARG F 131 -2.87 56.06 -6.56
CA ARG F 131 -4.02 56.02 -5.65
C ARG F 131 -4.60 54.61 -5.46
N SER F 132 -4.71 53.84 -6.54
CA SER F 132 -5.25 52.50 -6.46
C SER F 132 -4.45 51.62 -5.49
N LEU F 133 -3.14 51.82 -5.40
CA LEU F 133 -2.34 51.08 -4.42
C LEU F 133 -2.55 51.54 -2.97
N TYR F 134 -2.86 52.83 -2.75
CA TYR F 134 -3.29 53.29 -1.43
C TYR F 134 -4.52 52.51 -1.05
N GLU F 135 -5.48 52.45 -1.98
CA GLU F 135 -6.73 51.72 -1.73
C GLU F 135 -6.49 50.22 -1.49
N ASP F 136 -5.61 49.62 -2.28
CA ASP F 136 -5.32 48.20 -2.09
C ASP F 136 -4.72 47.97 -0.70
N LEU F 137 -3.86 48.89 -0.25
CA LEU F 137 -3.33 48.82 1.10
C LEU F 137 -4.42 49.00 2.16
N GLU F 138 -5.28 50.00 1.98
CA GLU F 138 -6.31 50.33 2.98
C GLU F 138 -7.37 49.24 3.06
N ASP F 139 -7.64 48.56 1.96
CA ASP F 139 -8.63 47.51 1.93
C ASP F 139 -7.99 46.20 2.42
N HIS F 140 -7.65 46.15 3.71
CA HIS F 140 -6.92 44.99 4.22
C HIS F 140 -7.82 43.77 4.36
N PRO F 141 -7.21 42.57 4.44
CA PRO F 141 -8.00 41.37 4.59
C PRO F 141 -8.95 41.43 5.78
N ASN F 142 -10.07 40.75 5.65
CA ASN F 142 -11.15 40.81 6.62
C ASN F 142 -12.08 39.64 6.31
N VAL F 143 -12.61 39.00 7.35
CA VAL F 143 -13.42 37.80 7.18
C VAL F 143 -14.78 38.12 6.54
N GLN F 144 -15.40 39.21 6.96
CA GLN F 144 -16.70 39.61 6.41
C GLN F 144 -16.64 39.77 4.90
N LYS F 145 -15.60 40.45 4.42
CA LYS F 145 -15.38 40.66 2.99
C LYS F 145 -15.37 39.32 2.27
N ASP F 146 -14.63 38.37 2.82
CA ASP F 146 -14.52 37.06 2.19
C ASP F 146 -15.84 36.28 2.27
N LEU F 147 -16.59 36.46 3.35
CA LEU F 147 -17.90 35.79 3.48
C LEU F 147 -18.87 36.27 2.42
N GLU F 148 -18.89 37.58 2.17
CA GLU F 148 -19.70 38.17 1.11
C GLU F 148 -19.22 37.74 -0.29
N ARG F 149 -17.90 37.56 -0.44
CA ARG F 149 -17.33 37.14 -1.72
C ARG F 149 -17.61 35.65 -1.98
N LEU F 150 -17.42 34.82 -0.96
CA LEU F 150 -17.71 33.38 -1.05
C LEU F 150 -19.19 33.08 -1.28
N THR F 151 -20.06 34.02 -0.91
CA THR F 151 -21.50 33.90 -1.16
C THR F 151 -21.84 34.25 -2.61
N GLN F 152 -21.38 35.42 -3.06
CA GLN F 152 -21.60 35.85 -4.45
C GLN F 152 -21.03 34.89 -5.51
N GLU F 153 -20.14 33.99 -5.09
CA GLU F 153 -19.68 32.89 -5.94
C GLU F 153 -20.76 31.83 -6.10
N MET G 1 12.31 -13.20 29.42
CA MET G 1 12.17 -11.95 30.23
C MET G 1 12.56 -10.73 29.40
N ASP G 2 11.60 -9.84 29.16
CA ASP G 2 11.82 -8.64 28.39
C ASP G 2 12.51 -7.56 29.20
N VAL G 3 13.38 -6.80 28.54
CA VAL G 3 13.98 -5.61 29.10
C VAL G 3 13.64 -4.44 28.18
N PHE G 4 13.43 -3.28 28.78
CA PHE G 4 13.00 -2.10 28.03
C PHE G 4 14.08 -1.05 28.14
N LEU G 5 14.46 -0.52 26.98
CA LEU G 5 15.71 0.22 26.84
C LEU G 5 15.52 1.55 26.14
N MET G 6 16.36 2.51 26.49
CA MET G 6 16.61 3.67 25.67
C MET G 6 18.04 3.56 25.16
N ILE G 7 18.23 3.55 23.85
CA ILE G 7 19.58 3.54 23.28
C ILE G 7 19.89 4.97 22.86
N ARG G 8 20.87 5.57 23.51
CA ARG G 8 21.06 7.01 23.44
C ARG G 8 22.43 7.48 22.94
N ARG G 9 22.40 8.44 22.01
CA ARG G 9 23.60 9.07 21.49
C ARG G 9 23.29 10.51 21.15
N HIS G 10 24.10 11.43 21.70
CA HIS G 10 23.96 12.86 21.43
C HIS G 10 22.48 13.21 21.70
N LYS G 11 21.74 13.66 20.68
CA LYS G 11 20.32 14.00 20.85
C LYS G 11 19.40 12.97 20.19
N THR G 12 19.91 11.75 20.06
CA THR G 12 19.14 10.63 19.51
C THR G 12 18.83 9.66 20.65
N THR G 13 17.56 9.27 20.78
CA THR G 13 17.14 8.28 21.77
C THR G 13 16.22 7.27 21.10
N ILE G 14 16.64 6.00 21.03
CA ILE G 14 15.80 4.94 20.52
C ILE G 14 15.13 4.22 21.68
N PHE G 15 13.81 4.10 21.63
CA PHE G 15 13.06 3.24 22.53
C PHE G 15 12.90 1.85 21.90
N THR G 16 13.39 0.82 22.57
CA THR G 16 13.13 -0.54 22.10
C THR G 16 13.22 -1.49 23.27
N ASP G 17 12.92 -2.75 23.00
CA ASP G 17 12.98 -3.79 24.01
C ASP G 17 13.69 -5.01 23.44
N ALA G 18 14.10 -5.90 24.32
CA ALA G 18 14.81 -7.12 23.95
C ALA G 18 14.70 -8.12 25.10
N LYS G 19 15.24 -9.31 24.91
CA LYS G 19 15.23 -10.33 25.95
C LYS G 19 16.49 -10.23 26.83
N GLU G 20 16.34 -10.57 28.11
CA GLU G 20 17.51 -10.77 28.97
C GLU G 20 18.54 -11.69 28.29
N SER G 21 18.05 -12.66 27.54
CA SER G 21 18.88 -13.68 26.91
C SER G 21 19.54 -13.23 25.60
N SER G 22 19.09 -12.11 25.03
CA SER G 22 19.64 -11.62 23.77
C SER G 22 20.99 -10.96 24.00
N THR G 23 21.82 -10.92 22.96
CA THR G 23 23.17 -10.40 23.05
C THR G 23 23.31 -8.93 22.72
N VAL G 24 24.44 -8.38 23.13
CA VAL G 24 24.83 -7.03 22.78
C VAL G 24 24.86 -6.88 21.25
N PHE G 25 25.35 -7.92 20.57
CA PHE G 25 25.47 -7.90 19.11
C PHE G 25 24.10 -7.77 18.44
N GLU G 26 23.12 -8.52 18.93
CA GLU G 26 21.77 -8.49 18.39
C GLU G 26 21.10 -7.15 18.63
N LEU G 27 21.52 -6.48 19.69
CA LEU G 27 21.08 -5.11 19.96
C LEU G 27 21.69 -4.14 18.94
N LYS G 28 22.95 -4.38 18.57
CA LYS G 28 23.61 -3.60 17.51
C LYS G 28 22.95 -3.76 16.14
N ARG G 29 22.44 -4.95 15.81
CA ARG G 29 21.66 -5.15 14.58
C ARG G 29 20.36 -4.33 14.58
N ILE G 30 19.73 -4.21 15.74
CA ILE G 30 18.51 -3.40 15.85
C ILE G 30 18.87 -1.94 15.55
N VAL G 31 19.94 -1.47 16.16
CA VAL G 31 20.42 -0.11 15.91
C VAL G 31 20.75 0.10 14.44
N GLU G 32 21.30 -0.93 13.80
CA GLU G 32 21.64 -0.89 12.38
C GLU G 32 20.40 -0.70 11.50
N GLY G 33 19.35 -1.47 11.79
CA GLY G 33 18.09 -1.33 11.08
C GLY G 33 17.54 0.09 11.15
N ILE G 34 17.76 0.74 12.29
CA ILE G 34 17.23 2.09 12.52
C ILE G 34 18.15 3.18 11.96
N LEU G 35 19.40 3.21 12.41
CA LEU G 35 20.30 4.32 12.10
C LEU G 35 21.27 4.07 10.94
N LYS G 36 21.20 2.88 10.35
CA LYS G 36 21.95 2.54 9.12
C LYS G 36 23.47 2.61 9.31
N ARG G 37 23.92 1.95 10.37
CA ARG G 37 25.33 1.84 10.69
C ARG G 37 25.55 0.43 11.21
N PRO G 38 26.49 -0.32 10.61
CA PRO G 38 26.69 -1.72 10.99
C PRO G 38 27.31 -1.88 12.39
N PRO G 39 27.22 -3.09 12.96
CA PRO G 39 27.74 -3.37 14.31
C PRO G 39 29.19 -2.94 14.53
N ASP G 40 30.07 -3.16 13.55
CA ASP G 40 31.49 -2.85 13.73
C ASP G 40 31.78 -1.36 13.78
N GLU G 41 30.81 -0.52 13.40
CA GLU G 41 30.90 0.93 13.61
C GLU G 41 30.17 1.42 14.88
N GLN G 42 29.70 0.49 15.71
CA GLN G 42 29.00 0.83 16.95
C GLN G 42 29.71 0.34 18.20
N ARG G 43 29.78 1.19 19.20
CA ARG G 43 30.07 0.74 20.56
C ARG G 43 28.83 1.01 21.42
N LEU G 44 28.41 0.02 22.20
CA LEU G 44 27.34 0.18 23.16
C LEU G 44 27.91 0.12 24.57
N TYR G 45 27.34 0.91 25.47
CA TYR G 45 27.86 1.09 26.81
C TYR G 45 26.78 0.90 27.86
N LYS G 46 27.16 0.35 29.01
CA LYS G 46 26.38 0.48 30.23
C LYS G 46 27.12 1.44 31.15
N ASP G 47 26.57 2.63 31.32
CA ASP G 47 27.32 3.76 31.88
C ASP G 47 28.64 3.86 31.09
N ASP G 48 29.80 3.82 31.74
CA ASP G 48 31.08 3.93 31.03
C ASP G 48 31.66 2.59 30.61
N GLN G 49 30.95 1.50 30.87
CA GLN G 49 31.47 0.17 30.56
C GLN G 49 31.11 -0.22 29.14
N LEU G 50 32.15 -0.49 28.34
CA LEU G 50 31.99 -0.95 26.98
C LEU G 50 31.43 -2.37 27.00
N LEU G 51 30.35 -2.59 26.25
CA LEU G 51 29.70 -3.90 26.23
C LEU G 51 30.31 -4.79 25.16
N ASP G 52 30.69 -5.99 25.56
CA ASP G 52 31.25 -6.99 24.67
C ASP G 52 30.12 -7.66 23.87
N ASP G 53 30.33 -7.81 22.58
CA ASP G 53 29.30 -8.32 21.65
C ASP G 53 28.65 -9.65 22.06
N GLY G 54 29.44 -10.58 22.60
CA GLY G 54 28.97 -11.93 22.87
C GLY G 54 28.23 -12.13 24.18
N LYS G 55 28.10 -11.07 24.98
CA LYS G 55 27.43 -11.15 26.27
C LYS G 55 25.94 -10.88 26.14
N THR G 56 25.17 -11.49 27.03
CA THR G 56 23.74 -11.26 27.08
C THR G 56 23.47 -9.98 27.86
N LEU G 57 22.33 -9.36 27.57
CA LEU G 57 21.95 -8.14 28.25
C LEU G 57 21.78 -8.42 29.75
N GLY G 58 21.28 -9.61 30.08
CA GLY G 58 21.14 -10.04 31.49
C GLY G 58 22.46 -10.05 32.26
N GLU G 59 23.49 -10.62 31.64
CA GLU G 59 24.85 -10.64 32.21
C GLU G 59 25.38 -9.24 32.48
N CAS G 60 25.03 -8.32 31.58
CA CAS G 60 25.48 -6.95 31.68
CB CAS G 60 25.51 -6.34 30.28
C CAS G 60 24.61 -6.13 32.61
O CAS G 60 24.80 -4.94 32.74
SG CAS G 60 26.68 -7.20 29.27
AS CAS G 60 28.55 -6.77 30.42
CE1 CAS G 60 29.09 -8.41 31.39
CE2 CAS G 60 30.11 -6.34 29.26
N GLY G 61 23.67 -6.78 33.28
CA GLY G 61 22.92 -6.15 34.35
C GLY G 61 21.65 -5.43 33.93
N PHE G 62 21.18 -5.71 32.71
CA PHE G 62 19.88 -5.25 32.29
C PHE G 62 18.88 -6.34 32.64
N THR G 63 18.12 -6.10 33.69
CA THR G 63 17.14 -7.08 34.19
C THR G 63 15.74 -6.51 34.09
N SER G 64 14.77 -7.41 34.00
CA SER G 64 13.37 -7.06 33.80
C SER G 64 12.87 -6.08 34.85
N GLN G 65 13.39 -6.19 36.07
CA GLN G 65 12.94 -5.33 37.15
C GLN G 65 13.68 -3.98 37.20
N THR G 66 14.72 -3.80 36.40
CA THR G 66 15.38 -2.48 36.34
C THR G 66 15.21 -1.79 34.99
N ALA G 67 14.99 -2.54 33.93
CA ALA G 67 14.76 -1.97 32.62
C ALA G 67 13.26 -2.13 32.33
N ARG G 68 12.47 -1.25 32.93
CA ARG G 68 11.01 -1.37 32.96
C ARG G 68 10.37 -0.58 31.82
N PRO G 69 9.21 -1.04 31.33
CA PRO G 69 8.52 -0.30 30.28
C PRO G 69 8.35 1.19 30.60
N GLN G 70 7.89 1.50 31.81
CA GLN G 70 7.63 2.90 32.22
C GLN G 70 8.84 3.63 32.79
N ALA G 71 9.97 2.93 32.86
CA ALA G 71 11.25 3.49 33.31
C ALA G 71 12.40 2.70 32.68
N PRO G 72 12.61 2.85 31.37
CA PRO G 72 13.59 1.99 30.67
C PRO G 72 15.02 2.32 31.06
N ALA G 73 15.92 1.36 30.88
CA ALA G 73 17.33 1.51 31.20
C ALA G 73 18.07 2.05 29.98
N THR G 74 19.16 2.77 30.24
CA THR G 74 19.88 3.49 29.20
C THR G 74 21.07 2.69 28.70
N VAL G 75 21.16 2.57 27.39
CA VAL G 75 22.34 2.02 26.75
C VAL G 75 22.97 3.15 25.95
N GLY G 76 24.22 3.49 26.27
CA GLY G 76 24.98 4.53 25.56
C GLY G 76 25.47 4.02 24.22
N LEU G 77 25.54 4.91 23.22
CA LEU G 77 25.95 4.55 21.87
C LEU G 77 26.95 5.56 21.32
N ALA G 78 28.03 5.04 20.73
CA ALA G 78 29.02 5.84 20.01
C ALA G 78 29.32 5.19 18.67
N PHE G 79 29.47 6.04 17.64
CA PHE G 79 29.71 5.59 16.27
C PHE G 79 31.18 5.73 15.88
N ARG G 80 31.62 4.87 14.97
CA ARG G 80 32.96 5.01 14.40
C ARG G 80 32.83 5.86 13.15
N ALA G 81 33.45 7.02 13.18
CA ALA G 81 33.44 7.95 12.08
C ALA G 81 34.79 7.87 11.42
N ASP G 82 34.79 7.53 10.14
CA ASP G 82 36.03 7.36 9.41
C ASP G 82 36.98 6.43 10.21
N ASP G 83 38.21 6.84 10.50
CA ASP G 83 39.18 5.92 11.12
C ASP G 83 38.84 5.45 12.56
N THR G 84 38.26 6.32 13.38
CA THR G 84 38.24 6.12 14.84
C THR G 84 36.88 6.37 15.50
N PHE G 85 36.63 5.70 16.61
CA PHE G 85 35.38 5.90 17.36
C PHE G 85 35.32 7.27 18.04
N GLU G 86 34.17 7.93 17.93
CA GLU G 86 33.87 9.11 18.73
C GLU G 86 33.68 8.70 20.19
N ALA G 87 33.82 9.67 21.08
CA ALA G 87 33.56 9.45 22.49
C ALA G 87 32.04 9.30 22.74
N LEU G 88 31.71 8.71 23.88
CA LEU G 88 30.34 8.56 24.31
C LEU G 88 29.83 9.94 24.76
N CAS G 89 28.85 10.52 24.04
CA CAS G 89 28.25 11.83 24.41
CB CAS G 89 28.49 13.02 23.43
C CAS G 89 26.78 11.62 24.42
O CAS G 89 26.21 11.23 23.40
SG CAS G 89 27.37 14.43 23.62
AS CAS G 89 28.47 15.07 25.45
CE1 CAS G 89 29.89 16.40 24.98
CE2 CAS G 89 27.17 15.87 26.74
N ILE G 90 26.14 11.85 25.55
CA ILE G 90 24.67 11.82 25.62
C ILE G 90 24.15 13.16 26.10
N GLU G 91 23.43 13.88 25.25
CA GLU G 91 22.89 15.17 25.63
C GLU G 91 21.74 14.96 26.60
N PRO G 92 21.73 15.71 27.71
CA PRO G 92 20.62 15.58 28.64
C PRO G 92 19.30 16.11 28.07
N PHE G 93 18.18 15.56 28.55
CA PHE G 93 16.87 16.14 28.29
C PHE G 93 16.80 17.51 28.96
N SER G 94 15.87 18.34 28.51
CA SER G 94 15.72 19.69 29.04
C SER G 94 15.38 19.66 30.52
N SER G 95 15.69 20.75 31.21
CA SER G 95 15.38 20.89 32.64
C SER G 95 13.96 21.37 32.84
N PRO G 96 13.21 20.72 33.78
CA PRO G 96 11.90 21.26 34.09
C PRO G 96 12.06 22.58 34.82
N PRO G 97 11.04 23.45 34.73
CA PRO G 97 11.11 24.70 35.45
C PRO G 97 10.93 24.47 36.95
N GLU G 98 11.07 25.54 37.73
CA GLU G 98 10.75 25.48 39.15
C GLU G 98 9.26 25.14 39.30
N LEU G 99 8.94 24.34 40.31
CA LEU G 99 7.55 24.07 40.62
C LEU G 99 6.89 25.40 40.93
N PRO G 100 5.72 25.67 40.34
CA PRO G 100 4.98 26.86 40.73
C PRO G 100 4.78 26.92 42.25
N ASP G 101 4.67 28.12 42.81
CA ASP G 101 4.47 28.29 44.26
C ASP G 101 3.33 27.42 44.79
N VAL G 102 2.24 27.30 44.02
CA VAL G 102 1.06 26.54 44.46
C VAL G 102 1.26 25.00 44.54
N MET G 103 2.34 24.48 43.97
CA MET G 103 2.65 23.06 44.05
C MET G 103 3.77 22.81 45.07
N MET H 1 11.44 -4.20 11.79
CA MET H 1 10.09 -3.59 11.96
C MET H 1 10.16 -2.07 11.93
N MET H 2 9.00 -1.44 11.82
CA MET H 2 8.93 0.00 11.52
C MET H 2 9.06 0.85 12.77
N TYR H 3 9.85 1.92 12.65
CA TYR H 3 10.00 2.93 13.68
C TYR H 3 9.60 4.28 13.12
N VAL H 4 9.33 5.24 14.00
CA VAL H 4 8.98 6.59 13.60
C VAL H 4 9.75 7.53 14.50
N LYS H 5 9.91 8.78 14.06
CA LYS H 5 10.73 9.75 14.80
C LYS H 5 9.87 10.88 15.33
N LEU H 6 9.97 11.13 16.63
CA LEU H 6 9.24 12.21 17.27
C LEU H 6 10.25 13.20 17.82
N ILE H 7 10.17 14.45 17.41
CA ILE H 7 11.20 15.43 17.74
C ILE H 7 10.65 16.47 18.71
N SER H 8 11.36 16.67 19.81
CA SER H 8 10.94 17.62 20.83
C SER H 8 11.25 19.06 20.42
N SER H 9 10.78 20.02 21.21
CA SER H 9 11.00 21.43 20.90
C SER H 9 12.49 21.77 20.95
N ASP H 10 13.22 21.15 21.90
CA ASP H 10 14.67 21.38 22.07
C ASP H 10 15.55 20.44 21.22
N GLY H 11 14.96 19.84 20.20
CA GLY H 11 15.73 19.11 19.20
C GLY H 11 16.06 17.66 19.50
N HIS H 12 15.51 17.10 20.58
CA HIS H 12 15.73 15.68 20.84
C HIS H 12 14.91 14.82 19.89
N GLU H 13 15.54 13.80 19.31
CA GLU H 13 14.88 12.92 18.38
C GLU H 13 14.61 11.57 19.05
N PHE H 14 13.34 11.24 19.18
CA PHE H 14 12.93 10.00 19.81
C PHE H 14 12.44 9.03 18.75
N ILE H 15 13.09 7.88 18.66
CA ILE H 15 12.71 6.86 17.71
C ILE H 15 12.00 5.74 18.47
N VAL H 16 10.76 5.44 18.05
CA VAL H 16 9.91 4.48 18.76
C VAL H 16 9.23 3.59 17.73
N LYS H 17 8.85 2.38 18.13
CA LYS H 17 8.13 1.48 17.24
C LYS H 17 6.86 2.16 16.73
N ARG H 18 6.58 2.02 15.44
CA ARG H 18 5.38 2.58 14.82
C ARG H 18 4.14 2.13 15.59
N GLU H 19 4.02 0.82 15.81
CA GLU H 19 2.89 0.25 16.56
C GLU H 19 2.67 0.94 17.91
N HIS H 20 3.76 1.24 18.61
CA HIS H 20 3.69 1.90 19.89
C HIS H 20 3.22 3.34 19.76
N ALA H 21 3.60 4.01 18.67
CA ALA H 21 3.23 5.40 18.47
C ALA H 21 1.75 5.52 18.13
N LEU H 22 1.20 4.51 17.45
CA LEU H 22 -0.20 4.51 17.04
C LEU H 22 -1.18 4.36 18.23
N THR H 23 -0.64 4.08 19.41
CA THR H 23 -1.35 4.24 20.69
C THR H 23 -2.08 5.57 20.75
N SER H 24 -1.39 6.64 20.37
CA SER H 24 -1.98 7.97 20.28
C SER H 24 -2.80 8.08 18.98
N GLY H 25 -4.10 8.34 19.13
CA GLY H 25 -4.97 8.61 17.99
C GLY H 25 -4.45 9.80 17.19
N THR H 26 -3.97 10.81 17.90
CA THR H 26 -3.44 12.02 17.28
C THR H 26 -2.21 11.71 16.45
N ILE H 27 -1.23 11.01 17.02
CA ILE H 27 -0.01 10.69 16.26
C ILE H 27 -0.33 9.84 15.04
N LYS H 28 -1.23 8.87 15.20
CA LYS H 28 -1.64 8.04 14.08
C LYS H 28 -2.18 8.91 12.96
N ALA H 29 -3.01 9.89 13.33
CA ALA H 29 -3.52 10.87 12.37
C ALA H 29 -2.40 11.79 11.86
N MET H 30 -1.51 12.23 12.74
CA MET H 30 -0.36 13.08 12.36
C MET H 30 0.54 12.38 11.35
N LEU H 31 0.71 11.08 11.51
CA LEU H 31 1.49 10.27 10.57
C LEU H 31 0.74 9.93 9.27
N SER H 32 -0.57 10.14 9.23
CA SER H 32 -1.34 10.00 7.98
C SER H 32 -1.65 11.37 7.34
N GLY H 33 -0.69 12.29 7.38
CA GLY H 33 -0.80 13.58 6.71
C GLY H 33 -2.03 14.37 7.10
N THR H 42 4.10 10.79 6.58
CA THR H 42 5.44 11.06 7.09
C THR H 42 5.83 10.08 8.20
N ASN H 43 7.13 9.82 8.33
CA ASN H 43 7.66 8.99 9.42
C ASN H 43 8.31 9.81 10.53
N GLU H 44 8.27 11.13 10.39
CA GLU H 44 8.76 12.05 11.40
C GLU H 44 7.61 12.94 11.84
N VAL H 45 7.63 13.37 13.10
CA VAL H 45 6.67 14.36 13.58
C VAL H 45 7.39 15.34 14.48
N ASN H 46 7.18 16.63 14.22
CA ASN H 46 7.81 17.69 14.99
C ASN H 46 6.85 18.28 16.00
N PHE H 47 7.27 18.36 17.26
CA PHE H 47 6.47 18.94 18.33
C PHE H 47 7.18 20.19 18.87
N ARG H 48 6.91 21.33 18.22
CA ARG H 48 7.56 22.60 18.59
C ARG H 48 7.21 23.11 20.00
N GLU H 49 6.16 22.59 20.63
CA GLU H 49 5.80 23.01 22.00
C GLU H 49 6.13 22.01 23.08
N ILE H 50 6.61 20.83 22.72
CA ILE H 50 6.80 19.78 23.70
C ILE H 50 8.29 19.56 23.91
N PRO H 51 8.82 19.95 25.08
CA PRO H 51 10.23 19.77 25.35
C PRO H 51 10.55 18.31 25.69
N SER H 52 11.82 17.95 25.57
CA SER H 52 12.28 16.57 25.68
C SER H 52 11.97 15.96 27.05
N HIS H 53 11.98 16.75 28.12
CA HIS H 53 11.64 16.20 29.43
C HIS H 53 10.18 15.80 29.51
N VAL H 54 9.36 16.32 28.60
CA VAL H 54 7.97 15.88 28.49
C VAL H 54 7.85 14.74 27.48
N LEU H 55 8.39 14.95 26.29
CA LEU H 55 8.19 13.99 25.18
C LEU H 55 8.81 12.61 25.47
N SER H 56 9.92 12.59 26.20
CA SER H 56 10.56 11.31 26.57
C SER H 56 9.60 10.50 27.44
N LYS H 57 8.87 11.18 28.30
CA LYS H 57 7.87 10.53 29.15
C LYS H 57 6.68 10.01 28.36
N VAL H 58 6.30 10.76 27.33
CA VAL H 58 5.26 10.32 26.42
C VAL H 58 5.65 8.99 25.77
N CYS H 59 6.90 8.87 25.33
CA CYS H 59 7.37 7.60 24.74
C CYS H 59 7.35 6.44 25.74
N MET H 60 7.68 6.71 27.00
CA MET H 60 7.65 5.68 28.02
C MET H 60 6.19 5.21 28.19
N TYR H 61 5.25 6.14 28.20
CA TYR H 61 3.82 5.79 28.29
C TYR H 61 3.39 4.88 27.15
N PHE H 62 3.86 5.13 25.92
CA PHE H 62 3.56 4.23 24.81
C PHE H 62 3.98 2.81 25.17
N THR H 63 5.23 2.66 25.60
CA THR H 63 5.76 1.34 25.97
C THR H 63 4.90 0.69 27.04
N TYR H 64 4.62 1.46 28.07
CA TYR H 64 3.79 1.04 29.21
C TYR H 64 2.41 0.59 28.76
N LYS H 65 1.74 1.39 27.93
CA LYS H 65 0.40 1.06 27.49
C LYS H 65 0.35 -0.24 26.66
N VAL H 66 1.31 -0.43 25.77
CA VAL H 66 1.35 -1.63 24.94
C VAL H 66 1.70 -2.87 25.76
N ARG H 67 2.59 -2.72 26.72
CA ARG H 67 3.00 -3.85 27.56
C ARG H 67 1.84 -4.32 28.48
N TYR H 68 1.15 -3.37 29.10
CA TYR H 68 0.18 -3.70 30.15
C TYR H 68 -1.30 -3.74 29.73
N THR H 69 -1.63 -3.31 28.51
CA THR H 69 -3.00 -3.40 28.01
C THR H 69 -3.34 -4.86 27.70
N ASN H 70 -4.47 -5.33 28.22
CA ASN H 70 -4.91 -6.71 28.02
C ASN H 70 -3.91 -7.75 28.56
N SER H 71 -3.29 -7.45 29.71
CA SER H 71 -2.26 -8.32 30.29
C SER H 71 -2.69 -8.95 31.61
N SER H 72 -2.14 -10.13 31.90
CA SER H 72 -2.45 -10.87 33.13
C SER H 72 -1.60 -10.40 34.30
N THR H 73 -0.34 -10.08 34.03
CA THR H 73 0.59 -9.64 35.06
C THR H 73 0.12 -8.33 35.72
N GLU H 74 0.30 -8.24 37.04
CA GLU H 74 -0.09 -7.08 37.82
C GLU H 74 0.49 -5.78 37.25
N ILE H 75 -0.35 -4.76 37.14
CA ILE H 75 0.00 -3.51 36.48
C ILE H 75 0.57 -2.56 37.52
N PRO H 76 1.77 -2.01 37.26
CA PRO H 76 2.34 -1.04 38.19
C PRO H 76 1.89 0.36 37.83
N GLU H 77 2.06 1.28 38.78
CA GLU H 77 1.75 2.68 38.54
C GLU H 77 2.62 3.27 37.44
N PHE H 78 2.07 4.19 36.65
CA PHE H 78 2.88 4.97 35.73
C PHE H 78 3.38 6.20 36.47
N PRO H 79 4.71 6.33 36.62
CA PRO H 79 5.28 7.37 37.47
C PRO H 79 5.35 8.70 36.73
N ILE H 80 5.03 9.78 37.42
CA ILE H 80 5.14 11.13 36.88
C ILE H 80 5.69 12.05 37.97
N ALA H 81 6.89 12.56 37.77
CA ALA H 81 7.51 13.48 38.73
C ALA H 81 6.68 14.77 38.81
N PRO H 82 6.55 15.33 40.03
CA PRO H 82 5.85 16.61 40.20
C PRO H 82 6.32 17.70 39.23
N GLU H 83 7.62 17.77 38.98
CA GLU H 83 8.22 18.85 38.20
C GLU H 83 7.74 18.88 36.75
N ILE H 84 7.35 17.72 36.21
CA ILE H 84 6.93 17.63 34.82
C ILE H 84 5.42 17.47 34.63
N ALA H 85 4.69 17.31 35.74
CA ALA H 85 3.26 16.97 35.68
C ALA H 85 2.40 17.97 34.88
N LEU H 86 2.58 19.26 35.14
CA LEU H 86 1.80 20.29 34.45
C LEU H 86 1.99 20.21 32.94
N GLU H 87 3.25 20.18 32.53
CA GLU H 87 3.60 20.16 31.12
C GLU H 87 3.14 18.87 30.46
N LEU H 88 3.26 17.75 31.17
CA LEU H 88 2.81 16.47 30.62
C LEU H 88 1.29 16.44 30.46
N LEU H 89 0.59 17.08 31.39
CA LEU H 89 -0.86 17.22 31.26
C LEU H 89 -1.20 18.02 30.01
N MET H 90 -0.53 19.16 29.81
CA MET H 90 -0.78 19.97 28.60
C MET H 90 -0.53 19.15 27.36
N ALA H 91 0.59 18.42 27.34
CA ALA H 91 0.95 17.59 26.21
C ALA H 91 -0.17 16.59 25.96
N ALA H 92 -0.43 15.75 26.97
CA ALA H 92 -1.41 14.66 26.86
C ALA H 92 -2.81 15.08 26.35
N ASN H 93 -3.24 16.29 26.66
CA ASN H 93 -4.50 16.78 26.06
C ASN H 93 -4.41 16.66 24.51
N PHE H 94 -3.43 17.35 23.93
CA PHE H 94 -3.29 17.44 22.48
C PHE H 94 -3.07 16.10 21.78
N LEU H 95 -2.25 15.24 22.38
CA LEU H 95 -1.89 13.98 21.74
C LEU H 95 -2.96 12.88 21.81
N ASP H 96 -3.99 13.05 22.65
CA ASP H 96 -4.94 11.97 22.92
C ASP H 96 -4.19 10.73 23.46
N CYS H 97 -3.02 10.95 24.11
CA CYS H 97 -2.25 9.85 24.73
C CYS H 97 -3.17 9.29 25.88
N VAL I 11 -31.73 0.44 38.70
CA VAL I 11 -31.19 -0.57 37.73
C VAL I 11 -29.92 -1.24 38.28
N LEU I 12 -28.86 -0.46 38.50
CA LEU I 12 -27.66 -0.97 39.19
C LEU I 12 -27.89 -1.01 40.71
N ARG I 13 -28.24 -2.18 41.21
CA ARG I 13 -28.40 -2.41 42.65
C ARG I 13 -28.22 -3.89 42.94
N SER I 14 -27.94 -4.21 44.20
CA SER I 14 -27.86 -5.60 44.63
C SER I 14 -29.24 -6.24 44.71
N VAL I 15 -29.29 -7.51 44.37
CA VAL I 15 -30.47 -8.34 44.59
C VAL I 15 -30.40 -8.76 46.06
N ASN I 16 -31.53 -8.71 46.77
CA ASN I 16 -31.60 -9.21 48.14
C ASN I 16 -31.85 -10.72 48.11
N SER I 17 -30.80 -11.47 47.76
CA SER I 17 -30.93 -12.91 47.53
C SER I 17 -30.90 -13.71 48.82
N ARG I 18 -30.20 -13.20 49.83
CA ARG I 18 -30.01 -13.91 51.09
C ARG I 18 -29.25 -15.24 50.87
N GLU I 19 -28.40 -15.29 49.84
CA GLU I 19 -27.61 -16.48 49.55
C GLU I 19 -26.15 -16.16 49.80
N PRO I 20 -25.60 -16.62 50.95
CA PRO I 20 -24.21 -16.33 51.25
C PRO I 20 -23.26 -16.76 50.12
N SER I 21 -22.27 -15.91 49.87
CA SER I 21 -21.23 -16.16 48.91
C SER I 21 -19.96 -15.60 49.55
N GLN I 22 -18.98 -16.47 49.76
CA GLN I 22 -17.70 -16.06 50.31
C GLN I 22 -16.75 -15.66 49.19
N VAL I 23 -16.04 -14.54 49.43
CA VAL I 23 -15.26 -13.85 48.43
C VAL I 23 -13.88 -13.50 49.03
N ILE I 24 -12.84 -13.55 48.19
CA ILE I 24 -11.57 -12.95 48.52
C ILE I 24 -11.41 -11.62 47.78
N PHE I 25 -11.37 -10.52 48.52
CA PHE I 25 -10.99 -9.22 47.96
C PHE I 25 -9.48 -9.16 47.99
N CAS I 26 -8.83 -9.17 46.81
CA CAS I 26 -7.37 -9.26 46.71
CB CAS I 26 -7.01 -10.50 45.89
C CAS I 26 -6.90 -8.02 46.04
O CAS I 26 -7.21 -7.80 44.87
SG CAS I 26 -5.27 -10.68 45.57
AS CAS I 26 -4.42 -10.87 47.60
CE1 CAS I 26 -2.70 -9.90 47.60
CE2 CAS I 26 -4.11 -12.79 47.90
N ASN I 27 -6.18 -7.17 46.76
CA ASN I 27 -5.77 -5.86 46.23
C ASN I 27 -4.42 -6.00 45.50
N ARG I 28 -4.47 -6.21 44.19
CA ARG I 28 -3.26 -6.31 43.36
C ARG I 28 -2.97 -4.99 42.67
N SER I 29 -3.11 -3.90 43.42
CA SER I 29 -2.79 -2.56 42.94
C SER I 29 -1.91 -1.90 43.98
N PRO I 30 -1.31 -0.75 43.63
CA PRO I 30 -0.54 0.01 44.60
C PRO I 30 -1.37 1.05 45.35
N ARG I 31 -2.70 1.04 45.18
CA ARG I 31 -3.59 1.99 45.87
C ARG I 31 -4.19 1.38 47.15
N VAL I 32 -4.54 2.26 48.08
CA VAL I 32 -5.39 1.88 49.20
C VAL I 32 -6.79 1.77 48.59
N VAL I 33 -7.41 0.61 48.70
CA VAL I 33 -8.67 0.35 48.00
C VAL I 33 -9.89 0.51 48.91
N LEU I 34 -10.90 1.20 48.38
CA LEU I 34 -12.21 1.32 49.00
C LEU I 34 -13.19 0.42 48.21
N PRO I 35 -13.58 -0.70 48.82
CA PRO I 35 -14.69 -1.47 48.29
C PRO I 35 -16.00 -0.70 48.52
N VAL I 36 -16.89 -0.76 47.54
CA VAL I 36 -18.14 -0.02 47.57
C VAL I 36 -19.22 -1.00 47.18
N TRP I 37 -20.17 -1.21 48.09
CA TRP I 37 -21.31 -2.11 47.87
C TRP I 37 -22.53 -1.30 47.39
N LEU I 38 -23.16 -1.73 46.31
CA LEU I 38 -24.42 -1.11 45.92
C LEU I 38 -25.52 -1.75 46.74
N ASN I 39 -26.22 -0.95 47.54
CA ASN I 39 -27.25 -1.49 48.40
C ASN I 39 -28.54 -1.73 47.62
N PHE I 40 -29.59 -2.16 48.29
CA PHE I 40 -30.79 -2.61 47.61
C PHE I 40 -31.51 -1.49 46.85
N ASP I 41 -31.28 -0.23 47.24
CA ASP I 41 -31.77 0.94 46.50
C ASP I 41 -30.79 1.47 45.44
N GLY I 42 -29.69 0.77 45.22
CA GLY I 42 -28.68 1.21 44.27
C GLY I 42 -27.73 2.28 44.80
N GLU I 43 -27.80 2.56 46.10
CA GLU I 43 -26.93 3.55 46.74
C GLU I 43 -25.58 2.96 47.10
N PRO I 44 -24.47 3.65 46.76
CA PRO I 44 -23.17 3.09 47.11
C PRO I 44 -22.89 3.12 48.61
N GLN I 45 -22.37 2.02 49.14
CA GLN I 45 -22.09 1.90 50.55
C GLN I 45 -20.62 1.51 50.75
N PRO I 46 -19.83 2.44 51.29
CA PRO I 46 -18.42 2.13 51.47
C PRO I 46 -18.15 1.08 52.54
N TYR I 47 -17.10 0.29 52.32
CA TYR I 47 -16.68 -0.74 53.25
C TYR I 47 -15.24 -0.47 53.68
N PRO I 48 -14.73 -1.26 54.64
CA PRO I 48 -13.37 -0.95 55.09
C PRO I 48 -12.31 -1.03 53.99
N THR I 49 -11.31 -0.16 54.08
CA THR I 49 -10.29 -0.08 53.07
C THR I 49 -9.26 -1.20 53.15
N LEU I 50 -8.63 -1.48 52.02
CA LEU I 50 -7.62 -2.53 51.89
C LEU I 50 -6.28 -1.93 51.50
N PRO I 51 -5.24 -2.07 52.36
CA PRO I 51 -3.93 -1.54 51.95
C PRO I 51 -3.41 -2.27 50.71
N PRO I 52 -2.50 -1.63 49.96
CA PRO I 52 -1.92 -2.22 48.76
C PRO I 52 -1.37 -3.62 48.99
N GLY I 53 -1.61 -4.54 48.05
CA GLY I 53 -1.00 -5.86 48.12
C GLY I 53 -1.60 -6.81 49.16
N THR I 54 -2.72 -6.44 49.79
CA THR I 54 -3.31 -7.27 50.84
C THR I 54 -4.62 -7.88 50.38
N GLY I 55 -5.05 -8.92 51.10
CA GLY I 55 -6.23 -9.68 50.76
C GLY I 55 -7.06 -9.98 51.98
N ARG I 56 -8.38 -10.01 51.82
CA ARG I 56 -9.29 -10.41 52.90
C ARG I 56 -10.39 -11.30 52.40
N ARG I 57 -10.73 -12.29 53.21
CA ARG I 57 -11.85 -13.17 52.97
C ARG I 57 -13.02 -12.49 53.64
N ILE I 58 -14.09 -12.27 52.88
CA ILE I 58 -15.23 -11.49 53.32
C ILE I 58 -16.55 -12.22 52.98
N HIS I 59 -17.58 -11.93 53.77
CA HIS I 59 -18.90 -12.55 53.58
C HIS I 59 -19.79 -11.60 52.80
N SER I 60 -20.19 -12.01 51.60
CA SER I 60 -21.12 -11.25 50.79
C SER I 60 -22.28 -12.16 50.37
N TYR I 61 -22.97 -11.83 49.29
CA TYR I 61 -24.15 -12.60 48.88
C TYR I 61 -24.28 -12.65 47.37
N ARG I 62 -25.00 -13.65 46.88
CA ARG I 62 -25.10 -13.85 45.46
C ARG I 62 -25.96 -12.73 44.89
N GLY I 63 -25.57 -12.23 43.72
CA GLY I 63 -26.29 -11.12 43.10
C GLY I 63 -26.01 -9.75 43.72
N HIS I 64 -25.13 -9.67 44.70
CA HIS I 64 -24.74 -8.38 45.22
C HIS I 64 -23.74 -7.72 44.27
N LEU I 65 -23.77 -6.40 44.22
CA LEU I 65 -22.92 -5.64 43.29
C LEU I 65 -21.86 -4.86 44.05
N TRP I 66 -20.63 -4.94 43.56
CA TRP I 66 -19.50 -4.22 44.13
C TRP I 66 -18.71 -3.50 43.06
N LEU I 67 -18.08 -2.40 43.46
CA LEU I 67 -17.02 -1.81 42.67
C LEU I 67 -15.92 -1.34 43.62
N PHE I 68 -14.77 -0.95 43.05
CA PHE I 68 -13.59 -0.63 43.85
C PHE I 68 -12.90 0.65 43.38
N ARG I 69 -12.48 1.47 44.33
CA ARG I 69 -11.87 2.77 44.05
C ARG I 69 -10.66 3.01 44.91
N ASP I 70 -9.83 3.96 44.51
CA ASP I 70 -8.82 4.52 45.39
C ASP I 70 -9.53 5.19 46.57
N ALA I 71 -9.20 4.76 47.79
CA ALA I 71 -9.86 5.29 48.97
C ALA I 71 -9.64 6.78 49.19
N GLY I 72 -8.52 7.31 48.71
CA GLY I 72 -8.19 8.73 48.91
C GLY I 72 -8.73 9.64 47.82
N THR I 73 -8.58 9.22 46.56
CA THR I 73 -8.89 10.08 45.43
C THR I 73 -10.14 9.69 44.65
N HIS I 74 -10.68 8.50 44.94
CA HIS I 74 -11.78 7.89 44.18
C HIS I 74 -11.51 7.54 42.72
N ASP I 75 -10.23 7.51 42.33
CA ASP I 75 -9.87 6.99 41.01
C ASP I 75 -10.47 5.60 40.87
N GLY I 76 -10.96 5.28 39.68
CA GLY I 76 -11.62 4.01 39.41
C GLY I 76 -10.59 2.92 39.27
N LEU I 77 -10.96 1.70 39.70
CA LEU I 77 -10.08 0.52 39.63
C LEU I 77 -10.86 -0.62 38.98
N LEU I 78 -10.16 -1.64 38.53
CA LEU I 78 -10.81 -2.78 37.90
C LEU I 78 -10.86 -3.92 38.90
N VAL I 79 -11.87 -4.78 38.72
CA VAL I 79 -11.99 -6.00 39.50
C VAL I 79 -12.28 -7.13 38.53
N ASN I 80 -11.41 -8.15 38.52
CA ASN I 80 -11.39 -9.15 37.45
C ASN I 80 -11.54 -8.55 36.05
N GLN I 81 -10.76 -7.50 35.80
CA GLN I 81 -10.66 -6.87 34.47
C GLN I 81 -11.90 -6.09 34.01
N THR I 82 -12.84 -5.81 34.91
CA THR I 82 -14.05 -5.09 34.54
C THR I 82 -14.49 -4.16 35.67
N GLU I 83 -15.61 -3.46 35.47
CA GLU I 83 -16.05 -2.40 36.37
C GLU I 83 -16.72 -2.94 37.65
N LEU I 84 -17.61 -3.91 37.46
CA LEU I 84 -18.46 -4.41 38.52
C LEU I 84 -18.10 -5.84 38.90
N PHE I 85 -18.18 -6.16 40.18
CA PHE I 85 -18.03 -7.54 40.64
C PHE I 85 -19.32 -8.02 41.27
N VAL I 86 -19.79 -9.20 40.83
CA VAL I 86 -21.00 -9.83 41.39
C VAL I 86 -20.64 -11.20 41.95
N PRO I 87 -20.73 -11.39 43.28
CA PRO I 87 -20.43 -12.73 43.79
C PRO I 87 -21.34 -13.81 43.20
N SER I 88 -20.77 -14.95 42.91
CA SER I 88 -21.52 -16.06 42.38
C SER I 88 -21.52 -17.17 43.42
N LEU I 89 -22.18 -18.27 43.06
CA LEU I 89 -22.22 -19.48 43.85
C LEU I 89 -20.82 -20.07 44.11
N ASN I 90 -20.51 -20.34 45.38
CA ASN I 90 -19.29 -21.06 45.74
C ASN I 90 -19.45 -22.55 45.42
N VAL I 91 -18.55 -23.10 44.62
CA VAL I 91 -18.53 -24.54 44.38
C VAL I 91 -17.52 -25.24 45.29
N ASP I 92 -18.00 -26.28 45.98
CA ASP I 92 -17.23 -27.06 46.95
C ASP I 92 -16.37 -26.23 47.89
N GLY I 93 -16.97 -25.20 48.47
CA GLY I 93 -16.29 -24.37 49.47
C GLY I 93 -15.18 -23.46 48.96
N GLN I 94 -15.06 -23.30 47.64
CA GLN I 94 -14.08 -22.36 47.10
C GLN I 94 -14.64 -20.94 47.16
N PRO I 95 -13.88 -20.00 47.74
CA PRO I 95 -14.34 -18.63 47.66
C PRO I 95 -14.10 -18.09 46.25
N ILE I 96 -14.83 -17.04 45.89
CA ILE I 96 -14.69 -16.38 44.60
C ILE I 96 -13.60 -15.35 44.76
N PHE I 97 -12.66 -15.29 43.83
CA PHE I 97 -11.63 -14.26 43.87
C PHE I 97 -12.08 -12.96 43.22
N ALA I 98 -11.92 -11.86 43.94
CA ALA I 98 -12.13 -10.52 43.36
C ALA I 98 -10.76 -9.85 43.28
N ASN I 99 -10.10 -9.99 42.14
CA ASN I 99 -8.78 -9.41 41.92
C ASN I 99 -8.88 -7.96 41.52
N ILE I 100 -8.39 -7.08 42.36
CA ILE I 100 -8.50 -5.65 42.16
C ILE I 100 -7.16 -5.16 41.60
N THR I 101 -7.19 -4.54 40.43
CA THR I 101 -5.99 -4.04 39.75
C THR I 101 -6.13 -2.58 39.35
N LEU I 102 -4.99 -1.94 39.05
CA LEU I 102 -5.02 -0.65 38.35
C LEU I 102 -5.47 -0.90 36.93
N PRO I 103 -6.28 0.01 36.37
CA PRO I 103 -6.42 0.00 34.93
C PRO I 103 -5.21 0.67 34.30
N VAL I 104 -5.08 0.53 33.00
CA VAL I 104 -4.17 1.38 32.25
C VAL I 104 -4.88 2.69 32.03
N TYR I 105 -4.60 3.69 32.87
CA TYR I 105 -5.21 4.98 32.69
C TYR I 105 -4.71 5.61 31.40
N THR I 106 -5.52 6.49 30.82
CA THR I 106 -5.01 7.33 29.73
C THR I 106 -3.94 8.21 30.37
N LEU I 107 -3.04 8.73 29.53
CA LEU I 107 -1.98 9.59 30.04
C LEU I 107 -2.58 10.85 30.61
N LYS I 108 -3.61 11.37 29.93
CA LYS I 108 -4.31 12.56 30.38
C LYS I 108 -4.82 12.35 31.80
N GLU I 109 -5.54 11.26 32.01
CA GLU I 109 -6.19 11.01 33.29
C GLU I 109 -5.14 10.81 34.39
N ARG I 110 -4.06 10.12 34.04
CA ARG I 110 -2.97 9.97 34.96
C ARG I 110 -2.32 11.30 35.32
N CYS I 111 -2.10 12.17 34.33
CA CYS I 111 -1.57 13.48 34.62
C CYS I 111 -2.54 14.28 35.50
N LEU I 112 -3.84 14.20 35.21
CA LEU I 112 -4.84 14.85 36.05
C LEU I 112 -4.71 14.40 37.49
N GLN I 113 -4.54 13.10 37.69
CA GLN I 113 -4.41 12.56 39.04
C GLN I 113 -3.23 13.19 39.78
N VAL I 114 -2.10 13.29 39.12
CA VAL I 114 -0.89 13.80 39.75
C VAL I 114 -1.01 15.30 40.11
N VAL I 115 -1.61 16.07 39.22
CA VAL I 115 -1.77 17.50 39.44
C VAL I 115 -2.74 17.71 40.61
N ARG I 116 -3.90 17.04 40.56
CA ARG I 116 -4.84 17.03 41.68
C ARG I 116 -4.16 16.73 43.02
N SER I 117 -3.23 15.79 43.03
CA SER I 117 -2.52 15.40 44.25
C SER I 117 -1.51 16.43 44.79
N LEU I 118 -1.13 17.41 43.98
CA LEU I 118 -0.05 18.35 44.35
C LEU I 118 -0.55 19.74 44.72
N VAL I 119 -1.71 20.08 44.19
CA VAL I 119 -2.32 21.38 44.38
C VAL I 119 -3.58 21.24 45.25
N LYS I 120 -3.78 22.20 46.15
CA LYS I 120 -5.03 22.34 46.88
C LYS I 120 -6.08 22.89 45.90
N PRO I 121 -7.32 22.36 45.93
CA PRO I 121 -8.34 22.78 44.95
C PRO I 121 -8.72 24.28 44.94
N GLU I 122 -8.29 25.03 45.96
CA GLU I 122 -8.46 26.48 45.99
C GLU I 122 -7.50 27.12 44.98
N ASN I 123 -6.33 26.50 44.83
CA ASN I 123 -5.26 27.04 43.98
C ASN I 123 -5.18 26.44 42.57
N TYR I 124 -6.14 25.61 42.17
CA TYR I 124 -6.16 25.08 40.81
C TYR I 124 -6.19 26.23 39.82
N ARG I 125 -6.95 27.27 40.14
CA ARG I 125 -7.12 28.43 39.24
C ARG I 125 -5.85 29.31 39.15
N ARG I 126 -4.96 29.19 40.13
CA ARG I 126 -3.67 29.90 40.12
C ARG I 126 -2.57 29.23 39.25
N LEU I 127 -2.87 28.07 38.66
CA LEU I 127 -1.94 27.39 37.73
C LEU I 127 -1.93 28.06 36.35
N ASP I 128 -0.77 28.10 35.70
CA ASP I 128 -0.65 28.69 34.35
C ASP I 128 -0.93 27.63 33.26
N ILE I 129 -2.20 27.41 32.99
CA ILE I 129 -2.68 26.34 32.11
C ILE I 129 -4.01 26.76 31.54
N VAL I 130 -4.38 26.22 30.37
CA VAL I 130 -5.68 26.56 29.76
C VAL I 130 -6.88 26.27 30.70
N ARG I 131 -7.91 27.11 30.59
CA ARG I 131 -9.11 27.06 31.43
C ARG I 131 -9.83 25.71 31.45
N SER I 132 -10.05 25.12 30.27
CA SER I 132 -10.64 23.79 30.14
C SER I 132 -10.00 22.80 31.13
N LEU I 133 -8.68 22.86 31.28
CA LEU I 133 -7.98 21.96 32.20
C LEU I 133 -8.34 22.23 33.66
N TYR I 134 -8.67 23.46 34.02
CA TYR I 134 -9.22 23.72 35.37
C TYR I 134 -10.49 22.88 35.56
N GLU I 135 -11.31 22.80 34.51
CA GLU I 135 -12.56 22.02 34.54
C GLU I 135 -12.27 20.54 34.67
N ASP I 136 -11.29 20.06 33.92
CA ASP I 136 -10.91 18.66 34.02
C ASP I 136 -10.41 18.39 35.43
N LEU I 137 -9.67 19.34 36.02
CA LEU I 137 -9.15 19.15 37.39
C LEU I 137 -10.23 19.11 38.49
N GLU I 138 -11.31 19.85 38.26
CA GLU I 138 -12.44 19.92 39.20
C GLU I 138 -13.42 18.77 39.05
N ASP I 139 -13.44 18.14 37.88
CA ASP I 139 -14.34 17.00 37.62
C ASP I 139 -13.76 15.70 38.23
N HIS I 140 -13.71 15.66 39.56
CA HIS I 140 -13.09 14.56 40.28
C HIS I 140 -13.74 13.22 39.94
N PRO I 141 -12.95 12.14 39.96
CA PRO I 141 -13.60 10.84 39.90
C PRO I 141 -14.66 10.72 41.00
N ASN I 142 -15.75 10.04 40.70
CA ASN I 142 -16.95 10.14 41.53
C ASN I 142 -17.80 8.94 41.22
N VAL I 143 -18.08 8.13 42.24
CA VAL I 143 -18.83 6.88 42.04
C VAL I 143 -20.23 7.13 41.46
N GLN I 144 -20.98 8.09 42.03
CA GLN I 144 -22.34 8.33 41.55
C GLN I 144 -22.31 8.68 40.06
N LYS I 145 -21.34 9.51 39.65
CA LYS I 145 -21.18 9.85 38.23
C LYS I 145 -20.97 8.60 37.40
N ASP I 146 -20.07 7.73 37.83
CA ASP I 146 -19.78 6.50 37.08
C ASP I 146 -20.99 5.59 36.99
N LEU I 147 -21.81 5.54 38.04
CA LEU I 147 -23.00 4.70 38.01
C LEU I 147 -23.99 5.24 36.99
N GLU I 148 -24.13 6.56 36.95
CA GLU I 148 -24.93 7.24 35.92
C GLU I 148 -24.44 6.82 34.53
N ARG I 149 -23.11 6.89 34.30
CA ARG I 149 -22.52 6.51 33.02
C ARG I 149 -22.81 5.07 32.65
N LEU I 150 -22.47 4.14 33.54
CA LEU I 150 -22.69 2.72 33.27
C LEU I 150 -24.12 2.46 32.85
N THR I 151 -25.06 2.85 33.71
CA THR I 151 -26.49 2.72 33.41
C THR I 151 -26.87 3.13 31.98
N GLN I 152 -26.33 4.24 31.51
CA GLN I 152 -26.66 4.76 30.16
C GLN I 152 -26.07 3.93 29.01
N GLU I 153 -24.90 3.32 29.21
CA GLU I 153 -24.18 2.63 28.14
C GLU I 153 -24.91 1.39 27.61
N MET J 1 3.85 -50.06 0.80
CA MET J 1 3.47 -48.78 1.45
C MET J 1 3.81 -47.62 0.51
N ASP J 2 2.95 -46.62 0.46
CA ASP J 2 3.20 -45.44 -0.35
C ASP J 2 3.95 -44.38 0.44
N VAL J 3 4.92 -43.74 -0.20
CA VAL J 3 5.55 -42.54 0.32
C VAL J 3 5.20 -41.40 -0.61
N PHE J 4 4.94 -40.23 -0.04
CA PHE J 4 4.52 -39.05 -0.80
C PHE J 4 5.59 -37.98 -0.68
N LEU J 5 5.99 -37.46 -1.84
CA LEU J 5 7.21 -36.69 -2.00
C LEU J 5 7.00 -35.37 -2.73
N MET J 6 7.90 -34.44 -2.46
CA MET J 6 8.11 -33.31 -3.34
C MET J 6 9.53 -33.43 -3.89
N ILE J 7 9.67 -33.43 -5.21
CA ILE J 7 11.00 -33.43 -5.83
C ILE J 7 11.30 -32.00 -6.26
N ARG J 8 12.32 -31.40 -5.63
CA ARG J 8 12.49 -29.97 -5.75
C ARG J 8 13.85 -29.55 -6.32
N ARG J 9 13.80 -28.64 -7.29
CA ARG J 9 14.97 -28.07 -7.92
C ARG J 9 14.65 -26.66 -8.27
N HIS J 10 15.48 -25.74 -7.80
CA HIS J 10 15.32 -24.33 -8.11
C HIS J 10 13.89 -23.90 -7.77
N LYS J 11 13.12 -23.43 -8.74
CA LYS J 11 11.71 -23.04 -8.50
C LYS J 11 10.70 -24.09 -8.99
N THR J 12 11.18 -25.31 -9.19
CA THR J 12 10.38 -26.43 -9.65
C THR J 12 10.10 -27.39 -8.48
N THR J 13 8.84 -27.82 -8.35
CA THR J 13 8.44 -28.81 -7.35
C THR J 13 7.52 -29.88 -7.97
N ILE J 14 7.99 -31.13 -7.98
CA ILE J 14 7.18 -32.23 -8.49
C ILE J 14 6.51 -32.92 -7.31
N PHE J 15 5.19 -33.00 -7.34
CA PHE J 15 4.45 -33.79 -6.36
C PHE J 15 4.26 -35.17 -6.93
N THR J 16 4.72 -36.18 -6.23
CA THR J 16 4.49 -37.54 -6.67
C THR J 16 4.62 -38.50 -5.51
N ASP J 17 4.14 -39.71 -5.75
CA ASP J 17 4.28 -40.79 -4.78
C ASP J 17 5.01 -41.96 -5.38
N ALA J 18 5.44 -42.87 -4.53
CA ALA J 18 6.15 -44.07 -4.94
C ALA J 18 6.08 -45.07 -3.80
N LYS J 19 6.49 -46.29 -4.06
CA LYS J 19 6.53 -47.31 -3.02
C LYS J 19 7.78 -47.18 -2.20
N GLU J 20 7.65 -47.46 -0.92
CA GLU J 20 8.81 -47.52 -0.04
C GLU J 20 9.90 -48.48 -0.55
N SER J 21 9.48 -49.56 -1.23
CA SER J 21 10.41 -50.55 -1.76
C SER J 21 10.97 -50.19 -3.13
N SER J 22 10.47 -49.10 -3.72
CA SER J 22 10.93 -48.65 -5.03
C SER J 22 12.29 -47.98 -4.86
N THR J 23 12.99 -47.76 -5.97
CA THR J 23 14.39 -47.32 -5.89
C THR J 23 14.56 -45.86 -6.29
N VAL J 24 15.71 -45.31 -5.92
CA VAL J 24 16.10 -43.98 -6.32
C VAL J 24 16.10 -43.88 -7.85
N PHE J 25 16.63 -44.90 -8.53
CA PHE J 25 16.63 -44.90 -9.99
C PHE J 25 15.20 -44.75 -10.51
N GLU J 26 14.27 -45.48 -9.92
CA GLU J 26 12.89 -45.45 -10.39
C GLU J 26 12.26 -44.04 -10.22
N LEU J 27 12.70 -43.34 -9.18
CA LEU J 27 12.31 -41.96 -8.99
C LEU J 27 12.88 -41.04 -10.07
N LYS J 28 14.14 -41.29 -10.45
CA LYS J 28 14.77 -40.58 -11.56
C LYS J 28 14.02 -40.78 -12.89
N ARG J 29 13.47 -41.98 -13.10
CA ARG J 29 12.64 -42.24 -14.29
C ARG J 29 11.38 -41.38 -14.31
N ILE J 30 10.80 -41.12 -13.14
CA ILE J 30 9.67 -40.21 -13.02
C ILE J 30 10.06 -38.79 -13.39
N VAL J 31 11.18 -38.33 -12.83
CA VAL J 31 11.68 -37.01 -13.13
C VAL J 31 11.94 -36.90 -14.63
N GLU J 32 12.48 -37.96 -15.24
CA GLU J 32 12.79 -37.95 -16.67
C GLU J 32 11.54 -37.71 -17.50
N GLY J 33 10.46 -38.42 -17.18
CA GLY J 33 9.22 -38.28 -17.92
C GLY J 33 8.69 -36.86 -17.89
N ILE J 34 8.96 -36.16 -16.79
CA ILE J 34 8.41 -34.83 -16.58
C ILE J 34 9.35 -33.73 -17.10
N LEU J 35 10.62 -33.78 -16.70
CA LEU J 35 11.54 -32.70 -17.04
C LEU J 35 12.48 -33.03 -18.19
N LYS J 36 12.31 -34.21 -18.78
CA LYS J 36 12.99 -34.57 -20.03
C LYS J 36 14.50 -34.59 -19.91
N ARG J 37 14.98 -35.24 -18.85
CA ARG J 37 16.40 -35.37 -18.60
C ARG J 37 16.66 -36.78 -18.07
N PRO J 38 17.58 -37.51 -18.70
CA PRO J 38 17.79 -38.89 -18.31
C PRO J 38 18.35 -39.04 -16.89
N PRO J 39 18.15 -40.23 -16.29
CA PRO J 39 18.68 -40.50 -14.97
C PRO J 39 20.16 -40.13 -14.79
N ASP J 40 21.03 -40.52 -15.73
CA ASP J 40 22.46 -40.21 -15.57
C ASP J 40 22.80 -38.71 -15.54
N GLU J 41 21.83 -37.85 -15.89
CA GLU J 41 22.02 -36.40 -15.81
C GLU J 41 21.36 -35.78 -14.59
N GLN J 42 20.94 -36.64 -13.65
CA GLN J 42 20.30 -36.20 -12.40
C GLN J 42 21.08 -36.62 -11.18
N ARG J 43 21.08 -35.77 -10.16
CA ARG J 43 21.44 -36.19 -8.82
C ARG J 43 20.23 -35.96 -7.94
N LEU J 44 19.87 -36.97 -7.13
CA LEU J 44 18.83 -36.81 -6.13
C LEU J 44 19.45 -36.80 -4.74
N TYR J 45 18.83 -36.06 -3.84
CA TYR J 45 19.37 -35.82 -2.51
C TYR J 45 18.36 -35.97 -1.39
N LYS J 46 18.79 -36.52 -0.27
CA LYS J 46 18.05 -36.36 0.95
C LYS J 46 18.79 -35.36 1.80
N ASP J 47 18.22 -34.17 1.94
CA ASP J 47 18.93 -33.02 2.50
C ASP J 47 20.20 -32.82 1.65
N ASP J 48 21.39 -32.90 2.25
CA ASP J 48 22.62 -32.74 1.49
C ASP J 48 23.20 -34.06 1.02
N GLN J 49 22.55 -35.18 1.36
CA GLN J 49 23.09 -36.49 1.07
C GLN J 49 22.70 -37.03 -0.29
N LEU J 50 23.71 -37.29 -1.12
CA LEU J 50 23.53 -37.85 -2.45
C LEU J 50 22.95 -39.24 -2.39
N LEU J 51 21.86 -39.49 -3.11
CA LEU J 51 21.19 -40.78 -3.06
C LEU J 51 21.75 -41.73 -4.15
N ASP J 52 21.97 -42.99 -3.80
CA ASP J 52 22.45 -44.01 -4.75
C ASP J 52 21.30 -44.69 -5.47
N ASP J 53 21.42 -44.80 -6.80
CA ASP J 53 20.39 -45.40 -7.65
C ASP J 53 19.81 -46.72 -7.13
N GLY J 54 20.66 -47.57 -6.58
CA GLY J 54 20.26 -48.93 -6.20
C GLY J 54 19.53 -49.05 -4.88
N LYS J 55 19.49 -47.96 -4.10
CA LYS J 55 18.86 -48.01 -2.79
C LYS J 55 17.35 -47.82 -2.87
N THR J 56 16.63 -48.41 -1.93
CA THR J 56 15.21 -48.21 -1.84
C THR J 56 14.95 -46.90 -1.13
N LEU J 57 13.78 -46.34 -1.40
CA LEU J 57 13.37 -45.11 -0.73
C LEU J 57 13.30 -45.33 0.77
N GLY J 58 12.83 -46.51 1.17
CA GLY J 58 12.77 -46.89 2.60
C GLY J 58 14.14 -46.89 3.25
N GLU J 59 15.12 -47.48 2.58
CA GLU J 59 16.50 -47.45 3.04
C GLU J 59 17.07 -46.04 3.20
N CAS J 60 16.66 -45.12 2.33
CA CAS J 60 17.08 -43.72 2.41
CB CAS J 60 17.09 -43.09 1.00
C CAS J 60 16.20 -42.89 3.33
O CAS J 60 16.24 -41.68 3.31
SG CAS J 60 18.31 -43.83 -0.04
AS CAS J 60 20.28 -43.48 1.03
CE1 CAS J 60 20.89 -45.27 1.63
CE2 CAS J 60 21.76 -42.73 -0.05
N GLY J 61 15.41 -43.57 4.17
CA GLY J 61 14.62 -42.87 5.19
C GLY J 61 13.31 -42.27 4.75
N PHE J 62 12.87 -42.55 3.54
CA PHE J 62 11.54 -42.12 3.13
C PHE J 62 10.55 -43.22 3.50
N THR J 63 9.87 -43.01 4.61
CA THR J 63 8.90 -43.99 5.13
C THR J 63 7.49 -43.45 5.09
N SER J 64 6.52 -44.36 5.11
CA SER J 64 5.12 -43.99 4.90
C SER J 64 4.65 -43.04 6.00
N GLN J 65 5.19 -43.19 7.20
CA GLN J 65 4.76 -42.34 8.31
C GLN J 65 5.48 -40.99 8.38
N THR J 66 6.50 -40.77 7.53
CA THR J 66 7.17 -39.47 7.46
C THR J 66 6.90 -38.72 6.16
N ALA J 67 6.85 -39.44 5.04
CA ALA J 67 6.47 -38.88 3.76
C ALA J 67 4.94 -39.04 3.56
N ARG J 68 4.18 -38.12 4.13
CA ARG J 68 2.71 -38.23 4.24
C ARG J 68 2.00 -37.44 3.13
N PRO J 69 0.81 -37.89 2.68
CA PRO J 69 0.11 -37.19 1.60
C PRO J 69 -0.05 -35.70 1.89
N GLN J 70 -0.47 -35.39 3.10
CA GLN J 70 -0.68 -34.01 3.52
C GLN J 70 0.58 -33.30 4.05
N ALA J 71 1.69 -34.03 4.14
CA ALA J 71 2.98 -33.46 4.57
C ALA J 71 4.10 -34.26 3.89
N PRO J 72 4.25 -34.10 2.57
CA PRO J 72 5.18 -34.93 1.81
C PRO J 72 6.64 -34.60 2.11
N ALA J 73 7.52 -35.60 1.99
CA ALA J 73 8.95 -35.42 2.26
C ALA J 73 9.62 -34.85 1.03
N THR J 74 10.72 -34.13 1.23
CA THR J 74 11.42 -33.47 0.14
C THR J 74 12.63 -34.25 -0.38
N VAL J 75 12.72 -34.37 -1.70
CA VAL J 75 13.87 -34.96 -2.37
C VAL J 75 14.46 -33.87 -3.24
N GLY J 76 15.75 -33.58 -3.04
CA GLY J 76 16.43 -32.53 -3.83
C GLY J 76 16.87 -33.08 -5.17
N LEU J 77 16.97 -32.21 -6.17
CA LEU J 77 17.32 -32.58 -7.53
C LEU J 77 18.29 -31.57 -8.11
N ALA J 78 19.37 -32.07 -8.74
CA ALA J 78 20.35 -31.25 -9.44
C ALA J 78 20.64 -31.90 -10.79
N PHE J 79 20.71 -31.10 -11.85
CA PHE J 79 21.03 -31.58 -13.19
C PHE J 79 22.49 -31.40 -13.58
N ARG J 80 22.91 -32.18 -14.55
CA ARG J 80 24.18 -31.96 -15.19
C ARG J 80 24.00 -30.85 -16.21
N ALA J 81 24.98 -29.96 -16.27
CA ALA J 81 25.00 -28.88 -17.26
C ALA J 81 26.39 -28.78 -17.89
N ASP J 82 26.52 -29.25 -19.13
CA ASP J 82 27.81 -29.25 -19.85
C ASP J 82 28.96 -29.90 -19.08
N ASP J 83 28.85 -31.21 -18.83
CA ASP J 83 29.92 -32.01 -18.21
C ASP J 83 29.80 -32.12 -16.69
N THR J 84 29.68 -30.98 -16.00
CA THR J 84 29.64 -30.98 -14.53
C THR J 84 28.24 -30.68 -14.01
N PHE J 85 27.91 -31.26 -12.85
CA PHE J 85 26.63 -31.05 -12.22
C PHE J 85 26.61 -29.68 -11.56
N GLU J 86 25.48 -29.01 -11.68
CA GLU J 86 25.20 -27.84 -10.86
C GLU J 86 25.04 -28.30 -9.41
N ALA J 87 25.18 -27.35 -8.50
CA ALA J 87 24.96 -27.62 -7.08
C ALA J 87 23.46 -27.76 -6.79
N LEU J 88 23.16 -28.42 -5.69
CA LEU J 88 21.81 -28.55 -5.21
C LEU J 88 21.32 -27.17 -4.81
N CAS J 89 20.24 -26.71 -5.43
CA CAS J 89 19.64 -25.43 -5.06
CB CAS J 89 20.13 -24.34 -6.02
C CAS J 89 18.14 -25.58 -5.05
O CAS J 89 17.54 -25.93 -6.07
SG CAS J 89 19.03 -22.93 -6.01
AS CAS J 89 19.90 -21.83 -4.27
CE1 CAS J 89 20.93 -20.28 -4.97
CE2 CAS J 89 18.48 -21.13 -3.06
N ILE J 90 17.51 -25.32 -3.91
CA ILE J 90 16.06 -25.36 -3.77
C ILE J 90 15.59 -23.98 -3.31
N GLU J 91 14.85 -23.26 -4.15
CA GLU J 91 14.31 -21.95 -3.74
C GLU J 91 13.22 -22.13 -2.70
N PRO J 92 13.30 -21.40 -1.58
CA PRO J 92 12.23 -21.48 -0.59
C PRO J 92 10.93 -20.92 -1.13
N PHE J 93 9.81 -21.48 -0.67
CA PHE J 93 8.51 -20.89 -0.96
C PHE J 93 8.44 -19.52 -0.32
N SER J 94 7.45 -18.73 -0.74
CA SER J 94 7.21 -17.40 -0.19
C SER J 94 6.94 -17.42 1.32
N SER J 95 7.13 -16.29 1.96
CA SER J 95 6.89 -16.13 3.40
C SER J 95 5.47 -15.62 3.62
N PRO J 96 4.71 -16.31 4.48
CA PRO J 96 3.42 -15.80 4.88
C PRO J 96 3.55 -14.43 5.52
N PRO J 97 2.50 -13.59 5.43
CA PRO J 97 2.57 -12.30 6.09
C PRO J 97 2.24 -12.46 7.57
N GLU J 98 2.38 -11.37 8.33
CA GLU J 98 2.01 -11.38 9.74
C GLU J 98 0.52 -11.67 9.89
N LEU J 99 0.15 -12.36 10.97
CA LEU J 99 -1.26 -12.55 11.30
C LEU J 99 -1.90 -11.19 11.55
N PRO J 100 -3.02 -10.90 10.86
CA PRO J 100 -3.76 -9.67 11.17
C PRO J 100 -4.11 -9.60 12.66
N ASP J 101 -4.29 -8.39 13.19
CA ASP J 101 -4.61 -8.19 14.60
C ASP J 101 -5.62 -9.22 15.09
N VAL J 102 -6.71 -9.37 14.33
CA VAL J 102 -7.84 -10.22 14.72
C VAL J 102 -7.59 -11.74 14.76
N MET J 103 -6.39 -12.18 14.40
CA MET J 103 -6.02 -13.60 14.45
C MET J 103 -4.94 -13.89 15.50
N MET K 1 1.84 -41.63 -17.29
CA MET K 1 1.25 -40.78 -16.22
C MET K 1 1.23 -39.31 -16.65
N MET K 2 0.02 -38.74 -16.76
CA MET K 2 -0.11 -37.34 -17.16
C MET K 2 0.04 -36.41 -15.95
N TYR K 3 0.75 -35.31 -16.17
CA TYR K 3 1.00 -34.30 -15.16
C TYR K 3 0.56 -32.96 -15.74
N VAL K 4 0.35 -31.99 -14.86
CA VAL K 4 0.05 -30.62 -15.23
C VAL K 4 0.85 -29.68 -14.33
N LYS K 5 1.12 -28.49 -14.84
CA LYS K 5 1.90 -27.50 -14.13
C LYS K 5 1.03 -26.35 -13.60
N LEU K 6 1.15 -26.07 -12.30
CA LEU K 6 0.46 -24.93 -11.69
C LEU K 6 1.51 -23.92 -11.21
N ILE K 7 1.38 -22.68 -11.67
CA ILE K 7 2.40 -21.66 -11.41
C ILE K 7 1.88 -20.59 -10.46
N SER K 8 2.60 -20.44 -9.34
CA SER K 8 2.27 -19.46 -8.30
C SER K 8 2.57 -18.03 -8.72
N SER K 9 2.19 -17.05 -7.88
CA SER K 9 2.40 -15.63 -8.21
C SER K 9 3.89 -15.28 -8.22
N ASP K 10 4.63 -15.89 -7.29
CA ASP K 10 6.08 -15.72 -7.19
C ASP K 10 6.90 -16.65 -8.11
N GLY K 11 6.25 -17.29 -9.08
CA GLY K 11 6.96 -18.05 -10.12
C GLY K 11 7.36 -19.47 -9.79
N HIS K 12 6.88 -20.01 -8.67
CA HIS K 12 7.11 -21.42 -8.39
C HIS K 12 6.23 -22.30 -9.29
N GLU K 13 6.85 -23.32 -9.87
CA GLU K 13 6.18 -24.20 -10.79
C GLU K 13 5.94 -25.54 -10.12
N PHE K 14 4.67 -25.85 -9.87
CA PHE K 14 4.27 -27.06 -9.21
C PHE K 14 3.76 -28.05 -10.24
N ILE K 15 4.37 -29.23 -10.28
CA ILE K 15 3.95 -30.26 -11.23
C ILE K 15 3.26 -31.39 -10.47
N VAL K 16 2.00 -31.65 -10.81
CA VAL K 16 1.20 -32.65 -10.09
C VAL K 16 0.46 -33.53 -11.08
N LYS K 17 0.10 -34.74 -10.67
CA LYS K 17 -0.66 -35.62 -11.56
C LYS K 17 -1.94 -34.94 -12.00
N ARG K 18 -2.29 -35.14 -13.27
CA ARG K 18 -3.52 -34.60 -13.84
C ARG K 18 -4.71 -35.04 -12.99
N GLU K 19 -4.76 -36.33 -12.71
CA GLU K 19 -5.86 -36.89 -11.92
C GLU K 19 -6.06 -36.08 -10.61
N HIS K 20 -4.95 -35.75 -9.95
CA HIS K 20 -5.00 -35.03 -8.69
C HIS K 20 -5.48 -33.57 -8.86
N ALA K 21 -5.02 -32.88 -9.89
CA ALA K 21 -5.45 -31.50 -10.14
C ALA K 21 -6.93 -31.41 -10.47
N LEU K 22 -7.47 -32.43 -11.13
CA LEU K 22 -8.89 -32.46 -11.46
C LEU K 22 -9.83 -32.56 -10.24
N THR K 23 -9.28 -32.74 -9.05
CA THR K 23 -9.98 -32.52 -7.77
C THR K 23 -10.68 -31.15 -7.71
N SER K 24 -10.04 -30.15 -8.30
CA SER K 24 -10.59 -28.82 -8.37
C SER K 24 -11.43 -28.73 -9.61
N GLY K 25 -12.73 -28.44 -9.43
CA GLY K 25 -13.62 -28.19 -10.56
C GLY K 25 -13.13 -27.03 -11.42
N THR K 26 -12.55 -26.03 -10.78
CA THR K 26 -12.02 -24.87 -11.47
C THR K 26 -10.85 -25.23 -12.38
N ILE K 27 -9.84 -25.90 -11.84
CA ILE K 27 -8.74 -26.37 -12.65
C ILE K 27 -9.21 -27.25 -13.81
N LYS K 28 -10.16 -28.14 -13.55
CA LYS K 28 -10.68 -29.01 -14.59
C LYS K 28 -11.27 -28.28 -15.80
N ALA K 29 -12.05 -27.24 -15.53
CA ALA K 29 -12.60 -26.39 -16.57
C ALA K 29 -11.48 -25.62 -17.26
N MET K 30 -10.55 -25.12 -16.44
CA MET K 30 -9.42 -24.30 -16.88
C MET K 30 -8.47 -25.00 -17.83
N LEU K 31 -8.40 -26.33 -17.75
CA LEU K 31 -7.57 -27.12 -18.66
C LEU K 31 -8.32 -27.46 -19.93
N SER K 32 -9.63 -27.67 -19.81
CA SER K 32 -10.47 -27.99 -20.96
C SER K 32 -11.08 -26.73 -21.57
N THR K 42 -4.96 -26.83 -22.44
CA THR K 42 -3.71 -26.46 -21.79
C THR K 42 -3.25 -27.52 -20.76
N ASN K 43 -1.95 -27.59 -20.53
CA ASN K 43 -1.36 -28.38 -19.43
C ASN K 43 -0.71 -27.48 -18.37
N GLU K 44 -0.84 -26.16 -18.54
CA GLU K 44 -0.30 -25.20 -17.59
C GLU K 44 -1.36 -24.21 -17.16
N VAL K 45 -1.38 -23.88 -15.88
CA VAL K 45 -2.26 -22.85 -15.37
C VAL K 45 -1.46 -21.87 -14.52
N ASN K 46 -1.63 -20.58 -14.80
CA ASN K 46 -0.97 -19.55 -14.03
C ASN K 46 -1.93 -18.96 -13.02
N PHE K 47 -1.48 -18.83 -11.76
CA PHE K 47 -2.25 -18.23 -10.71
C PHE K 47 -1.52 -17.00 -10.17
N ARG K 48 -1.77 -15.86 -10.81
CA ARG K 48 -1.05 -14.62 -10.51
C ARG K 48 -1.29 -14.01 -9.13
N GLU K 49 -2.27 -14.48 -8.36
CA GLU K 49 -2.44 -13.99 -6.99
C GLU K 49 -2.39 -15.08 -5.94
N ILE K 50 -1.89 -16.26 -6.30
CA ILE K 50 -1.70 -17.31 -5.31
C ILE K 50 -0.19 -17.57 -5.11
N PRO K 51 0.35 -17.06 -4.00
CA PRO K 51 1.75 -17.28 -3.69
C PRO K 51 2.07 -18.75 -3.37
N SER K 52 3.35 -19.09 -3.34
CA SER K 52 3.80 -20.47 -3.30
C SER K 52 3.52 -21.15 -1.98
N HIS K 53 3.55 -20.39 -0.90
CA HIS K 53 3.26 -20.93 0.43
C HIS K 53 1.82 -21.34 0.55
N VAL K 54 0.95 -20.76 -0.29
CA VAL K 54 -0.45 -21.18 -0.41
C VAL K 54 -0.60 -22.32 -1.43
N LEU K 55 -0.07 -22.14 -2.64
CA LEU K 55 -0.28 -23.11 -3.72
C LEU K 55 0.32 -24.47 -3.41
N SER K 56 1.42 -24.47 -2.66
CA SER K 56 2.05 -25.73 -2.29
C SER K 56 1.12 -26.52 -1.42
N LYS K 57 0.44 -25.84 -0.50
CA LYS K 57 -0.58 -26.48 0.33
C LYS K 57 -1.76 -27.01 -0.46
N VAL K 58 -2.19 -26.27 -1.48
CA VAL K 58 -3.28 -26.73 -2.34
C VAL K 58 -2.91 -28.06 -2.98
N CYS K 59 -1.67 -28.16 -3.46
CA CYS K 59 -1.18 -29.39 -4.04
C CYS K 59 -1.18 -30.51 -3.01
N MET K 60 -0.79 -30.21 -1.78
CA MET K 60 -0.82 -31.23 -0.75
C MET K 60 -2.26 -31.70 -0.52
N TYR K 61 -3.22 -30.76 -0.49
CA TYR K 61 -4.62 -31.11 -0.34
C TYR K 61 -5.08 -32.09 -1.42
N PHE K 62 -4.71 -31.86 -2.68
CA PHE K 62 -5.05 -32.80 -3.76
C PHE K 62 -4.60 -34.22 -3.43
N THR K 63 -3.34 -34.34 -3.01
CA THR K 63 -2.77 -35.62 -2.65
C THR K 63 -3.59 -36.28 -1.54
N TYR K 64 -3.87 -35.50 -0.50
CA TYR K 64 -4.61 -35.96 0.67
C TYR K 64 -5.99 -36.43 0.27
N LYS K 65 -6.67 -35.60 -0.53
CA LYS K 65 -8.02 -35.92 -0.93
C LYS K 65 -8.08 -37.20 -1.75
N VAL K 66 -7.19 -37.36 -2.72
CA VAL K 66 -7.20 -38.54 -3.58
C VAL K 66 -6.86 -39.80 -2.76
N ARG K 67 -5.89 -39.68 -1.86
CA ARG K 67 -5.49 -40.80 -1.01
C ARG K 67 -6.61 -41.25 -0.07
N TYR K 68 -7.26 -40.30 0.59
CA TYR K 68 -8.22 -40.63 1.66
C TYR K 68 -9.68 -40.70 1.24
N THR K 69 -10.00 -40.27 0.02
CA THR K 69 -11.37 -40.42 -0.49
C THR K 69 -11.73 -41.88 -0.73
N ASN K 70 -12.89 -42.30 -0.20
CA ASN K 70 -13.31 -43.71 -0.13
C ASN K 70 -12.16 -44.69 0.12
N SER K 71 -11.55 -44.53 1.30
CA SER K 71 -10.48 -45.39 1.77
C SER K 71 -10.88 -46.05 3.09
N SER K 72 -10.21 -47.17 3.40
CA SER K 72 -10.48 -47.92 4.63
C SER K 72 -9.68 -47.38 5.82
N THR K 73 -8.42 -47.05 5.59
CA THR K 73 -7.53 -46.56 6.65
C THR K 73 -8.05 -45.25 7.23
N GLU K 74 -7.80 -45.05 8.52
CA GLU K 74 -8.31 -43.90 9.27
C GLU K 74 -7.78 -42.59 8.70
N ILE K 75 -8.68 -41.64 8.55
CA ILE K 75 -8.37 -40.39 7.89
C ILE K 75 -7.81 -39.43 8.93
N PRO K 76 -6.60 -38.92 8.71
CA PRO K 76 -6.08 -37.88 9.60
C PRO K 76 -6.51 -36.48 9.18
N GLU K 77 -6.23 -35.52 10.06
CA GLU K 77 -6.59 -34.15 9.86
C GLU K 77 -5.69 -33.56 8.80
N PHE K 78 -6.27 -32.73 7.93
CA PHE K 78 -5.47 -31.92 7.04
C PHE K 78 -5.01 -30.69 7.80
N PRO K 79 -3.69 -30.53 7.95
CA PRO K 79 -3.16 -29.46 8.80
C PRO K 79 -3.05 -28.14 8.05
N ILE K 80 -3.35 -27.05 8.73
CA ILE K 80 -3.27 -25.72 8.12
C ILE K 80 -2.70 -24.78 9.18
N ALA K 81 -1.50 -24.25 8.95
CA ALA K 81 -0.89 -23.34 9.94
C ALA K 81 -1.67 -22.05 9.94
N PRO K 82 -1.85 -21.43 11.12
CA PRO K 82 -2.66 -20.20 11.22
C PRO K 82 -2.23 -19.09 10.24
N GLU K 83 -0.94 -18.99 9.96
CA GLU K 83 -0.39 -17.89 9.15
C GLU K 83 -0.78 -17.98 7.67
N ILE K 84 -1.16 -19.16 7.20
CA ILE K 84 -1.61 -19.30 5.83
C ILE K 84 -3.10 -19.52 5.68
N ALA K 85 -3.81 -19.68 6.80
CA ALA K 85 -5.24 -20.03 6.75
C ALA K 85 -6.10 -19.09 5.90
N LEU K 86 -5.82 -17.79 5.93
CA LEU K 86 -6.69 -16.84 5.25
C LEU K 86 -6.52 -16.89 3.73
N GLU K 87 -5.27 -16.88 3.31
CA GLU K 87 -4.96 -16.90 1.89
C GLU K 87 -5.37 -18.23 1.28
N LEU K 88 -5.23 -19.29 2.06
CA LEU K 88 -5.64 -20.61 1.60
C LEU K 88 -7.16 -20.67 1.42
N LEU K 89 -7.90 -20.00 2.29
CA LEU K 89 -9.36 -19.92 2.19
C LEU K 89 -9.80 -19.24 0.88
N MET K 90 -9.15 -18.13 0.54
CA MET K 90 -9.41 -17.43 -0.72
C MET K 90 -9.10 -18.34 -1.92
N ALA K 91 -7.98 -19.04 -1.86
CA ALA K 91 -7.62 -19.91 -2.95
C ALA K 91 -8.65 -21.04 -3.08
N ALA K 92 -9.02 -21.63 -1.95
CA ALA K 92 -9.96 -22.75 -1.96
C ALA K 92 -11.35 -22.34 -2.51
N ASN K 93 -11.75 -21.12 -2.22
CA ASN K 93 -12.99 -20.60 -2.79
C ASN K 93 -12.93 -20.52 -4.34
N PHE K 94 -11.85 -19.96 -4.85
CA PHE K 94 -11.66 -19.76 -6.27
C PHE K 94 -11.55 -21.10 -7.02
N LEU K 95 -10.82 -22.04 -6.41
CA LEU K 95 -10.55 -23.34 -7.06
C LEU K 95 -11.67 -24.38 -6.91
N ASP K 96 -12.74 -24.07 -6.17
CA ASP K 96 -13.85 -25.02 -5.98
C ASP K 96 -13.32 -26.40 -5.61
N CYS K 97 -12.53 -26.45 -4.55
CA CYS K 97 -12.03 -27.72 -4.04
C CYS K 97 -12.06 -27.77 -2.53
N VAL L 11 -40.07 -35.57 10.97
CA VAL L 11 -39.83 -36.77 10.11
C VAL L 11 -38.58 -37.53 10.57
N LEU L 12 -37.45 -36.84 10.70
CA LEU L 12 -36.24 -37.45 11.26
C LEU L 12 -36.36 -37.52 12.78
N ARG L 13 -36.74 -38.68 13.26
CA ARG L 13 -36.90 -38.90 14.68
C ARG L 13 -36.70 -40.36 15.01
N SER L 14 -36.41 -40.63 16.27
CA SER L 14 -36.29 -42.00 16.72
C SER L 14 -37.67 -42.63 16.81
N VAL L 15 -37.72 -43.92 16.53
CA VAL L 15 -38.94 -44.71 16.74
C VAL L 15 -38.88 -45.34 18.12
N ASN L 16 -39.99 -45.28 18.86
CA ASN L 16 -40.03 -45.79 20.22
C ASN L 16 -40.29 -47.29 20.22
N SER L 17 -39.26 -48.05 19.83
CA SER L 17 -39.36 -49.48 19.63
C SER L 17 -39.36 -50.22 20.96
N ARG L 18 -38.58 -49.71 21.91
CA ARG L 18 -38.37 -50.35 23.19
C ARG L 18 -37.59 -51.66 23.05
N GLU L 19 -36.98 -51.89 21.89
CA GLU L 19 -36.19 -53.10 21.65
C GLU L 19 -34.70 -52.81 21.79
N PRO L 20 -34.05 -53.36 22.84
CA PRO L 20 -32.65 -53.00 23.08
C PRO L 20 -31.72 -53.35 21.93
N SER L 21 -30.69 -52.53 21.76
CA SER L 21 -29.62 -52.76 20.80
C SER L 21 -28.34 -52.25 21.43
N GLN L 22 -27.37 -53.14 21.60
CA GLN L 22 -26.08 -52.77 22.18
C GLN L 22 -25.15 -52.31 21.07
N VAL L 23 -24.45 -51.21 21.32
CA VAL L 23 -23.65 -50.54 20.31
C VAL L 23 -22.29 -50.15 20.86
N ILE L 24 -21.26 -50.21 20.02
CA ILE L 24 -19.97 -49.57 20.33
C ILE L 24 -19.85 -48.25 19.55
N PHE L 25 -19.82 -47.14 20.26
CA PHE L 25 -19.43 -45.87 19.66
C PHE L 25 -17.91 -45.88 19.69
N CAS L 26 -17.27 -45.88 18.52
CA CAS L 26 -15.79 -45.97 18.40
CB CAS L 26 -15.46 -47.25 17.65
C CAS L 26 -15.32 -44.74 17.67
O CAS L 26 -15.61 -44.55 16.50
SG CAS L 26 -13.74 -47.41 17.23
AS CAS L 26 -12.80 -47.46 19.19
CE1 CAS L 26 -13.04 -49.26 19.91
CE2 CAS L 26 -10.85 -47.19 18.93
N ASN L 27 -14.58 -43.87 18.36
CA ASN L 27 -14.13 -42.62 17.78
C ASN L 27 -12.80 -42.83 17.06
N ARG L 28 -12.86 -43.02 15.75
CA ARG L 28 -11.65 -43.14 14.94
C ARG L 28 -11.38 -41.82 14.25
N SER L 29 -11.51 -40.72 14.99
CA SER L 29 -11.20 -39.39 14.50
C SER L 29 -10.28 -38.74 15.50
N PRO L 30 -9.68 -37.60 15.13
CA PRO L 30 -8.88 -36.86 16.08
C PRO L 30 -9.66 -35.78 16.84
N ARG L 31 -10.98 -35.74 16.68
CA ARG L 31 -11.84 -34.75 17.34
C ARG L 31 -12.43 -35.33 18.63
N VAL L 32 -12.77 -34.47 19.57
CA VAL L 32 -13.61 -34.84 20.70
C VAL L 32 -15.02 -34.97 20.11
N VAL L 33 -15.66 -36.12 20.27
CA VAL L 33 -16.94 -36.35 19.60
C VAL L 33 -18.13 -36.17 20.54
N LEU L 34 -19.13 -35.45 20.04
CA LEU L 34 -20.44 -35.35 20.69
C LEU L 34 -21.44 -36.25 19.97
N PRO L 35 -21.85 -37.35 20.59
CA PRO L 35 -22.95 -38.12 20.06
C PRO L 35 -24.27 -37.36 20.26
N VAL L 36 -25.12 -37.37 19.23
CA VAL L 36 -26.42 -36.69 19.27
C VAL L 36 -27.55 -37.65 18.95
N TRP L 37 -28.41 -37.92 19.93
CA TRP L 37 -29.59 -38.77 19.75
C TRP L 37 -30.78 -37.90 19.31
N LEU L 38 -31.47 -38.31 18.25
CA LEU L 38 -32.70 -37.64 17.87
C LEU L 38 -33.83 -38.24 18.66
N ASN L 39 -34.50 -37.43 19.47
CA ASN L 39 -35.50 -37.95 20.38
C ASN L 39 -36.82 -38.21 19.64
N PHE L 40 -37.85 -38.67 20.34
CA PHE L 40 -39.10 -39.09 19.70
C PHE L 40 -39.85 -37.98 18.97
N ASP L 41 -39.47 -36.73 19.25
CA ASP L 41 -39.98 -35.56 18.54
C ASP L 41 -39.05 -35.03 17.46
N GLY L 42 -37.88 -35.63 17.28
CA GLY L 42 -36.89 -35.12 16.31
C GLY L 42 -35.92 -34.08 16.88
N GLU L 43 -36.01 -33.82 18.18
CA GLU L 43 -35.13 -32.88 18.85
C GLU L 43 -33.76 -33.50 19.16
N PRO L 44 -32.67 -32.85 18.73
CA PRO L 44 -31.36 -33.39 19.03
C PRO L 44 -31.08 -33.37 20.53
N GLN L 45 -30.58 -34.48 21.07
CA GLN L 45 -30.28 -34.60 22.47
C GLN L 45 -28.79 -35.00 22.62
N PRO L 46 -27.97 -34.09 23.17
CA PRO L 46 -26.55 -34.40 23.33
C PRO L 46 -26.28 -35.45 24.41
N TYR L 47 -25.26 -36.27 24.18
CA TYR L 47 -24.86 -37.34 25.09
C TYR L 47 -23.39 -37.14 25.43
N PRO L 48 -22.87 -37.82 26.47
CA PRO L 48 -21.49 -37.56 26.88
C PRO L 48 -20.48 -37.66 25.74
N THR L 49 -19.43 -36.86 25.81
CA THR L 49 -18.46 -36.78 24.74
C THR L 49 -17.46 -37.92 24.79
N LEU L 50 -16.89 -38.25 23.63
CA LEU L 50 -15.84 -39.29 23.54
C LEU L 50 -14.54 -38.65 23.09
N PRO L 51 -13.47 -38.78 23.90
CA PRO L 51 -12.16 -38.28 23.46
C PRO L 51 -11.64 -39.02 22.23
N PRO L 52 -10.76 -38.38 21.45
CA PRO L 52 -10.14 -38.98 20.27
C PRO L 52 -9.63 -40.39 20.53
N GLY L 53 -9.90 -41.32 19.62
CA GLY L 53 -9.36 -42.68 19.74
C GLY L 53 -9.95 -43.59 20.81
N THR L 54 -11.03 -43.17 21.48
CA THR L 54 -11.65 -43.98 22.53
C THR L 54 -12.94 -44.61 22.04
N GLY L 55 -13.37 -45.65 22.73
CA GLY L 55 -14.61 -46.33 22.41
C GLY L 55 -15.42 -46.58 23.66
N ARG L 56 -16.73 -46.62 23.50
CA ARG L 56 -17.62 -46.93 24.61
C ARG L 56 -18.75 -47.83 24.14
N ARG L 57 -19.02 -48.87 24.94
CA ARG L 57 -20.14 -49.75 24.72
C ARG L 57 -21.34 -49.11 25.40
N ILE L 58 -22.39 -48.87 24.64
CA ILE L 58 -23.56 -48.12 25.13
C ILE L 58 -24.87 -48.83 24.85
N HIS L 59 -25.91 -48.48 25.60
CA HIS L 59 -27.24 -49.08 25.44
C HIS L 59 -28.17 -48.18 24.63
N SER L 60 -28.65 -48.68 23.49
CA SER L 60 -29.63 -47.96 22.68
C SER L 60 -30.76 -48.92 22.26
N TYR L 61 -31.46 -48.57 21.19
CA TYR L 61 -32.67 -49.29 20.83
C TYR L 61 -32.84 -49.30 19.32
N ARG L 62 -33.49 -50.33 18.82
CA ARG L 62 -33.73 -50.47 17.40
C ARG L 62 -34.54 -49.26 16.92
N GLY L 63 -34.17 -48.75 15.75
CA GLY L 63 -34.89 -47.65 15.14
C GLY L 63 -34.61 -46.28 15.73
N HIS L 64 -33.66 -46.19 16.66
CA HIS L 64 -33.23 -44.91 17.18
C HIS L 64 -32.21 -44.26 16.25
N LEU L 65 -32.22 -42.94 16.18
CA LEU L 65 -31.34 -42.22 15.26
C LEU L 65 -30.23 -41.45 15.98
N TRP L 66 -29.01 -41.57 15.47
CA TRP L 66 -27.85 -40.85 16.01
C TRP L 66 -27.08 -40.13 14.92
N LEU L 67 -26.42 -39.06 15.30
CA LEU L 67 -25.39 -38.49 14.50
C LEU L 67 -24.25 -38.01 15.40
N PHE L 68 -23.13 -37.61 14.78
CA PHE L 68 -21.93 -37.34 15.55
C PHE L 68 -21.25 -36.08 15.05
N ARG L 69 -20.83 -35.24 16.00
CA ARG L 69 -20.24 -33.93 15.73
C ARG L 69 -19.00 -33.72 16.57
N ASP L 70 -18.19 -32.75 16.16
CA ASP L 70 -17.12 -32.23 17.01
C ASP L 70 -17.81 -31.51 18.16
N ALA L 71 -17.45 -31.84 19.39
CA ALA L 71 -18.10 -31.28 20.55
C ALA L 71 -17.77 -29.82 20.81
N GLY L 72 -16.63 -29.35 20.30
CA GLY L 72 -16.24 -27.95 20.44
C GLY L 72 -16.84 -27.06 19.35
N THR L 73 -16.76 -27.50 18.09
CA THR L 73 -17.12 -26.66 16.96
C THR L 73 -18.40 -27.04 16.22
N HIS L 74 -18.91 -28.24 16.50
CA HIS L 74 -20.07 -28.81 15.82
C HIS L 74 -19.87 -29.22 14.36
N ASP L 75 -18.61 -29.30 13.93
CA ASP L 75 -18.29 -29.80 12.61
C ASP L 75 -18.89 -31.18 12.48
N GLY L 76 -19.43 -31.47 11.31
CA GLY L 76 -20.05 -32.76 11.01
C GLY L 76 -19.01 -33.84 10.89
N LEU L 77 -19.36 -35.02 11.40
CA LEU L 77 -18.52 -36.22 11.33
C LEU L 77 -19.31 -37.35 10.68
N LEU L 78 -18.59 -38.37 10.24
CA LEU L 78 -19.24 -39.52 9.63
C LEU L 78 -19.29 -40.66 10.61
N VAL L 79 -20.31 -41.49 10.45
CA VAL L 79 -20.47 -42.70 11.25
C VAL L 79 -20.79 -43.83 10.29
N ASN L 80 -19.98 -44.88 10.32
CA ASN L 80 -20.01 -45.92 9.29
C ASN L 80 -20.17 -45.32 7.88
N GLN L 81 -19.39 -44.27 7.61
CA GLN L 81 -19.30 -43.63 6.28
C GLN L 81 -20.52 -42.84 5.85
N THR L 82 -21.46 -42.59 6.74
CA THR L 82 -22.62 -41.81 6.36
C THR L 82 -23.05 -40.85 7.47
N GLU L 83 -24.18 -40.19 7.27
CA GLU L 83 -24.62 -39.12 8.16
C GLU L 83 -25.22 -39.65 9.45
N LEU L 84 -26.10 -40.62 9.31
CA LEU L 84 -26.94 -41.09 10.39
C LEU L 84 -26.64 -42.54 10.73
N PHE L 85 -26.76 -42.85 12.01
CA PHE L 85 -26.59 -44.20 12.51
C PHE L 85 -27.85 -44.69 13.21
N VAL L 86 -28.32 -45.88 12.83
CA VAL L 86 -29.54 -46.47 13.37
C VAL L 86 -29.19 -47.85 13.93
N PRO L 87 -29.23 -48.01 15.26
CA PRO L 87 -28.98 -49.33 15.83
C PRO L 87 -29.92 -50.39 15.29
N SER L 88 -29.37 -51.57 15.07
CA SER L 88 -30.11 -52.69 14.52
C SER L 88 -30.20 -53.83 15.55
N LEU L 89 -30.81 -54.94 15.15
CA LEU L 89 -30.87 -56.15 15.95
C LEU L 89 -29.48 -56.76 16.09
N ASN L 90 -29.12 -57.17 17.30
CA ASN L 90 -27.83 -57.81 17.58
C ASN L 90 -27.79 -59.26 17.11
N VAL L 91 -26.70 -59.66 16.45
CA VAL L 91 -26.66 -60.96 15.78
C VAL L 91 -26.42 -62.11 16.77
N ASP L 92 -25.28 -62.11 17.48
CA ASP L 92 -24.93 -63.22 18.37
C ASP L 92 -24.39 -62.68 19.69
N GLY L 93 -25.22 -61.88 20.36
CA GLY L 93 -24.78 -61.11 21.53
C GLY L 93 -23.63 -60.20 21.16
N GLN L 94 -23.58 -59.84 19.87
CA GLN L 94 -22.48 -59.09 19.29
C GLN L 94 -22.98 -57.66 19.12
N PRO L 95 -22.21 -56.67 19.60
CA PRO L 95 -22.66 -55.30 19.48
C PRO L 95 -22.49 -54.78 18.06
N ILE L 96 -23.26 -53.76 17.71
CA ILE L 96 -23.15 -53.07 16.43
C ILE L 96 -22.10 -51.97 16.58
N PHE L 97 -21.10 -51.97 15.71
CA PHE L 97 -20.08 -50.92 15.72
C PHE L 97 -20.55 -49.70 14.99
N ALA L 98 -20.41 -48.54 15.64
CA ALA L 98 -20.62 -47.24 15.03
C ALA L 98 -19.26 -46.59 14.96
N ASN L 99 -18.64 -46.65 13.79
CA ASN L 99 -17.28 -46.14 13.61
C ASN L 99 -17.36 -44.71 13.15
N ILE L 100 -16.93 -43.82 14.02
CA ILE L 100 -16.97 -42.38 13.78
C ILE L 100 -15.61 -41.93 13.25
N THR L 101 -15.64 -41.25 12.10
CA THR L 101 -14.42 -40.81 11.42
C THR L 101 -14.55 -39.37 10.96
N LEU L 102 -13.41 -38.71 10.73
CA LEU L 102 -13.42 -37.45 10.02
C LEU L 102 -13.86 -37.67 8.58
N PRO L 103 -14.70 -36.78 8.05
CA PRO L 103 -14.85 -36.72 6.60
C PRO L 103 -13.60 -36.16 5.95
N VAL L 104 -13.48 -36.36 4.66
CA VAL L 104 -12.57 -35.60 3.83
C VAL L 104 -13.26 -34.29 3.52
N TYR L 105 -13.03 -33.28 4.36
CA TYR L 105 -13.61 -31.98 4.12
C TYR L 105 -13.10 -31.39 2.82
N THR L 106 -13.89 -30.50 2.23
CA THR L 106 -13.42 -29.74 1.10
C THR L 106 -12.32 -28.84 1.67
N LEU L 107 -11.39 -28.44 0.83
CA LEU L 107 -10.34 -27.54 1.31
C LEU L 107 -10.97 -26.27 1.89
N LYS L 108 -11.96 -25.72 1.19
CA LYS L 108 -12.68 -24.53 1.66
C LYS L 108 -13.27 -24.71 3.06
N GLU L 109 -14.01 -25.81 3.27
CA GLU L 109 -14.59 -26.05 4.60
C GLU L 109 -13.53 -26.19 5.66
N ARG L 110 -12.45 -26.90 5.34
CA ARG L 110 -11.36 -27.03 6.29
C ARG L 110 -10.73 -25.67 6.66
N CYS L 111 -10.53 -24.80 5.68
CA CYS L 111 -10.02 -23.45 5.92
C CYS L 111 -11.02 -22.62 6.77
N LEU L 112 -12.31 -22.73 6.47
CA LEU L 112 -13.31 -22.03 7.30
C LEU L 112 -13.18 -22.47 8.75
N GLN L 113 -12.96 -23.80 8.96
CA GLN L 113 -12.79 -24.36 10.30
C GLN L 113 -11.64 -23.72 11.03
N VAL L 114 -10.51 -23.61 10.34
CA VAL L 114 -9.31 -23.07 10.95
C VAL L 114 -9.50 -21.58 11.20
N VAL L 115 -10.03 -20.86 10.21
CA VAL L 115 -10.24 -19.42 10.39
C VAL L 115 -11.22 -19.17 11.52
N ARG L 116 -12.33 -19.90 11.56
CA ARG L 116 -13.30 -19.77 12.67
C ARG L 116 -12.66 -19.96 14.02
N SER L 117 -11.67 -20.86 14.12
CA SER L 117 -11.00 -21.15 15.39
C SER L 117 -10.01 -20.04 15.79
N LEU L 118 -9.75 -19.09 14.89
CA LEU L 118 -8.80 -18.01 15.13
C LEU L 118 -9.42 -16.61 15.15
N VAL L 119 -10.58 -16.42 14.53
CA VAL L 119 -11.21 -15.11 14.39
C VAL L 119 -12.59 -15.10 15.04
N LYS L 120 -12.79 -14.19 15.99
CA LYS L 120 -14.04 -14.16 16.72
C LYS L 120 -15.13 -13.61 15.79
N PRO L 121 -16.38 -14.10 15.95
CA PRO L 121 -17.48 -13.75 15.04
C PRO L 121 -17.71 -12.25 14.82
N GLU L 122 -17.42 -11.46 15.86
CA GLU L 122 -17.48 -10.01 15.75
C GLU L 122 -16.47 -9.41 14.74
N ASN L 123 -15.54 -10.23 14.23
CA ASN L 123 -14.44 -9.77 13.37
C ASN L 123 -14.35 -10.40 11.96
N TYR L 124 -15.29 -11.29 11.60
CA TYR L 124 -15.29 -11.93 10.27
C TYR L 124 -15.37 -10.90 9.14
N ARG L 125 -16.25 -9.92 9.33
CA ARG L 125 -16.50 -8.88 8.33
C ARG L 125 -15.29 -7.94 8.21
N ARG L 126 -14.43 -7.94 9.22
CA ARG L 126 -13.19 -7.18 9.20
C ARG L 126 -12.09 -7.83 8.32
N LEU L 127 -12.27 -9.09 7.93
CA LEU L 127 -11.25 -9.82 7.13
C LEU L 127 -11.20 -9.33 5.69
N ASP L 128 -10.00 -9.08 5.18
CA ASP L 128 -9.87 -8.67 3.80
C ASP L 128 -10.11 -9.87 2.89
N ILE L 129 -11.39 -10.17 2.64
CA ILE L 129 -11.76 -11.21 1.70
C ILE L 129 -13.05 -10.90 0.95
N VAL L 130 -13.27 -11.68 -0.11
CA VAL L 130 -14.47 -11.67 -0.94
C VAL L 130 -15.72 -11.77 -0.04
N ARG L 131 -16.69 -10.87 -0.26
CA ARG L 131 -17.78 -10.69 0.71
C ARG L 131 -18.61 -11.95 0.94
N SER L 132 -18.80 -12.78 -0.09
CA SER L 132 -19.54 -14.06 0.03
C SER L 132 -18.93 -15.02 1.06
N LEU L 133 -17.61 -14.96 1.22
CA LEU L 133 -16.93 -15.74 2.26
C LEU L 133 -17.36 -15.36 3.69
N TYR L 134 -17.84 -14.13 3.89
CA TYR L 134 -18.34 -13.70 5.19
C TYR L 134 -19.54 -14.57 5.58
N GLU L 135 -20.54 -14.63 4.69
CA GLU L 135 -21.69 -15.54 4.87
C GLU L 135 -21.21 -16.98 5.12
N ASP L 136 -20.24 -17.46 4.34
CA ASP L 136 -19.73 -18.83 4.51
C ASP L 136 -19.23 -19.05 5.95
N LEU L 137 -18.47 -18.08 6.47
CA LEU L 137 -17.92 -18.16 7.84
C LEU L 137 -18.99 -18.16 8.90
N GLU L 138 -19.99 -17.28 8.75
CA GLU L 138 -21.06 -17.12 9.75
C GLU L 138 -22.01 -18.28 9.73
N ASP L 139 -22.05 -19.02 8.63
CA ASP L 139 -22.88 -20.21 8.54
C ASP L 139 -22.18 -21.35 9.28
N HIS L 140 -22.11 -21.22 10.61
CA HIS L 140 -21.50 -22.21 11.48
C HIS L 140 -22.16 -23.57 11.33
N PRO L 141 -21.37 -24.64 11.40
CA PRO L 141 -21.98 -25.97 11.44
C PRO L 141 -22.99 -26.05 12.59
N ASN L 142 -24.15 -26.64 12.30
CA ASN L 142 -25.33 -26.54 13.15
C ASN L 142 -26.14 -27.80 12.92
N VAL L 143 -26.38 -28.57 13.97
CA VAL L 143 -27.15 -29.81 13.85
C VAL L 143 -28.55 -29.52 13.30
N GLN L 144 -29.22 -28.49 13.81
CA GLN L 144 -30.59 -28.19 13.40
C GLN L 144 -30.64 -27.91 11.89
N LYS L 145 -29.72 -27.09 11.38
CA LYS L 145 -29.65 -26.83 9.93
C LYS L 145 -29.39 -28.09 9.10
N ASP L 146 -28.59 -29.03 9.62
CA ASP L 146 -28.32 -30.28 8.89
C ASP L 146 -29.53 -31.23 8.88
N LEU L 147 -30.30 -31.24 9.96
CA LEU L 147 -31.54 -31.99 9.99
C LEU L 147 -32.54 -31.45 8.97
N GLU L 148 -32.65 -30.13 8.89
CA GLU L 148 -33.48 -29.48 7.87
C GLU L 148 -33.04 -29.96 6.49
N ARG L 149 -31.73 -29.90 6.22
CA ARG L 149 -31.17 -30.33 4.94
C ARG L 149 -31.46 -31.80 4.64
N LEU L 150 -31.17 -32.67 5.59
CA LEU L 150 -31.39 -34.12 5.41
C LEU L 150 -32.86 -34.44 5.13
N THR L 151 -33.76 -33.80 5.88
CA THR L 151 -35.20 -33.95 5.68
C THR L 151 -35.66 -33.53 4.28
N GLN L 152 -35.09 -32.45 3.76
CA GLN L 152 -35.42 -31.98 2.41
C GLN L 152 -34.54 -32.68 1.36
N GLU L 153 -34.48 -34.01 1.42
CA GLU L 153 -33.64 -34.79 0.51
C GLU L 153 -34.16 -36.22 0.41
CAN 9BW M . -33.36 -14.89 -8.30
CAO 9BW M . -32.38 -16.01 -8.54
CBE 9BW M . -31.92 -14.77 -7.81
CAX 9BW M . -31.06 -13.76 -8.59
OAF 9BW M . -31.22 -13.60 -9.80
NAU 9BW M . -30.24 -13.04 -7.82
CBG 9BW M . -29.35 -11.98 -8.30
CBI 9BW M . -29.59 -10.67 -7.49
CAD 9BW M . -30.99 -10.12 -7.78
CAB 9BW M . -28.56 -9.59 -7.87
CAC 9BW M . -29.51 -10.88 -5.95
CAY 9BW M . -27.92 -12.56 -8.15
OAG 9BW M . -27.68 -13.26 -7.17
N 9BW M . -26.99 -12.31 -9.10
CD2 9BW M . -27.07 -11.53 -10.37
CG 9BW M . -25.96 -12.13 -11.25
OD1 9BW M . -26.40 -13.32 -11.92
CB 9BW M . -24.89 -12.48 -10.27
CA 9BW M . -25.61 -12.90 -8.98
C 9BW M . -24.85 -12.45 -7.88
O 9BW M . -24.97 -11.31 -7.46
NAT 9BW M . -23.95 -13.32 -7.38
CAP 9BW M . -23.02 -13.00 -6.29
CAZ 9BW M . -21.76 -12.51 -6.78
CAI 9BW M . -21.31 -12.76 -8.07
CAK 9BW M . -20.09 -12.28 -8.52
CAJ 9BW M . -20.95 -11.76 -5.95
CAL 9BW M . -19.70 -11.28 -6.40
CBB 9BW M . -19.25 -11.54 -7.71
CBC 9BW M . -18.05 -11.09 -8.15
SAV 9BW M . -17.75 -10.34 -9.65
CAM 9BW M . -16.12 -10.11 -9.40
NAS 9BW M . -15.82 -10.61 -8.20
CBA 9BW M . -16.86 -11.15 -7.52
CAA 9BW M . -16.65 -11.74 -6.12
CAN 9BW N . -25.04 21.19 19.49
CAO 9BW N . -23.92 20.21 19.27
CBE 9BW N . -23.66 21.48 20.08
CAX 9BW N . -22.80 22.56 19.39
OAF 9BW N . -22.88 22.76 18.19
NAU 9BW N . -22.01 23.25 20.22
CBG 9BW N . -21.10 24.33 19.77
CBI 9BW N . -21.39 25.62 20.60
CAD 9BW N . -22.79 26.15 20.27
CAB 9BW N . -20.39 26.74 20.29
CAC 9BW N . -21.36 25.37 22.10
CAY 9BW N . -19.66 23.81 19.95
OAG 9BW N . -19.33 23.19 20.96
N 9BW N . -18.78 24.04 18.97
CD2 9BW N . -18.91 24.71 17.64
CG 9BW N . -17.72 24.23 16.83
OD1 9BW N . -18.05 23.01 16.17
CB 9BW N . -16.64 23.99 17.86
CA 9BW N . -17.37 23.51 19.12
C 9BW N . -16.65 23.94 20.26
O 9BW N . -16.76 25.07 20.72
NAT 9BW N . -15.79 23.03 20.76
CAP 9BW N . -14.85 23.33 21.87
CAZ 9BW N . -13.58 23.84 21.39
CAI 9BW N . -13.11 23.62 20.08
CAK 9BW N . -11.87 24.14 19.65
CAJ 9BW N . -12.74 24.55 22.24
CAL 9BW N . -11.49 25.04 21.81
CBB 9BW N . -11.03 24.84 20.50
CBC 9BW N . -9.82 25.31 20.07
SAV 9BW N . -9.52 26.03 18.53
CAM 9BW N . -7.88 26.31 18.81
NAS 9BW N . -7.57 25.84 20.04
CBA 9BW N . -8.62 25.30 20.71
CAA 9BW N . -8.35 24.76 22.11
CAN 9BW O . -29.85 -10.42 54.02
CAO 9BW O . -28.81 -11.46 53.57
CBE 9BW O . -28.40 -10.28 54.42
CAX 9BW O . -27.61 -9.17 53.74
OAF 9BW O . -27.70 -8.98 52.52
NAU 9BW O . -26.90 -8.44 54.58
CBG 9BW O . -26.03 -7.32 54.19
CBI 9BW O . -26.31 -6.13 55.10
CAD 9BW O . -27.76 -5.65 54.88
CAB 9BW O . -25.36 -4.99 54.71
CAC 9BW O . -26.16 -6.46 56.61
CAY 9BW O . -24.56 -7.80 54.32
OAG 9BW O . -24.23 -8.45 55.31
N 9BW O . -23.67 -7.45 53.38
CD2 9BW O . -23.79 -6.72 52.09
CG 9BW O . -22.58 -7.12 51.25
OD1 9BW O . -22.89 -8.26 50.49
CB 9BW O . -21.52 -7.46 52.25
CA 9BW O . -22.26 -7.97 53.52
C 9BW O . -21.56 -7.54 54.65
O 9BW O . -21.81 -6.45 55.18
NAT 9BW O . -20.60 -8.38 55.06
CAP 9BW O . -19.67 -8.07 56.16
CAZ 9BW O . -18.44 -7.51 55.68
CAI 9BW O . -17.99 -7.69 54.37
CAK 9BW O . -16.78 -7.13 53.95
CAJ 9BW O . -17.62 -6.76 56.53
CAL 9BW O . -16.41 -6.22 56.12
CBB 9BW O . -15.96 -6.38 54.80
CBC 9BW O . -14.78 -5.87 54.34
SAV 9BW O . -14.56 -5.12 52.86
CAM 9BW O . -12.89 -4.81 53.06
NAS 9BW O . -12.54 -5.31 54.25
CBA 9BW O . -13.57 -5.87 54.95
CAA 9BW O . -13.29 -6.47 56.34
CAN 9BW P . -38.15 -46.76 26.30
CAO 9BW P . -37.29 -47.85 25.66
CBE 9BW P . -36.65 -46.76 26.50
CAX 9BW P . -35.89 -45.63 25.77
OAF 9BW P . -36.04 -45.46 24.56
NAU 9BW P . -35.14 -44.90 26.58
CBG 9BW P . -34.31 -43.78 26.14
CBI 9BW P . -34.59 -42.56 27.03
CAD 9BW P . -36.03 -42.09 26.80
CAB 9BW P . -33.66 -41.41 26.63
CAC 9BW P . -34.41 -42.86 28.54
CAY 9BW P . -32.86 -44.28 26.27
OAG 9BW P . -32.55 -44.99 27.20
N 9BW P . -31.98 -43.98 25.30
CD2 9BW P . -32.13 -43.20 24.04
CG 9BW P . -30.97 -43.65 23.17
OD1 9BW P . -31.37 -44.81 22.43
CB 9BW P . -29.86 -44.01 24.14
CA 9BW P . -30.55 -44.53 25.40
C 9BW P . -29.83 -44.11 26.52
O 9BW P . -30.05 -43.04 27.06
NAT 9BW P . -28.83 -44.94 26.92
CAP 9BW P . -27.92 -44.61 28.04
CAZ 9BW P . -26.68 -44.09 27.54
CAI 9BW P . -26.27 -44.21 26.21
CAK 9BW P . -25.05 -43.66 25.77
CAJ 9BW P . -25.82 -43.41 28.41
CAL 9BW P . -24.61 -42.87 27.98
CBB 9BW P . -24.18 -42.98 26.65
CBC 9BW P . -23.00 -42.48 26.19
SAV 9BW P . -22.72 -41.79 24.67
CAM 9BW P . -21.13 -41.46 24.90
NAS 9BW P . -20.78 -41.88 26.11
CBA 9BW P . -21.80 -42.43 26.82
CAA 9BW P . -21.51 -42.95 28.23
#